data_2IM5
#
_entry.id   2IM5
#
_cell.length_a   88.873
_cell.length_b   101.131
_cell.length_c   191.051
_cell.angle_alpha   90.00
_cell.angle_beta   90.00
_cell.angle_gamma   90.00
#
_symmetry.space_group_name_H-M   'P 21 21 21'
#
loop_
_entity.id
_entity.type
_entity.pdbx_description
1 polymer 'Nicotinate phosphoribosyltransferase'
2 water water
#
_entity_poly.entity_id   1
_entity_poly.type   'polypeptide(L)'
_entity_poly.pdbx_seq_one_letter_code
;MGIIRSILDTDLYKFTTGYAYAKLFPRAYGEFRFIDRNRQGFTEEFAELVRGEIRAMAALSLTRDEKEFLQRELPYLPPI
YIDFLDGFRFDPEEVTVSIDAQGHLDIRAQGLLYRVTLWETPILAVISELYYRFIGAEPDWKQVEEVTRSKGELMREHRA
TFSIFGMRRRFSLEVEDRVTDILKQYAGESLFGTSNVHLAHKHGLRVSGTHPHEWIQFHGAIYGYKMANYVAMEDWINVY
DGDLGTVLTDTYTTDVFMRNFSKKHAMLFTSLRHDSGDPEIFIEKAVRRYEELRVDPKIKYIIFSDSLTPQRAIEIQKLC
AGRIKASFGIGTNLTNDVGGGVEPLNIVMKLWKCKMTAKDDWHYCVKLSDVDGKHTGEPEEILLAMNTLGIKPK
;
_entity_poly.pdbx_strand_id   A,B,C,D
#
# COMPACT_ATOMS: atom_id res chain seq x y z
N ILE A 3 -3.81 2.53 45.07
CA ILE A 3 -2.57 3.28 44.67
C ILE A 3 -2.74 4.03 43.34
N ILE A 4 -3.29 3.35 42.33
CA ILE A 4 -3.51 4.01 41.04
C ILE A 4 -4.89 4.66 41.10
N ARG A 5 -4.92 5.99 41.05
CA ARG A 5 -6.18 6.72 41.13
C ARG A 5 -6.71 7.27 39.81
N SER A 6 -5.82 7.41 38.82
CA SER A 6 -6.23 7.93 37.53
C SER A 6 -5.93 6.97 36.38
N ILE A 7 -6.86 6.89 35.44
CA ILE A 7 -6.65 6.02 34.31
C ILE A 7 -5.55 6.61 33.41
N LEU A 8 -5.19 7.87 33.66
CA LEU A 8 -4.14 8.55 32.91
C LEU A 8 -2.79 8.44 33.60
N ASP A 9 -2.76 7.81 34.78
CA ASP A 9 -1.52 7.65 35.51
C ASP A 9 -0.77 6.47 34.88
N THR A 10 -0.16 6.74 33.73
CA THR A 10 0.57 5.75 32.97
C THR A 10 1.44 6.52 31.96
N ASP A 11 2.25 5.79 31.20
CA ASP A 11 3.12 6.43 30.22
C ASP A 11 2.40 6.71 28.90
N LEU A 12 2.79 7.80 28.26
CA LEU A 12 2.21 8.18 26.98
C LEU A 12 2.26 7.05 25.95
N TYR A 13 3.41 6.39 25.87
CA TYR A 13 3.56 5.34 24.88
C TYR A 13 2.57 4.19 25.00
N LYS A 14 1.99 4.01 26.18
CA LYS A 14 1.00 2.95 26.37
C LYS A 14 -0.24 3.27 25.54
N PHE A 15 -0.61 4.56 25.49
CA PHE A 15 -1.77 4.97 24.71
C PHE A 15 -1.48 5.04 23.21
N THR A 16 -0.32 5.58 22.83
CA THR A 16 0.02 5.68 21.42
C THR A 16 0.21 4.31 20.79
N THR A 17 0.83 3.40 21.53
CA THR A 17 1.03 2.05 21.01
C THR A 17 -0.29 1.30 21.12
N GLY A 18 -1.05 1.62 22.16
CA GLY A 18 -2.34 0.97 22.35
C GLY A 18 -3.27 1.26 21.19
N TYR A 19 -3.27 2.50 20.70
CA TYR A 19 -4.12 2.85 19.56
C TYR A 19 -3.57 2.22 18.30
N ALA A 20 -2.25 2.20 18.17
CA ALA A 20 -1.64 1.58 16.99
C ALA A 20 -2.09 0.11 16.90
N TYR A 21 -2.11 -0.60 18.04
CA TYR A 21 -2.55 -2.00 18.03
C TYR A 21 -4.05 -2.07 17.71
N ALA A 22 -4.83 -1.19 18.34
CA ALA A 22 -6.28 -1.16 18.15
C ALA A 22 -6.66 -0.92 16.70
N LYS A 23 -5.87 -0.12 16.00
CA LYS A 23 -6.17 0.18 14.61
C LYS A 23 -5.72 -0.90 13.64
N LEU A 24 -4.44 -1.26 13.73
CA LEU A 24 -3.87 -2.25 12.82
C LEU A 24 -3.87 -3.71 13.24
N PHE A 25 -3.88 -3.99 14.55
CA PHE A 25 -3.85 -5.38 15.03
C PHE A 25 -4.86 -5.64 16.14
N PRO A 26 -6.14 -5.28 15.91
CA PRO A 26 -7.18 -5.47 16.92
C PRO A 26 -7.48 -6.92 17.33
N ARG A 27 -6.96 -7.88 16.58
CA ARG A 27 -7.18 -9.29 16.90
C ARG A 27 -5.97 -9.94 17.55
N ALA A 28 -4.87 -9.19 17.62
CA ALA A 28 -3.64 -9.73 18.19
C ALA A 28 -3.74 -10.00 19.68
N TYR A 29 -2.99 -11.00 20.13
CA TYR A 29 -2.91 -11.37 21.54
C TYR A 29 -1.46 -11.24 21.97
N GLY A 30 -1.25 -11.02 23.26
CA GLY A 30 0.10 -10.91 23.75
C GLY A 30 0.17 -11.32 25.21
N GLU A 31 1.36 -11.70 25.66
CA GLU A 31 1.57 -12.05 27.04
C GLU A 31 2.75 -11.25 27.56
N PHE A 32 2.52 -10.45 28.60
CA PHE A 32 3.56 -9.67 29.21
C PHE A 32 4.03 -10.41 30.46
N ARG A 33 5.33 -10.43 30.69
CA ARG A 33 5.86 -11.10 31.86
C ARG A 33 6.70 -10.18 32.72
N PHE A 34 6.41 -10.16 34.02
CA PHE A 34 7.14 -9.36 34.98
C PHE A 34 8.47 -10.04 35.23
N ILE A 35 9.54 -9.27 35.35
CA ILE A 35 10.86 -9.83 35.61
C ILE A 35 11.59 -8.99 36.65
N ASP A 36 11.91 -9.61 37.78
CA ASP A 36 12.68 -8.90 38.81
C ASP A 36 14.12 -9.34 38.53
N ARG A 37 14.87 -8.47 37.87
CA ARG A 37 16.23 -8.79 37.50
C ARG A 37 17.22 -8.92 38.65
N ASN A 38 16.75 -8.68 39.87
CA ASN A 38 17.59 -8.82 41.04
C ASN A 38 17.20 -10.09 41.79
N ARG A 39 16.21 -10.81 41.25
CA ARG A 39 15.73 -12.04 41.85
C ARG A 39 15.51 -11.96 43.36
N GLN A 40 14.86 -10.90 43.80
CA GLN A 40 14.57 -10.72 45.22
C GLN A 40 13.52 -11.72 45.65
N GLY A 41 13.56 -12.12 46.91
CA GLY A 41 12.59 -13.07 47.41
C GLY A 41 11.32 -12.32 47.79
N PHE A 42 10.17 -12.88 47.42
CA PHE A 42 8.89 -12.26 47.73
C PHE A 42 7.98 -13.26 48.42
N THR A 43 7.13 -12.75 49.30
CA THR A 43 6.22 -13.59 50.06
C THR A 43 4.82 -13.56 49.47
N GLU A 44 4.03 -14.57 49.82
CA GLU A 44 2.66 -14.67 49.34
C GLU A 44 1.80 -13.52 49.81
N GLU A 45 2.13 -12.94 50.97
CA GLU A 45 1.31 -11.84 51.45
C GLU A 45 1.55 -10.60 50.59
N PHE A 46 2.77 -10.43 50.09
CA PHE A 46 3.07 -9.30 49.21
C PHE A 46 2.31 -9.54 47.90
N ALA A 47 2.37 -10.78 47.41
CA ALA A 47 1.69 -11.14 46.18
C ALA A 47 0.21 -10.80 46.32
N GLU A 48 -0.33 -11.06 47.51
CA GLU A 48 -1.74 -10.78 47.75
C GLU A 48 -2.00 -9.26 47.73
N LEU A 49 -1.03 -8.49 48.21
CA LEU A 49 -1.18 -7.04 48.19
C LEU A 49 -1.24 -6.57 46.74
N VAL A 50 -0.43 -7.19 45.89
CA VAL A 50 -0.39 -6.85 44.48
C VAL A 50 -1.72 -7.18 43.83
N ARG A 51 -2.23 -8.38 44.10
CA ARG A 51 -3.50 -8.79 43.54
C ARG A 51 -4.62 -7.82 43.94
N GLY A 52 -4.56 -7.34 45.17
CA GLY A 52 -5.57 -6.39 45.63
C GLY A 52 -5.53 -5.09 44.87
N GLU A 53 -4.32 -4.60 44.60
CA GLU A 53 -4.15 -3.36 43.85
C GLU A 53 -4.62 -3.56 42.41
N ILE A 54 -4.32 -4.72 41.84
CA ILE A 54 -4.73 -4.99 40.48
C ILE A 54 -6.24 -5.03 40.40
N ARG A 55 -6.89 -5.63 41.40
CA ARG A 55 -8.35 -5.70 41.40
C ARG A 55 -8.94 -4.29 41.59
N ALA A 56 -8.28 -3.48 42.40
CA ALA A 56 -8.76 -2.12 42.65
C ALA A 56 -8.80 -1.30 41.36
N MET A 57 -7.88 -1.57 40.44
CA MET A 57 -7.81 -0.84 39.18
C MET A 57 -9.05 -0.97 38.30
N ALA A 58 -9.86 -1.99 38.56
CA ALA A 58 -11.08 -2.20 37.78
C ALA A 58 -12.08 -1.07 37.98
N ALA A 59 -11.88 -0.27 39.02
CA ALA A 59 -12.78 0.84 39.31
C ALA A 59 -12.39 2.14 38.58
N LEU A 60 -11.20 2.16 37.98
CA LEU A 60 -10.75 3.35 37.27
C LEU A 60 -11.59 3.66 36.03
N SER A 61 -11.83 4.94 35.78
CA SER A 61 -12.57 5.35 34.60
C SER A 61 -12.19 6.79 34.26
N LEU A 62 -12.14 7.07 32.97
CA LEU A 62 -11.76 8.39 32.47
C LEU A 62 -12.76 9.43 32.96
N THR A 63 -12.26 10.52 33.55
CA THR A 63 -13.15 11.57 34.01
C THR A 63 -13.45 12.50 32.83
N ARG A 64 -14.40 13.40 33.02
CA ARG A 64 -14.75 14.35 31.97
C ARG A 64 -13.58 15.29 31.67
N ASP A 65 -12.91 15.77 32.72
CA ASP A 65 -11.78 16.66 32.52
C ASP A 65 -10.62 15.96 31.81
N GLU A 66 -10.40 14.69 32.15
CA GLU A 66 -9.32 13.94 31.52
C GLU A 66 -9.62 13.74 30.04
N LYS A 67 -10.88 13.47 29.73
CA LYS A 67 -11.27 13.28 28.34
C LYS A 67 -11.01 14.56 27.54
N GLU A 68 -11.38 15.71 28.11
CA GLU A 68 -11.17 17.00 27.45
C GLU A 68 -9.69 17.26 27.28
N PHE A 69 -8.90 16.85 28.28
CA PHE A 69 -7.45 17.02 28.21
C PHE A 69 -6.89 16.21 27.05
N LEU A 70 -7.31 14.95 26.93
CA LEU A 70 -6.83 14.09 25.86
C LEU A 70 -7.17 14.68 24.49
N GLN A 71 -8.38 15.22 24.37
CA GLN A 71 -8.81 15.80 23.11
C GLN A 71 -7.98 17.04 22.75
N ARG A 72 -7.62 17.82 23.77
CA ARG A 72 -6.84 19.03 23.52
C ARG A 72 -5.34 18.84 23.43
N GLU A 73 -4.78 18.01 24.30
CA GLU A 73 -3.35 17.80 24.33
C GLU A 73 -2.77 16.60 23.61
N LEU A 74 -3.59 15.60 23.32
CA LEU A 74 -3.10 14.42 22.61
C LEU A 74 -3.97 14.19 21.37
N PRO A 75 -4.04 15.20 20.49
CA PRO A 75 -4.83 15.13 19.26
C PRO A 75 -4.47 14.02 18.30
N TYR A 76 -3.25 13.50 18.39
CA TYR A 76 -2.87 12.39 17.49
C TYR A 76 -3.66 11.12 17.86
N LEU A 77 -4.34 11.13 19.01
CA LEU A 77 -5.17 9.99 19.39
C LEU A 77 -6.55 10.39 18.84
N PRO A 78 -7.06 9.65 17.84
CA PRO A 78 -8.35 9.92 17.22
C PRO A 78 -9.54 9.78 18.16
N PRO A 79 -10.68 10.37 17.80
CA PRO A 79 -11.90 10.32 18.60
C PRO A 79 -12.33 8.89 18.94
N ILE A 80 -12.14 7.97 18.00
CA ILE A 80 -12.53 6.59 18.23
C ILE A 80 -11.75 6.00 19.41
N TYR A 81 -10.48 6.37 19.55
CA TYR A 81 -9.68 5.84 20.65
C TYR A 81 -10.08 6.49 21.96
N ILE A 82 -10.46 7.76 21.89
CA ILE A 82 -10.90 8.47 23.09
C ILE A 82 -12.19 7.84 23.59
N ASP A 83 -13.06 7.43 22.66
CA ASP A 83 -14.31 6.78 23.03
C ASP A 83 -13.98 5.43 23.68
N PHE A 84 -12.97 4.75 23.14
CA PHE A 84 -12.56 3.46 23.70
C PHE A 84 -12.08 3.65 25.13
N LEU A 85 -11.20 4.62 25.34
CA LEU A 85 -10.67 4.88 26.67
C LEU A 85 -11.77 5.32 27.62
N ASP A 86 -12.72 6.11 27.10
CA ASP A 86 -13.81 6.60 27.92
C ASP A 86 -14.67 5.47 28.47
N GLY A 87 -14.83 4.39 27.70
CA GLY A 87 -15.62 3.27 28.16
C GLY A 87 -14.78 2.10 28.65
N PHE A 88 -13.46 2.27 28.64
CA PHE A 88 -12.54 1.21 29.04
C PHE A 88 -12.52 0.91 30.53
N ARG A 89 -12.40 -0.37 30.86
CA ARG A 89 -12.30 -0.82 32.23
C ARG A 89 -11.28 -1.93 32.30
N PHE A 90 -10.32 -1.80 33.20
CA PHE A 90 -9.29 -2.83 33.36
C PHE A 90 -9.98 -4.15 33.78
N ASP A 91 -9.52 -5.26 33.22
CA ASP A 91 -10.08 -6.56 33.56
C ASP A 91 -9.02 -7.37 34.29
N PRO A 92 -9.12 -7.43 35.63
CA PRO A 92 -8.18 -8.15 36.50
C PRO A 92 -7.92 -9.60 36.14
N GLU A 93 -8.88 -10.28 35.53
CA GLU A 93 -8.63 -11.68 35.21
C GLU A 93 -7.63 -11.92 34.08
N GLU A 94 -7.18 -10.85 33.42
CA GLU A 94 -6.19 -11.00 32.36
C GLU A 94 -4.81 -11.13 33.03
N VAL A 95 -4.77 -10.82 34.32
CA VAL A 95 -3.53 -10.83 35.09
C VAL A 95 -3.44 -11.95 36.13
N THR A 96 -2.30 -12.65 36.16
CA THR A 96 -2.08 -13.72 37.13
C THR A 96 -0.83 -13.45 37.93
N VAL A 97 -0.99 -13.36 39.25
CA VAL A 97 0.13 -13.08 40.14
C VAL A 97 0.43 -14.32 40.99
N SER A 98 1.71 -14.60 41.17
CA SER A 98 2.11 -15.74 41.98
C SER A 98 3.58 -15.69 42.34
N ILE A 99 3.97 -16.54 43.28
CA ILE A 99 5.36 -16.66 43.70
C ILE A 99 5.80 -17.95 43.02
N ASP A 100 6.83 -17.89 42.18
CA ASP A 100 7.28 -19.09 41.48
C ASP A 100 7.99 -20.08 42.37
N ALA A 101 8.43 -21.18 41.77
CA ALA A 101 9.13 -22.25 42.47
C ALA A 101 10.38 -21.74 43.20
N GLN A 102 11.02 -20.73 42.64
CA GLN A 102 12.23 -20.17 43.25
C GLN A 102 11.93 -19.10 44.29
N GLY A 103 10.66 -18.88 44.59
CA GLY A 103 10.30 -17.87 45.58
C GLY A 103 10.32 -16.45 45.03
N HIS A 104 10.29 -16.33 43.71
CA HIS A 104 10.33 -15.02 43.07
C HIS A 104 8.93 -14.57 42.63
N LEU A 105 8.74 -13.27 42.58
CA LEU A 105 7.45 -12.71 42.17
C LEU A 105 7.26 -12.90 40.67
N ASP A 106 6.15 -13.54 40.30
CA ASP A 106 5.83 -13.80 38.89
C ASP A 106 4.48 -13.18 38.55
N ILE A 107 4.46 -12.35 37.49
CA ILE A 107 3.22 -11.72 37.07
C ILE A 107 3.07 -11.76 35.56
N ARG A 108 1.89 -12.19 35.11
CA ARG A 108 1.65 -12.28 33.67
C ARG A 108 0.30 -11.71 33.30
N ALA A 109 0.31 -10.85 32.28
CA ALA A 109 -0.91 -10.23 31.76
C ALA A 109 -1.05 -10.79 30.36
N GLN A 110 -2.12 -11.54 30.11
CA GLN A 110 -2.33 -12.12 28.80
C GLN A 110 -3.74 -11.83 28.30
N GLY A 111 -3.85 -11.56 27.02
CA GLY A 111 -5.13 -11.24 26.41
C GLY A 111 -4.92 -10.45 25.13
N LEU A 112 -5.94 -9.76 24.66
CA LEU A 112 -5.82 -8.96 23.45
C LEU A 112 -4.72 -7.93 23.69
N LEU A 113 -3.80 -7.83 22.75
CA LEU A 113 -2.66 -6.93 22.88
C LEU A 113 -3.02 -5.46 23.12
N TYR A 114 -4.00 -4.93 22.40
CA TYR A 114 -4.35 -3.53 22.60
C TYR A 114 -4.86 -3.29 24.01
N ARG A 115 -5.37 -4.35 24.65
CA ARG A 115 -5.85 -4.23 26.01
C ARG A 115 -4.75 -4.43 27.05
N VAL A 116 -4.08 -5.58 27.01
CA VAL A 116 -3.05 -5.88 28.01
C VAL A 116 -1.78 -5.03 28.00
N THR A 117 -1.51 -4.34 26.91
CA THR A 117 -0.32 -3.51 26.88
C THR A 117 -0.47 -2.39 27.94
N LEU A 118 -1.71 -2.01 28.22
CA LEU A 118 -1.99 -0.95 29.20
C LEU A 118 -1.65 -1.31 30.66
N TRP A 119 -1.47 -2.60 30.95
CA TRP A 119 -1.15 -3.05 32.30
C TRP A 119 0.28 -2.76 32.74
N GLU A 120 1.23 -2.83 31.81
CA GLU A 120 2.65 -2.65 32.12
C GLU A 120 3.08 -1.57 33.13
N THR A 121 2.94 -0.31 32.73
CA THR A 121 3.35 0.79 33.59
C THR A 121 2.65 0.85 34.95
N PRO A 122 1.31 0.75 34.98
CA PRO A 122 0.60 0.79 36.25
C PRO A 122 1.06 -0.32 37.20
N ILE A 123 1.17 -1.54 36.69
CA ILE A 123 1.60 -2.66 37.52
C ILE A 123 3.00 -2.47 38.10
N LEU A 124 3.93 -1.98 37.28
CA LEU A 124 5.28 -1.75 37.78
C LEU A 124 5.29 -0.64 38.83
N ALA A 125 4.53 0.42 38.59
CA ALA A 125 4.46 1.53 39.53
C ALA A 125 3.83 1.06 40.84
N VAL A 126 2.85 0.18 40.73
CA VAL A 126 2.17 -0.36 41.91
C VAL A 126 3.12 -1.23 42.71
N ILE A 127 3.85 -2.11 42.04
CA ILE A 127 4.80 -2.98 42.72
C ILE A 127 5.86 -2.16 43.43
N SER A 128 6.37 -1.14 42.74
CA SER A 128 7.40 -0.30 43.31
C SER A 128 6.90 0.42 44.56
N GLU A 129 5.75 1.09 44.47
CA GLU A 129 5.21 1.80 45.62
C GLU A 129 4.87 0.85 46.78
N LEU A 130 4.23 -0.28 46.46
CA LEU A 130 3.88 -1.27 47.48
C LEU A 130 5.12 -1.77 48.19
N TYR A 131 6.17 -2.00 47.42
CA TYR A 131 7.43 -2.50 47.97
C TYR A 131 8.01 -1.63 49.06
N TYR A 132 8.20 -0.35 48.77
CA TYR A 132 8.76 0.57 49.76
C TYR A 132 7.87 0.68 50.98
N ARG A 133 6.56 0.66 50.78
CA ARG A 133 5.63 0.72 51.91
C ARG A 133 5.86 -0.54 52.75
N PHE A 134 5.92 -1.68 52.06
CA PHE A 134 6.09 -2.97 52.70
C PHE A 134 7.32 -3.05 53.59
N ILE A 135 8.45 -2.53 53.12
CA ILE A 135 9.68 -2.59 53.91
C ILE A 135 9.83 -1.37 54.82
N GLY A 136 8.75 -0.60 54.93
CA GLY A 136 8.76 0.58 55.77
C GLY A 136 9.66 1.73 55.37
N ALA A 137 10.07 1.80 54.11
CA ALA A 137 10.93 2.89 53.66
C ALA A 137 10.11 4.17 53.48
N GLU A 138 10.72 5.30 53.79
CA GLU A 138 10.06 6.60 53.65
C GLU A 138 11.03 7.56 52.99
N PRO A 139 10.50 8.51 52.20
CA PRO A 139 11.38 9.47 51.53
C PRO A 139 11.83 10.61 52.46
N ASP A 140 13.03 11.11 52.22
CA ASP A 140 13.54 12.23 52.98
C ASP A 140 13.10 13.45 52.16
N TRP A 141 11.90 13.94 52.45
CA TRP A 141 11.37 15.06 51.71
C TRP A 141 12.28 16.27 51.62
N LYS A 142 13.11 16.47 52.63
CA LYS A 142 14.03 17.60 52.62
C LYS A 142 14.99 17.42 51.46
N GLN A 143 15.48 16.20 51.29
CA GLN A 143 16.40 15.91 50.21
C GLN A 143 15.69 15.97 48.85
N VAL A 144 14.49 15.44 48.79
CA VAL A 144 13.72 15.46 47.55
C VAL A 144 13.58 16.92 47.10
N GLU A 145 13.13 17.78 48.01
CA GLU A 145 12.96 19.19 47.70
C GLU A 145 14.26 19.81 47.18
N GLU A 146 15.33 19.61 47.95
CA GLU A 146 16.65 20.16 47.62
C GLU A 146 17.36 19.66 46.36
N VAL A 147 17.51 18.34 46.22
CA VAL A 147 18.19 17.82 45.04
C VAL A 147 17.42 18.05 43.75
N THR A 148 16.09 18.00 43.82
CA THR A 148 15.27 18.19 42.63
C THR A 148 15.42 19.64 42.16
N ARG A 149 15.44 20.57 43.10
CA ARG A 149 15.60 21.97 42.74
C ARG A 149 16.97 22.16 42.08
N SER A 150 18.01 21.56 42.66
CA SER A 150 19.35 21.69 42.12
C SER A 150 19.41 21.14 40.71
N LYS A 151 18.82 19.96 40.51
CA LYS A 151 18.81 19.35 39.20
C LYS A 151 18.11 20.24 38.18
N GLY A 152 16.95 20.77 38.56
CA GLY A 152 16.22 21.65 37.67
C GLY A 152 17.02 22.87 37.27
N GLU A 153 17.64 23.53 38.25
CA GLU A 153 18.44 24.72 37.97
C GLU A 153 19.62 24.39 37.07
N LEU A 154 20.22 23.22 37.29
CA LEU A 154 21.36 22.80 36.48
C LEU A 154 20.95 22.62 35.01
N MET A 155 19.86 21.88 34.79
CA MET A 155 19.39 21.64 33.42
C MET A 155 19.03 22.98 32.76
N ARG A 156 18.42 23.87 33.53
CA ARG A 156 18.02 25.19 33.02
C ARG A 156 19.26 25.96 32.58
N GLU A 157 20.25 26.01 33.46
CA GLU A 157 21.50 26.72 33.20
C GLU A 157 22.18 26.23 31.93
N HIS A 158 22.28 24.92 31.76
CA HIS A 158 22.92 24.36 30.58
C HIS A 158 21.97 24.20 29.39
N ARG A 159 20.72 24.65 29.55
CA ARG A 159 19.74 24.55 28.47
C ARG A 159 19.66 23.12 27.93
N ALA A 160 19.59 22.16 28.85
CA ALA A 160 19.51 20.76 28.47
C ALA A 160 18.05 20.34 28.41
N THR A 161 17.50 20.26 27.19
CA THR A 161 16.11 19.85 26.99
C THR A 161 15.90 18.43 27.51
N PHE A 162 15.00 18.26 28.46
CA PHE A 162 14.76 16.94 29.02
C PHE A 162 13.30 16.68 29.34
N SER A 163 12.94 15.41 29.47
CA SER A 163 11.60 14.98 29.80
C SER A 163 11.68 14.01 30.96
N ILE A 164 10.61 13.93 31.75
CA ILE A 164 10.55 13.04 32.90
C ILE A 164 9.98 11.68 32.46
N PHE A 165 10.82 10.65 32.50
CA PHE A 165 10.46 9.28 32.11
C PHE A 165 10.64 8.30 33.27
N GLY A 166 10.31 8.68 34.51
CA GLY A 166 10.56 7.73 35.59
C GLY A 166 9.38 7.09 36.32
N MET A 167 8.22 7.03 35.67
CA MET A 167 7.05 6.46 36.31
C MET A 167 7.15 5.01 36.79
N ARG A 168 7.54 4.12 35.90
CA ARG A 168 7.63 2.71 36.24
C ARG A 168 8.43 2.35 37.50
N ARG A 169 9.46 3.12 37.80
CA ARG A 169 10.27 2.83 38.99
C ARG A 169 10.25 3.92 40.05
N ARG A 170 9.25 4.79 39.99
CA ARG A 170 9.13 5.88 40.96
C ARG A 170 9.00 5.30 42.38
N PHE A 171 9.42 6.07 43.37
CA PHE A 171 9.31 5.64 44.76
C PHE A 171 7.83 5.54 45.09
N SER A 172 7.07 6.53 44.62
CA SER A 172 5.63 6.60 44.83
C SER A 172 5.03 7.67 43.93
N LEU A 173 3.71 7.67 43.79
CA LEU A 173 3.02 8.65 42.97
C LEU A 173 3.30 10.02 43.59
N GLU A 174 3.22 10.08 44.91
CA GLU A 174 3.45 11.30 45.66
C GLU A 174 4.82 11.89 45.37
N VAL A 175 5.84 11.05 45.34
CA VAL A 175 7.19 11.53 45.05
C VAL A 175 7.29 12.04 43.59
N GLU A 176 6.77 11.28 42.62
CA GLU A 176 6.84 11.72 41.24
C GLU A 176 6.05 13.02 41.06
N ASP A 177 4.92 13.11 41.74
CA ASP A 177 4.06 14.29 41.66
C ASP A 177 4.82 15.55 42.13
N ARG A 178 5.40 15.47 43.33
CA ARG A 178 6.13 16.60 43.89
C ARG A 178 7.37 16.94 43.08
N VAL A 179 8.10 15.92 42.64
CA VAL A 179 9.31 16.13 41.84
C VAL A 179 8.98 16.85 40.55
N THR A 180 7.86 16.47 39.93
CA THR A 180 7.42 17.10 38.69
C THR A 180 7.09 18.56 38.96
N ASP A 181 6.42 18.81 40.08
CA ASP A 181 6.05 20.17 40.47
C ASP A 181 7.28 21.05 40.66
N ILE A 182 8.28 20.51 41.35
CA ILE A 182 9.51 21.24 41.59
C ILE A 182 10.28 21.53 40.30
N LEU A 183 10.41 20.51 39.45
CA LEU A 183 11.13 20.69 38.20
C LEU A 183 10.46 21.74 37.33
N LYS A 184 9.14 21.72 37.29
CA LYS A 184 8.39 22.68 36.50
C LYS A 184 8.72 24.09 36.99
N GLN A 185 8.89 24.21 38.30
CA GLN A 185 9.18 25.48 38.95
C GLN A 185 10.62 25.99 38.75
N TYR A 186 11.57 25.07 38.68
CA TYR A 186 12.97 25.48 38.55
C TYR A 186 13.71 25.17 37.26
N ALA A 187 13.18 24.27 36.43
CA ALA A 187 13.88 23.93 35.19
C ALA A 187 13.68 24.93 34.05
N GLY A 188 12.72 25.83 34.19
CA GLY A 188 12.47 26.79 33.14
C GLY A 188 12.05 26.10 31.85
N GLU A 189 12.57 26.58 30.73
CA GLU A 189 12.24 26.00 29.43
C GLU A 189 12.96 24.68 29.16
N SER A 190 13.92 24.31 29.99
CA SER A 190 14.64 23.06 29.78
C SER A 190 13.75 21.83 29.95
N LEU A 191 12.69 21.97 30.75
CA LEU A 191 11.76 20.86 30.95
C LEU A 191 10.81 20.78 29.76
N PHE A 192 11.00 19.79 28.90
CA PHE A 192 10.14 19.64 27.75
C PHE A 192 8.74 19.16 28.16
N GLY A 193 8.71 18.13 28.99
CA GLY A 193 7.43 17.60 29.44
C GLY A 193 7.62 16.32 30.22
N THR A 194 6.55 15.55 30.38
CA THR A 194 6.61 14.30 31.11
C THR A 194 5.89 13.17 30.38
N SER A 195 6.32 11.95 30.63
CA SER A 195 5.73 10.79 30.01
C SER A 195 4.44 10.43 30.73
N ASN A 196 4.35 10.80 32.00
CA ASN A 196 3.16 10.52 32.82
C ASN A 196 2.02 11.43 32.38
N VAL A 197 1.05 10.89 31.65
CA VAL A 197 -0.06 11.69 31.13
C VAL A 197 -0.88 12.37 32.23
N HIS A 198 -1.11 11.66 33.33
CA HIS A 198 -1.85 12.21 34.46
C HIS A 198 -1.18 13.45 35.06
N LEU A 199 0.13 13.35 35.31
CA LEU A 199 0.85 14.47 35.89
C LEU A 199 1.04 15.61 34.89
N ALA A 200 1.00 15.31 33.60
CA ALA A 200 1.14 16.35 32.58
C ALA A 200 -0.16 17.15 32.63
N HIS A 201 -1.26 16.44 32.83
CA HIS A 201 -2.58 17.04 32.91
C HIS A 201 -2.64 17.92 34.16
N LYS A 202 -2.29 17.32 35.29
CA LYS A 202 -2.30 18.00 36.57
C LYS A 202 -1.41 19.25 36.66
N HIS A 203 -0.20 19.15 36.12
CA HIS A 203 0.74 20.27 36.19
C HIS A 203 0.83 21.12 34.93
N GLY A 204 -0.06 20.90 33.98
CA GLY A 204 -0.07 21.68 32.76
C GLY A 204 1.20 21.59 31.94
N LEU A 205 1.72 20.38 31.77
CA LEU A 205 2.93 20.17 31.01
C LEU A 205 2.61 19.39 29.74
N ARG A 206 3.54 19.40 28.79
CA ARG A 206 3.37 18.66 27.55
C ARG A 206 3.64 17.19 27.87
N VAL A 207 3.01 16.28 27.13
CA VAL A 207 3.28 14.86 27.35
C VAL A 207 4.48 14.58 26.46
N SER A 208 5.31 13.64 26.84
CA SER A 208 6.50 13.32 26.07
C SER A 208 6.78 11.83 26.05
N GLY A 209 7.17 11.32 24.88
CA GLY A 209 7.45 9.90 24.77
C GLY A 209 7.67 9.45 23.33
N THR A 210 8.10 8.21 23.15
CA THR A 210 8.33 7.67 21.82
C THR A 210 7.68 6.30 21.75
N HIS A 211 7.62 5.70 20.57
CA HIS A 211 7.04 4.37 20.47
C HIS A 211 7.99 3.49 21.29
N PRO A 212 7.51 2.37 21.83
CA PRO A 212 8.36 1.49 22.63
C PRO A 212 8.96 0.33 21.85
N HIS A 213 9.82 -0.44 22.53
CA HIS A 213 10.45 -1.60 21.94
C HIS A 213 9.42 -2.66 21.59
N GLU A 214 8.37 -2.80 22.40
CA GLU A 214 7.35 -3.82 22.16
C GLU A 214 6.73 -3.71 20.76
N TRP A 215 6.61 -2.48 20.26
CA TRP A 215 6.03 -2.24 18.94
C TRP A 215 6.91 -2.92 17.89
N ILE A 216 8.21 -2.71 17.97
CA ILE A 216 9.15 -3.31 17.02
C ILE A 216 9.19 -4.83 17.23
N GLN A 217 9.26 -5.23 18.49
CA GLN A 217 9.32 -6.65 18.84
C GLN A 217 8.11 -7.43 18.34
N PHE A 218 6.93 -6.80 18.41
CA PHE A 218 5.72 -7.45 17.92
C PHE A 218 5.91 -7.73 16.44
N HIS A 219 6.40 -6.72 15.71
CA HIS A 219 6.63 -6.87 14.27
C HIS A 219 7.69 -7.92 13.96
N GLY A 220 8.69 -8.03 14.83
CA GLY A 220 9.73 -9.01 14.60
C GLY A 220 9.19 -10.42 14.77
N ALA A 221 8.31 -10.61 15.73
CA ALA A 221 7.71 -11.91 16.00
C ALA A 221 6.74 -12.33 14.91
N ILE A 222 5.97 -11.38 14.40
CA ILE A 222 4.99 -11.66 13.36
C ILE A 222 5.55 -11.65 11.93
N TYR A 223 6.30 -10.61 11.59
CA TYR A 223 6.86 -10.48 10.24
C TYR A 223 8.29 -10.97 10.03
N GLY A 224 8.97 -11.34 11.10
CA GLY A 224 10.34 -11.80 10.95
C GLY A 224 11.32 -10.68 11.25
N TYR A 225 12.56 -11.05 11.53
CA TYR A 225 13.61 -10.08 11.85
C TYR A 225 14.12 -9.19 10.73
N LYS A 226 14.23 -9.71 9.52
CA LYS A 226 14.72 -8.90 8.42
C LYS A 226 13.90 -7.64 8.17
N MET A 227 12.58 -7.76 8.18
CA MET A 227 11.71 -6.61 7.93
C MET A 227 11.10 -5.93 9.15
N ALA A 228 11.41 -6.43 10.35
CA ALA A 228 10.85 -5.87 11.59
C ALA A 228 10.89 -4.34 11.68
N ASN A 229 12.10 -3.77 11.68
CA ASN A 229 12.26 -2.32 11.79
C ASN A 229 11.52 -1.58 10.70
N TYR A 230 11.67 -2.03 9.45
CA TYR A 230 11.02 -1.37 8.32
C TYR A 230 9.49 -1.34 8.42
N VAL A 231 8.87 -2.52 8.60
CA VAL A 231 7.42 -2.58 8.69
C VAL A 231 6.89 -1.86 9.95
N ALA A 232 7.64 -1.91 11.03
CA ALA A 232 7.23 -1.23 12.25
C ALA A 232 7.13 0.29 11.98
N MET A 233 8.12 0.83 11.29
CA MET A 233 8.11 2.26 10.96
C MET A 233 6.98 2.60 9.98
N GLU A 234 6.78 1.76 8.96
CA GLU A 234 5.71 2.01 7.98
C GLU A 234 4.35 1.97 8.66
N ASP A 235 4.15 1.04 9.59
CA ASP A 235 2.88 0.94 10.29
C ASP A 235 2.70 2.13 11.22
N TRP A 236 3.78 2.60 11.84
CA TRP A 236 3.69 3.75 12.75
C TRP A 236 3.26 4.99 11.95
N ILE A 237 3.80 5.10 10.74
CA ILE A 237 3.46 6.23 9.87
C ILE A 237 2.00 6.12 9.44
N ASN A 238 1.55 4.90 9.17
CA ASN A 238 0.15 4.71 8.77
C ASN A 238 -0.76 5.17 9.90
N VAL A 239 -0.36 4.91 11.13
CA VAL A 239 -1.16 5.29 12.26
C VAL A 239 -1.11 6.79 12.61
N TYR A 240 0.10 7.35 12.62
CA TYR A 240 0.24 8.75 13.03
C TYR A 240 0.60 9.78 11.97
N ASP A 241 0.68 9.34 10.72
CA ASP A 241 0.97 10.22 9.59
C ASP A 241 2.11 11.21 9.79
N GLY A 242 3.20 10.78 10.41
CA GLY A 242 4.31 11.69 10.60
C GLY A 242 4.44 12.25 12.01
N ASP A 243 3.38 12.18 12.81
CA ASP A 243 3.47 12.66 14.19
C ASP A 243 4.26 11.63 15.00
N LEU A 244 4.73 12.01 16.18
CA LEU A 244 5.48 11.10 17.04
C LEU A 244 6.61 10.46 16.23
N GLY A 245 7.31 11.29 15.47
CA GLY A 245 8.39 10.82 14.61
C GLY A 245 9.76 10.47 15.19
N THR A 246 9.79 9.74 16.30
CA THR A 246 11.07 9.33 16.89
C THR A 246 11.13 7.82 16.79
N VAL A 247 12.29 7.28 16.46
CA VAL A 247 12.40 5.83 16.35
C VAL A 247 13.52 5.22 17.18
N LEU A 248 13.22 4.07 17.79
CA LEU A 248 14.18 3.32 18.58
C LEU A 248 14.97 2.48 17.61
N THR A 249 16.29 2.41 17.79
CA THR A 249 17.15 1.68 16.87
C THR A 249 17.82 0.41 17.39
N ASP A 250 17.85 0.22 18.70
CA ASP A 250 18.56 -0.95 19.27
C ASP A 250 17.81 -2.26 19.48
N THR A 251 16.52 -2.32 19.12
CA THR A 251 15.74 -3.54 19.31
C THR A 251 16.50 -4.78 18.85
N TYR A 252 17.01 -4.73 17.63
CA TYR A 252 17.76 -5.87 17.12
C TYR A 252 19.17 -5.41 16.80
N THR A 253 19.69 -4.51 17.63
CA THR A 253 21.03 -3.96 17.45
C THR A 253 20.96 -2.76 16.52
N THR A 254 21.64 -1.68 16.91
CA THR A 254 21.67 -0.47 16.11
C THR A 254 22.39 -0.64 14.78
N ASP A 255 23.38 -1.54 14.72
CA ASP A 255 24.09 -1.77 13.46
C ASP A 255 23.13 -2.34 12.42
N VAL A 256 22.23 -3.23 12.84
CA VAL A 256 21.26 -3.83 11.94
C VAL A 256 20.28 -2.73 11.50
N PHE A 257 19.84 -1.91 12.44
CA PHE A 257 18.91 -0.83 12.13
C PHE A 257 19.51 0.12 11.08
N MET A 258 20.69 0.64 11.36
CA MET A 258 21.36 1.57 10.46
C MET A 258 21.58 0.99 9.06
N ARG A 259 22.04 -0.25 9.01
CA ARG A 259 22.30 -0.91 7.74
C ARG A 259 21.03 -0.96 6.88
N ASN A 260 19.87 -1.09 7.51
CA ASN A 260 18.60 -1.18 6.77
C ASN A 260 17.74 0.09 6.80
N PHE A 261 18.29 1.18 7.35
CA PHE A 261 17.57 2.44 7.46
C PHE A 261 17.41 3.04 6.05
N SER A 262 16.17 3.14 5.59
CA SER A 262 15.93 3.67 4.25
C SER A 262 15.98 5.19 4.21
N LYS A 263 16.32 5.74 3.05
CA LYS A 263 16.40 7.19 2.88
C LYS A 263 15.05 7.84 3.22
N LYS A 264 13.97 7.21 2.78
CA LYS A 264 12.63 7.73 3.04
C LYS A 264 12.35 7.92 4.53
N HIS A 265 12.63 6.88 5.31
CA HIS A 265 12.42 6.94 6.75
C HIS A 265 13.41 7.91 7.42
N ALA A 266 14.65 7.90 6.96
CA ALA A 266 15.65 8.79 7.53
C ALA A 266 15.21 10.24 7.34
N MET A 267 14.62 10.53 6.17
CA MET A 267 14.17 11.89 5.87
C MET A 267 12.89 12.27 6.62
N LEU A 268 11.97 11.31 6.74
CA LEU A 268 10.70 11.56 7.41
C LEU A 268 10.78 11.67 8.95
N PHE A 269 11.44 10.71 9.59
CA PHE A 269 11.56 10.77 11.05
C PHE A 269 12.49 11.90 11.42
N THR A 270 12.13 12.65 12.46
CA THR A 270 12.94 13.79 12.89
C THR A 270 13.99 13.40 13.90
N SER A 271 13.84 12.25 14.53
CA SER A 271 14.82 11.85 15.52
C SER A 271 14.94 10.36 15.81
N LEU A 272 16.05 10.01 16.45
CA LEU A 272 16.35 8.64 16.83
C LEU A 272 16.43 8.63 18.35
N ARG A 273 16.24 7.48 18.94
CA ARG A 273 16.34 7.39 20.38
C ARG A 273 17.45 6.43 20.76
N HIS A 274 18.36 6.90 21.62
CA HIS A 274 19.47 6.09 22.11
C HIS A 274 19.03 5.54 23.45
N ASP A 275 19.03 4.23 23.61
CA ASP A 275 18.57 3.65 24.87
C ASP A 275 19.48 2.56 25.45
N SER A 276 20.63 2.32 24.82
CA SER A 276 21.56 1.33 25.33
C SER A 276 22.91 1.48 24.65
N GLY A 277 23.97 1.04 25.32
CA GLY A 277 25.30 1.15 24.75
C GLY A 277 25.91 2.52 24.95
N ASP A 278 27.16 2.67 24.53
CA ASP A 278 27.85 3.94 24.68
C ASP A 278 27.26 5.02 23.77
N PRO A 279 26.86 6.16 24.36
CA PRO A 279 26.27 7.26 23.60
C PRO A 279 27.18 7.85 22.51
N GLU A 280 28.46 7.97 22.81
CA GLU A 280 29.42 8.50 21.84
C GLU A 280 29.50 7.61 20.61
N ILE A 281 29.45 6.30 20.82
CA ILE A 281 29.50 5.36 19.71
C ILE A 281 28.20 5.48 18.90
N PHE A 282 27.08 5.65 19.60
CA PHE A 282 25.79 5.78 18.93
C PHE A 282 25.78 7.04 18.06
N ILE A 283 26.31 8.14 18.60
CA ILE A 283 26.35 9.39 17.86
C ILE A 283 27.12 9.23 16.54
N GLU A 284 28.25 8.54 16.57
CA GLU A 284 29.05 8.32 15.37
C GLU A 284 28.27 7.54 14.32
N LYS A 285 27.66 6.43 14.73
CA LYS A 285 26.89 5.60 13.81
C LYS A 285 25.77 6.39 13.15
N ALA A 286 25.03 7.14 13.96
CA ALA A 286 23.91 7.94 13.47
C ALA A 286 24.38 8.98 12.45
N VAL A 287 25.37 9.79 12.84
CA VAL A 287 25.89 10.82 11.95
C VAL A 287 26.43 10.22 10.66
N ARG A 288 27.15 9.10 10.77
CA ARG A 288 27.72 8.47 9.59
C ARG A 288 26.64 7.95 8.63
N ARG A 289 25.62 7.29 9.16
CA ARG A 289 24.56 6.76 8.33
C ARG A 289 23.77 7.88 7.65
N TYR A 290 23.49 8.95 8.39
CA TYR A 290 22.75 10.06 7.80
C TYR A 290 23.51 10.63 6.60
N GLU A 291 24.82 10.75 6.73
CA GLU A 291 25.62 11.28 5.64
C GLU A 291 25.66 10.31 4.46
N GLU A 292 25.67 9.02 4.74
CA GLU A 292 25.67 8.02 3.67
C GLU A 292 24.39 8.20 2.86
N LEU A 293 23.30 8.47 3.57
CA LEU A 293 22.00 8.65 2.94
C LEU A 293 21.81 10.08 2.42
N ARG A 294 22.83 10.91 2.57
CA ARG A 294 22.76 12.29 2.12
C ARG A 294 21.63 13.04 2.82
N VAL A 295 21.52 12.82 4.12
CA VAL A 295 20.53 13.47 4.95
C VAL A 295 21.35 14.28 5.95
N ASP A 296 20.95 15.52 6.20
CA ASP A 296 21.68 16.38 7.12
C ASP A 296 21.43 16.06 8.58
N PRO A 297 22.42 15.46 9.26
CA PRO A 297 22.27 15.11 10.67
C PRO A 297 22.05 16.29 11.60
N LYS A 298 22.52 17.46 11.18
CA LYS A 298 22.36 18.66 11.99
C LYS A 298 20.92 19.08 12.21
N ILE A 299 20.03 18.69 11.30
CA ILE A 299 18.63 19.05 11.47
C ILE A 299 17.86 17.95 12.21
N LYS A 300 18.55 16.87 12.53
CA LYS A 300 17.92 15.75 13.25
C LYS A 300 18.23 15.84 14.75
N TYR A 301 17.48 15.08 15.54
CA TYR A 301 17.65 15.06 16.99
C TYR A 301 17.85 13.63 17.49
N ILE A 302 18.51 13.51 18.63
CA ILE A 302 18.69 12.22 19.26
C ILE A 302 18.20 12.40 20.68
N ILE A 303 17.28 11.54 21.10
CA ILE A 303 16.77 11.60 22.46
C ILE A 303 17.49 10.47 23.19
N PHE A 304 18.31 10.85 24.18
CA PHE A 304 19.08 9.90 24.98
C PHE A 304 18.28 9.58 26.24
N SER A 305 18.14 8.30 26.55
CA SER A 305 17.35 7.92 27.73
C SER A 305 17.90 6.72 28.50
N ASP A 306 19.17 6.41 28.30
CA ASP A 306 19.75 5.27 29.00
C ASP A 306 20.31 5.57 30.40
N SER A 307 19.50 5.32 31.42
CA SER A 307 19.88 5.56 32.82
C SER A 307 20.67 6.84 33.00
N LEU A 308 20.07 7.97 32.65
CA LEU A 308 20.74 9.25 32.74
C LEU A 308 20.63 9.97 34.08
N THR A 309 21.57 10.90 34.27
CA THR A 309 21.62 11.78 35.42
C THR A 309 21.78 13.14 34.76
N PRO A 310 21.38 14.22 35.43
CA PRO A 310 21.53 15.53 34.80
C PRO A 310 22.96 15.77 34.30
N GLN A 311 23.94 15.40 35.13
CA GLN A 311 25.33 15.60 34.75
C GLN A 311 25.73 14.80 33.53
N ARG A 312 25.28 13.56 33.44
CA ARG A 312 25.60 12.73 32.29
C ARG A 312 24.96 13.32 31.03
N ALA A 313 23.78 13.92 31.18
CA ALA A 313 23.09 14.54 30.05
C ALA A 313 23.93 15.69 29.52
N ILE A 314 24.50 16.47 30.44
CA ILE A 314 25.34 17.60 30.07
C ILE A 314 26.58 17.14 29.29
N GLU A 315 27.14 16.00 29.70
CA GLU A 315 28.31 15.45 29.02
C GLU A 315 27.96 15.03 27.58
N ILE A 316 26.85 14.32 27.42
CA ILE A 316 26.42 13.87 26.10
C ILE A 316 26.12 15.09 25.23
N GLN A 317 25.57 16.12 25.87
CA GLN A 317 25.24 17.37 25.19
C GLN A 317 26.50 17.94 24.53
N LYS A 318 27.64 17.83 25.19
CA LYS A 318 28.90 18.33 24.64
C LYS A 318 29.31 17.50 23.42
N LEU A 319 29.19 16.19 23.54
CA LEU A 319 29.51 15.28 22.45
C LEU A 319 28.72 15.59 21.18
N CYS A 320 27.48 16.06 21.35
CA CYS A 320 26.63 16.37 20.21
C CYS A 320 26.85 17.74 19.60
N ALA A 321 27.40 18.66 20.40
CA ALA A 321 27.64 20.03 19.94
C ALA A 321 28.21 20.11 18.52
N GLY A 322 27.49 20.81 17.65
CA GLY A 322 27.93 20.97 16.28
C GLY A 322 27.77 19.79 15.35
N ARG A 323 27.13 18.71 15.81
CA ARG A 323 26.96 17.54 14.96
C ARG A 323 25.51 17.12 14.75
N ILE A 324 24.74 17.12 15.83
CA ILE A 324 23.35 16.72 15.78
C ILE A 324 22.69 17.24 17.04
N LYS A 325 21.39 17.53 16.99
CA LYS A 325 20.69 18.05 18.15
C LYS A 325 20.44 16.97 19.20
N ALA A 326 20.26 17.39 20.44
CA ALA A 326 20.04 16.42 21.52
C ALA A 326 18.99 16.82 22.55
N SER A 327 18.28 15.82 23.04
CA SER A 327 17.26 16.01 24.08
C SER A 327 17.45 14.80 24.99
N PHE A 328 16.80 14.81 26.14
CA PHE A 328 17.00 13.73 27.08
C PHE A 328 15.75 13.24 27.78
N GLY A 329 15.79 11.98 28.16
CA GLY A 329 14.70 11.36 28.89
C GLY A 329 15.36 10.92 30.18
N ILE A 330 14.98 11.54 31.29
CA ILE A 330 15.56 11.18 32.59
C ILE A 330 14.52 10.46 33.43
N GLY A 331 14.89 9.30 33.96
CA GLY A 331 13.95 8.54 34.76
C GLY A 331 14.14 8.43 36.26
N THR A 332 14.58 7.25 36.69
CA THR A 332 14.76 6.95 38.10
C THR A 332 15.59 7.96 38.90
N ASN A 333 16.55 8.63 38.26
CA ASN A 333 17.35 9.62 38.98
C ASN A 333 16.46 10.73 39.54
N LEU A 334 15.31 10.95 38.90
CA LEU A 334 14.40 11.99 39.34
C LEU A 334 13.26 11.46 40.21
N THR A 335 12.66 10.33 39.82
CA THR A 335 11.52 9.80 40.54
C THR A 335 11.82 8.84 41.70
N ASN A 336 13.07 8.44 41.84
CA ASN A 336 13.42 7.55 42.94
C ASN A 336 14.83 7.86 43.44
N ASP A 337 14.95 8.99 44.12
CA ASP A 337 16.21 9.46 44.68
C ASP A 337 15.81 10.16 45.99
N VAL A 338 15.17 9.38 46.87
CA VAL A 338 14.66 9.88 48.12
C VAL A 338 15.57 9.82 49.34
N GLY A 339 16.84 9.48 49.12
CA GLY A 339 17.79 9.41 50.21
C GLY A 339 17.53 8.25 51.16
N GLY A 340 18.40 8.11 52.16
CA GLY A 340 18.25 7.05 53.13
C GLY A 340 18.69 5.69 52.63
N GLY A 341 19.60 5.69 51.67
CA GLY A 341 20.09 4.43 51.11
C GLY A 341 19.04 3.70 50.29
N VAL A 342 17.86 4.29 50.14
CA VAL A 342 16.79 3.67 49.36
C VAL A 342 17.22 3.57 47.91
N GLU A 343 17.16 2.36 47.36
CA GLU A 343 17.54 2.14 45.97
C GLU A 343 16.37 1.66 45.12
N PRO A 344 16.34 2.07 43.85
CA PRO A 344 15.27 1.69 42.92
C PRO A 344 15.25 0.19 42.68
N LEU A 345 14.05 -0.36 42.43
CA LEU A 345 13.92 -1.78 42.14
C LEU A 345 14.35 -1.99 40.70
N ASN A 346 14.93 -3.15 40.42
CA ASN A 346 15.36 -3.44 39.07
C ASN A 346 14.33 -4.38 38.43
N ILE A 347 13.17 -3.80 38.14
CA ILE A 347 12.06 -4.56 37.56
C ILE A 347 11.58 -4.09 36.19
N VAL A 348 11.07 -5.04 35.40
CA VAL A 348 10.53 -4.76 34.08
C VAL A 348 9.36 -5.71 33.83
N MET A 349 8.56 -5.41 32.82
CA MET A 349 7.44 -6.26 32.44
C MET A 349 7.42 -6.14 30.92
N LYS A 350 7.94 -7.17 30.26
CA LYS A 350 8.04 -7.17 28.81
C LYS A 350 7.12 -8.10 28.04
N LEU A 351 6.87 -7.74 26.78
CA LEU A 351 6.05 -8.55 25.90
C LEU A 351 6.91 -9.78 25.66
N TRP A 352 6.44 -10.94 26.10
CA TRP A 352 7.18 -12.17 25.96
C TRP A 352 6.83 -12.99 24.72
N LYS A 353 5.57 -12.92 24.31
CA LYS A 353 5.10 -13.64 23.12
C LYS A 353 3.80 -13.03 22.63
N CYS A 354 3.48 -13.29 21.37
CA CYS A 354 2.28 -12.75 20.77
C CYS A 354 1.82 -13.61 19.59
N LYS A 355 0.64 -13.26 19.08
CA LYS A 355 0.07 -13.94 17.93
C LYS A 355 -0.79 -12.91 17.20
N MET A 356 -0.98 -13.11 15.90
CA MET A 356 -1.76 -12.18 15.07
C MET A 356 -3.27 -12.25 15.34
N THR A 357 -3.76 -13.45 15.61
CA THR A 357 -5.18 -13.65 15.88
C THR A 357 -5.28 -14.81 16.86
N ALA A 358 -6.48 -15.06 17.36
CA ALA A 358 -6.71 -16.16 18.30
C ALA A 358 -6.27 -17.51 17.77
N LYS A 359 -6.45 -17.75 16.48
CA LYS A 359 -6.09 -19.01 15.86
C LYS A 359 -4.62 -19.17 15.45
N ASP A 360 -3.86 -18.08 15.50
CA ASP A 360 -2.44 -18.11 15.13
C ASP A 360 -1.66 -18.80 16.24
N ASP A 361 -0.44 -19.23 15.94
CA ASP A 361 0.40 -19.87 16.95
C ASP A 361 1.08 -18.74 17.72
N TRP A 362 1.63 -19.08 18.88
CA TRP A 362 2.35 -18.09 19.67
C TRP A 362 3.73 -17.91 19.08
N HIS A 363 4.23 -16.69 19.11
CA HIS A 363 5.56 -16.37 18.59
C HIS A 363 6.29 -15.61 19.69
N TYR A 364 7.47 -16.07 20.06
CA TYR A 364 8.27 -15.42 21.09
C TYR A 364 8.88 -14.13 20.60
N CYS A 365 8.97 -13.14 21.49
CA CYS A 365 9.55 -11.85 21.17
C CYS A 365 10.92 -11.75 21.84
N VAL A 366 11.87 -11.10 21.17
CA VAL A 366 13.19 -10.95 21.73
C VAL A 366 13.66 -9.53 21.54
N LYS A 367 14.69 -9.16 22.28
CA LYS A 367 15.30 -7.83 22.21
C LYS A 367 16.80 -8.04 22.37
N LEU A 368 17.59 -7.42 21.51
CA LEU A 368 19.04 -7.59 21.58
C LEU A 368 19.82 -6.46 22.24
N SER A 369 19.42 -5.21 22.01
CA SER A 369 20.11 -4.04 22.57
C SER A 369 21.53 -3.87 22.00
N ASP A 370 22.16 -2.75 22.31
CA ASP A 370 23.51 -2.47 21.83
C ASP A 370 24.61 -2.89 22.80
N VAL A 371 24.24 -3.61 23.85
CA VAL A 371 25.24 -4.07 24.79
C VAL A 371 25.46 -5.55 24.56
N ASP A 372 26.69 -5.91 24.18
CA ASP A 372 27.05 -7.30 23.91
C ASP A 372 26.65 -8.20 25.07
N GLY A 373 25.98 -9.30 24.75
CA GLY A 373 25.57 -10.24 25.79
C GLY A 373 24.25 -9.91 26.45
N LYS A 374 23.91 -8.63 26.52
CA LYS A 374 22.64 -8.22 27.14
C LYS A 374 21.48 -8.44 26.17
N HIS A 375 20.80 -9.58 26.33
CA HIS A 375 19.68 -9.93 25.47
C HIS A 375 18.53 -10.39 26.36
N THR A 376 17.30 -10.27 25.86
CA THR A 376 16.15 -10.71 26.62
C THR A 376 15.21 -11.52 25.74
N GLY A 377 14.59 -12.53 26.33
CA GLY A 377 13.67 -13.39 25.59
C GLY A 377 14.11 -14.83 25.56
N GLU A 378 13.24 -15.68 25.05
CA GLU A 378 13.52 -17.11 24.94
C GLU A 378 14.86 -17.30 24.23
N PRO A 379 15.81 -17.98 24.89
CA PRO A 379 17.15 -18.28 24.37
C PRO A 379 17.17 -18.82 22.95
N GLU A 380 16.31 -19.81 22.68
CA GLU A 380 16.22 -20.40 21.35
C GLU A 380 15.88 -19.32 20.32
N GLU A 381 14.94 -18.44 20.67
CA GLU A 381 14.51 -17.38 19.77
C GLU A 381 15.60 -16.34 19.56
N ILE A 382 16.36 -16.05 20.62
CA ILE A 382 17.44 -15.08 20.54
C ILE A 382 18.48 -15.53 19.52
N LEU A 383 18.83 -16.81 19.58
CA LEU A 383 19.80 -17.39 18.66
C LEU A 383 19.29 -17.26 17.23
N LEU A 384 18.02 -17.58 17.02
CA LEU A 384 17.40 -17.50 15.71
C LEU A 384 17.49 -16.07 15.16
N ALA A 385 17.22 -15.08 16.03
CA ALA A 385 17.28 -13.68 15.60
C ALA A 385 18.69 -13.32 15.18
N MET A 386 19.67 -13.68 16.00
CA MET A 386 21.06 -13.39 15.67
C MET A 386 21.47 -14.06 14.37
N ASN A 387 21.15 -15.35 14.22
CA ASN A 387 21.50 -16.05 12.98
C ASN A 387 20.80 -15.43 11.78
N THR A 388 19.53 -15.07 11.95
CA THR A 388 18.76 -14.47 10.87
C THR A 388 19.35 -13.13 10.43
N LEU A 389 19.81 -12.36 11.39
CA LEU A 389 20.37 -11.05 11.10
C LEU A 389 21.87 -11.09 10.83
N GLY A 390 22.46 -12.28 10.85
CA GLY A 390 23.88 -12.39 10.59
C GLY A 390 24.74 -11.84 11.71
N ILE A 391 24.23 -11.90 12.94
CA ILE A 391 24.99 -11.41 14.08
C ILE A 391 25.79 -12.56 14.72
N ILE B 3 20.82 18.13 -35.96
CA ILE B 3 20.95 19.08 -34.82
C ILE B 3 21.11 18.38 -33.47
N ILE B 4 20.29 17.37 -33.21
CA ILE B 4 20.42 16.63 -31.95
C ILE B 4 21.40 15.50 -32.20
N ARG B 5 22.55 15.54 -31.53
CA ARG B 5 23.59 14.53 -31.72
C ARG B 5 23.69 13.50 -30.61
N SER B 6 23.16 13.82 -29.43
CA SER B 6 23.22 12.89 -28.31
C SER B 6 21.85 12.55 -27.76
N ILE B 7 21.66 11.29 -27.39
CA ILE B 7 20.41 10.87 -26.82
C ILE B 7 20.28 11.48 -25.41
N LEU B 8 21.38 12.02 -24.89
CA LEU B 8 21.35 12.64 -23.56
C LEU B 8 21.15 14.15 -23.67
N ASP B 9 21.04 14.67 -24.89
CA ASP B 9 20.84 16.11 -25.07
C ASP B 9 19.35 16.39 -24.86
N THR B 10 18.97 16.41 -23.59
CA THR B 10 17.59 16.63 -23.19
C THR B 10 17.62 16.97 -21.70
N ASP B 11 16.46 17.27 -21.13
CA ASP B 11 16.36 17.63 -19.73
C ASP B 11 16.29 16.41 -18.82
N LEU B 12 16.90 16.53 -17.64
CA LEU B 12 16.89 15.45 -16.66
C LEU B 12 15.47 14.95 -16.38
N TYR B 13 14.53 15.87 -16.17
CA TYR B 13 13.17 15.46 -15.84
C TYR B 13 12.50 14.55 -16.87
N LYS B 14 12.99 14.56 -18.12
CA LYS B 14 12.40 13.70 -19.14
C LYS B 14 12.71 12.24 -18.80
N PHE B 15 13.93 11.98 -18.29
CA PHE B 15 14.32 10.63 -17.90
C PHE B 15 13.70 10.21 -16.57
N THR B 16 13.69 11.10 -15.57
CA THR B 16 13.12 10.74 -14.27
C THR B 16 11.61 10.50 -14.36
N THR B 17 10.92 11.32 -15.16
CA THR B 17 9.47 11.16 -15.32
C THR B 17 9.25 9.99 -16.27
N GLY B 18 10.16 9.83 -17.23
CA GLY B 18 10.07 8.74 -18.18
C GLY B 18 10.12 7.39 -17.47
N TYR B 19 11.01 7.27 -16.48
CA TYR B 19 11.11 6.01 -15.73
C TYR B 19 9.89 5.85 -14.82
N ALA B 20 9.43 6.95 -14.23
CA ALA B 20 8.26 6.90 -13.37
C ALA B 20 7.07 6.36 -14.16
N TYR B 21 6.90 6.80 -15.41
CA TYR B 21 5.81 6.29 -16.25
C TYR B 21 6.05 4.82 -16.59
N ALA B 22 7.29 4.50 -16.97
CA ALA B 22 7.64 3.14 -17.34
C ALA B 22 7.40 2.14 -16.22
N LYS B 23 7.61 2.57 -14.98
CA LYS B 23 7.41 1.68 -13.85
C LYS B 23 5.94 1.54 -13.44
N LEU B 24 5.29 2.67 -13.20
CA LEU B 24 3.91 2.68 -12.73
C LEU B 24 2.81 2.75 -13.78
N PHE B 25 3.08 3.34 -14.94
CA PHE B 25 2.04 3.47 -15.98
C PHE B 25 2.55 3.08 -17.37
N PRO B 26 3.15 1.89 -17.50
CA PRO B 26 3.68 1.41 -18.78
C PRO B 26 2.65 1.22 -19.92
N ARG B 27 1.36 1.25 -19.59
CA ARG B 27 0.34 1.10 -20.61
C ARG B 27 -0.32 2.43 -20.98
N ALA B 28 0.02 3.49 -20.26
CA ALA B 28 -0.56 4.79 -20.52
C ALA B 28 -0.19 5.37 -21.86
N TYR B 29 -1.10 6.18 -22.42
CA TYR B 29 -0.89 6.86 -23.68
C TYR B 29 -1.01 8.36 -23.40
N GLY B 30 -0.39 9.16 -24.25
CA GLY B 30 -0.46 10.59 -24.08
C GLY B 30 -0.28 11.29 -25.39
N GLU B 31 -0.77 12.52 -25.48
CA GLU B 31 -0.59 13.32 -26.68
C GLU B 31 -0.03 14.68 -26.26
N PHE B 32 1.14 15.01 -26.79
CA PHE B 32 1.78 16.28 -26.51
C PHE B 32 1.48 17.21 -27.69
N ARG B 33 1.20 18.47 -27.39
CA ARG B 33 0.92 19.42 -28.44
C ARG B 33 1.83 20.63 -28.35
N PHE B 34 2.43 20.99 -29.48
CA PHE B 34 3.31 22.13 -29.58
C PHE B 34 2.42 23.38 -29.62
N ILE B 35 2.83 24.44 -28.94
CA ILE B 35 2.07 25.67 -28.92
C ILE B 35 3.01 26.87 -29.06
N ASP B 36 2.84 27.64 -30.13
CA ASP B 36 3.62 28.85 -30.31
C ASP B 36 2.71 29.94 -29.78
N ARG B 37 3.00 30.38 -28.56
CA ARG B 37 2.18 31.39 -27.90
C ARG B 37 2.25 32.77 -28.52
N ASN B 38 3.06 32.94 -29.54
CA ASN B 38 3.16 34.23 -30.21
C ASN B 38 2.45 34.13 -31.57
N ARG B 39 1.91 32.95 -31.86
CA ARG B 39 1.20 32.70 -33.11
C ARG B 39 1.94 33.23 -34.35
N GLN B 40 3.24 32.94 -34.43
CA GLN B 40 4.03 33.36 -35.58
C GLN B 40 3.62 32.55 -36.80
N GLY B 41 3.77 33.14 -37.98
CA GLY B 41 3.42 32.43 -39.19
C GLY B 41 4.58 31.55 -39.61
N PHE B 42 4.28 30.32 -40.00
CA PHE B 42 5.32 29.39 -40.43
C PHE B 42 4.96 28.81 -41.79
N THR B 43 5.99 28.54 -42.59
CA THR B 43 5.82 28.01 -43.92
C THR B 43 6.00 26.50 -43.96
N GLU B 44 5.49 25.89 -45.02
CA GLU B 44 5.61 24.45 -45.19
C GLU B 44 7.05 24.00 -45.33
N GLU B 45 7.92 24.87 -45.85
CA GLU B 45 9.30 24.46 -46.00
C GLU B 45 9.98 24.37 -44.64
N PHE B 46 9.56 25.22 -43.71
CA PHE B 46 10.14 25.17 -42.37
C PHE B 46 9.63 23.89 -41.72
N ALA B 47 8.34 23.61 -41.91
CA ALA B 47 7.73 22.41 -41.36
C ALA B 47 8.51 21.19 -41.86
N GLU B 48 8.91 21.24 -43.12
CA GLU B 48 9.66 20.14 -43.71
C GLU B 48 11.03 20.02 -43.07
N LEU B 49 11.63 21.15 -42.72
CA LEU B 49 12.93 21.13 -42.07
C LEU B 49 12.79 20.44 -40.71
N VAL B 50 11.67 20.71 -40.04
CA VAL B 50 11.41 20.11 -38.74
C VAL B 50 11.23 18.61 -38.88
N ARG B 51 10.45 18.19 -39.87
CA ARG B 51 10.23 16.76 -40.09
C ARG B 51 11.55 16.05 -40.36
N GLY B 52 12.45 16.72 -41.08
CA GLY B 52 13.73 16.12 -41.37
C GLY B 52 14.57 15.91 -40.11
N GLU B 53 14.53 16.87 -39.21
CA GLU B 53 15.27 16.79 -37.96
C GLU B 53 14.68 15.68 -37.09
N ILE B 54 13.36 15.59 -37.07
CA ILE B 54 12.69 14.58 -36.29
C ILE B 54 13.07 13.20 -36.81
N ARG B 55 13.12 13.05 -38.12
CA ARG B 55 13.47 11.77 -38.72
C ARG B 55 14.94 11.44 -38.42
N ALA B 56 15.80 12.45 -38.43
CA ALA B 56 17.21 12.25 -38.14
C ALA B 56 17.43 11.68 -36.74
N MET B 57 16.57 12.05 -35.79
CA MET B 57 16.70 11.58 -34.41
C MET B 57 16.58 10.06 -34.25
N ALA B 58 16.02 9.39 -35.25
CA ALA B 58 15.87 7.95 -35.20
C ALA B 58 17.23 7.24 -35.17
N ALA B 59 18.28 7.96 -35.55
CA ALA B 59 19.62 7.39 -35.58
C ALA B 59 20.36 7.50 -34.24
N LEU B 60 19.81 8.27 -33.31
CA LEU B 60 20.44 8.44 -32.00
C LEU B 60 20.46 7.14 -31.18
N SER B 61 21.55 6.92 -30.46
CA SER B 61 21.65 5.75 -29.59
C SER B 61 22.65 6.04 -28.49
N LEU B 62 22.37 5.51 -27.32
CA LEU B 62 23.22 5.71 -26.15
C LEU B 62 24.62 5.15 -26.40
N THR B 63 25.65 5.95 -26.15
CA THR B 63 27.01 5.47 -26.34
C THR B 63 27.44 4.74 -25.07
N ARG B 64 28.57 4.06 -25.13
CA ARG B 64 29.08 3.32 -23.98
C ARG B 64 29.45 4.30 -22.87
N ASP B 65 30.08 5.42 -23.21
CA ASP B 65 30.47 6.39 -22.20
C ASP B 65 29.24 7.02 -21.55
N GLU B 66 28.21 7.28 -22.34
CA GLU B 66 27.00 7.88 -21.80
C GLU B 66 26.33 6.91 -20.85
N LYS B 67 26.33 5.63 -21.20
CA LYS B 67 25.73 4.62 -20.34
C LYS B 67 26.45 4.59 -18.99
N GLU B 68 27.78 4.61 -19.03
CA GLU B 68 28.58 4.59 -17.79
C GLU B 68 28.32 5.85 -16.97
N PHE B 69 28.13 6.97 -17.66
CA PHE B 69 27.84 8.22 -16.99
C PHE B 69 26.51 8.12 -16.25
N LEU B 70 25.49 7.59 -16.92
CA LEU B 70 24.17 7.45 -16.31
C LEU B 70 24.25 6.56 -15.07
N GLN B 71 25.03 5.48 -15.16
CA GLN B 71 25.17 4.56 -14.03
C GLN B 71 25.86 5.22 -12.86
N ARG B 72 26.83 6.08 -13.15
CA ARG B 72 27.57 6.74 -12.08
C ARG B 72 26.93 8.01 -11.53
N GLU B 73 26.39 8.84 -12.42
CA GLU B 73 25.82 10.11 -12.00
C GLU B 73 24.31 10.19 -11.79
N LEU B 74 23.55 9.25 -12.34
CA LEU B 74 22.10 9.25 -12.16
C LEU B 74 21.67 7.89 -11.63
N PRO B 75 22.21 7.50 -10.45
CA PRO B 75 21.90 6.23 -9.82
C PRO B 75 20.44 6.01 -9.47
N TYR B 76 19.66 7.08 -9.34
CA TYR B 76 18.25 6.91 -9.03
C TYR B 76 17.50 6.29 -10.21
N LEU B 77 18.14 6.24 -11.38
CA LEU B 77 17.55 5.58 -12.54
C LEU B 77 18.09 4.15 -12.43
N PRO B 78 17.20 3.18 -12.17
CA PRO B 78 17.55 1.76 -12.03
C PRO B 78 18.15 1.15 -13.29
N PRO B 79 18.85 0.02 -13.14
CA PRO B 79 19.49 -0.68 -14.27
C PRO B 79 18.49 -1.02 -15.38
N ILE B 80 17.26 -1.39 -15.01
CA ILE B 80 16.25 -1.73 -16.01
C ILE B 80 15.99 -0.53 -16.94
N TYR B 81 15.99 0.68 -16.40
CA TYR B 81 15.73 1.86 -17.24
C TYR B 81 16.94 2.18 -18.10
N ILE B 82 18.13 1.89 -17.59
CA ILE B 82 19.34 2.14 -18.35
C ILE B 82 19.37 1.17 -19.52
N ASP B 83 18.88 -0.06 -19.31
CA ASP B 83 18.83 -1.04 -20.39
C ASP B 83 17.83 -0.54 -21.43
N PHE B 84 16.71 0.02 -20.96
CA PHE B 84 15.69 0.53 -21.86
C PHE B 84 16.28 1.64 -22.73
N LEU B 85 16.95 2.59 -22.09
CA LEU B 85 17.56 3.70 -22.82
C LEU B 85 18.64 3.22 -23.78
N ASP B 86 19.39 2.19 -23.35
CA ASP B 86 20.46 1.66 -24.17
C ASP B 86 19.92 1.08 -25.48
N GLY B 87 18.73 0.49 -25.43
CA GLY B 87 18.17 -0.07 -26.64
C GLY B 87 17.09 0.79 -27.27
N PHE B 88 16.85 1.95 -26.67
CA PHE B 88 15.83 2.87 -27.16
C PHE B 88 16.14 3.57 -28.49
N ARG B 89 15.11 3.70 -29.32
CA ARG B 89 15.23 4.40 -30.60
C ARG B 89 13.99 5.25 -30.78
N PHE B 90 14.19 6.52 -31.09
CA PHE B 90 13.07 7.43 -31.32
C PHE B 90 12.29 6.92 -32.54
N ASP B 91 10.97 6.97 -32.46
CA ASP B 91 10.12 6.52 -33.57
C ASP B 91 9.40 7.73 -34.13
N PRO B 92 9.91 8.26 -35.25
CA PRO B 92 9.35 9.44 -35.94
C PRO B 92 7.87 9.40 -36.26
N GLU B 93 7.30 8.20 -36.46
CA GLU B 93 5.88 8.17 -36.79
C GLU B 93 4.94 8.52 -35.64
N GLU B 94 5.49 8.67 -34.43
CA GLU B 94 4.66 9.05 -33.29
C GLU B 94 4.42 10.56 -33.37
N VAL B 95 5.18 11.22 -34.23
CA VAL B 95 5.12 12.68 -34.39
C VAL B 95 4.53 13.15 -35.72
N THR B 96 3.61 14.11 -35.65
CA THR B 96 2.99 14.66 -36.84
C THR B 96 3.20 16.17 -36.87
N VAL B 97 3.84 16.65 -37.94
CA VAL B 97 4.10 18.07 -38.08
C VAL B 97 3.29 18.64 -39.24
N SER B 98 2.74 19.84 -39.05
CA SER B 98 1.96 20.47 -40.09
C SER B 98 1.73 21.93 -39.79
N ILE B 99 1.25 22.65 -40.80
CA ILE B 99 0.92 24.06 -40.66
C ILE B 99 -0.61 24.01 -40.58
N ASP B 100 -1.19 24.53 -39.50
CA ASP B 100 -2.64 24.50 -39.36
C ASP B 100 -3.37 25.47 -40.27
N ALA B 101 -4.70 25.49 -40.16
CA ALA B 101 -5.55 26.35 -40.97
C ALA B 101 -5.19 27.82 -40.84
N GLN B 102 -4.69 28.22 -39.68
CA GLN B 102 -4.32 29.60 -39.44
C GLN B 102 -2.89 29.92 -39.86
N GLY B 103 -2.21 28.95 -40.46
CA GLY B 103 -0.84 29.16 -40.90
C GLY B 103 0.17 29.07 -39.77
N HIS B 104 -0.22 28.43 -38.67
CA HIS B 104 0.65 28.28 -37.51
C HIS B 104 1.26 26.88 -37.47
N LEU B 105 2.45 26.78 -36.89
CA LEU B 105 3.13 25.49 -36.78
C LEU B 105 2.43 24.61 -35.75
N ASP B 106 2.06 23.41 -36.16
CA ASP B 106 1.36 22.46 -35.29
C ASP B 106 2.16 21.17 -35.22
N ILE B 107 2.45 20.71 -34.01
CA ILE B 107 3.20 19.48 -33.84
C ILE B 107 2.61 18.63 -32.72
N ARG B 108 2.38 17.36 -33.00
CA ARG B 108 1.81 16.46 -32.01
C ARG B 108 2.57 15.14 -31.94
N ALA B 109 2.90 14.74 -30.73
CA ALA B 109 3.57 13.49 -30.48
C ALA B 109 2.57 12.67 -29.68
N GLN B 110 2.13 11.55 -30.24
CA GLN B 110 1.16 10.70 -29.57
C GLN B 110 1.61 9.25 -29.57
N GLY B 111 1.39 8.59 -28.45
CA GLY B 111 1.79 7.19 -28.30
C GLY B 111 1.91 6.84 -26.83
N LEU B 112 2.62 5.78 -26.52
CA LEU B 112 2.80 5.38 -25.12
C LEU B 112 3.50 6.54 -24.40
N LEU B 113 2.93 6.94 -23.27
CA LEU B 113 3.45 8.05 -22.51
C LEU B 113 4.94 7.97 -22.13
N TYR B 114 5.39 6.81 -21.66
CA TYR B 114 6.80 6.71 -21.27
C TYR B 114 7.71 6.95 -22.47
N ARG B 115 7.19 6.69 -23.67
CA ARG B 115 7.97 6.93 -24.88
C ARG B 115 7.88 8.37 -25.38
N VAL B 116 6.67 8.85 -25.65
CA VAL B 116 6.51 10.18 -26.20
C VAL B 116 6.89 11.36 -25.32
N THR B 117 6.98 11.15 -24.01
CA THR B 117 7.35 12.27 -23.17
C THR B 117 8.77 12.72 -23.52
N LEU B 118 9.58 11.78 -24.04
CA LEU B 118 10.97 12.07 -24.40
C LEU B 118 11.15 12.99 -25.60
N TRP B 119 10.08 13.20 -26.37
CA TRP B 119 10.13 14.08 -27.54
C TRP B 119 10.16 15.58 -27.21
N GLU B 120 9.46 15.97 -26.14
CA GLU B 120 9.34 17.39 -25.78
C GLU B 120 10.54 18.32 -25.89
N THR B 121 11.53 18.11 -25.04
CA THR B 121 12.70 18.97 -25.03
C THR B 121 13.49 18.98 -26.33
N PRO B 122 13.79 17.80 -26.90
CA PRO B 122 14.54 17.78 -28.16
C PRO B 122 13.81 18.54 -29.28
N ILE B 123 12.51 18.30 -29.40
CA ILE B 123 11.73 18.96 -30.45
C ILE B 123 11.75 20.49 -30.29
N LEU B 124 11.56 20.97 -29.06
CA LEU B 124 11.58 22.42 -28.84
C LEU B 124 12.95 23.02 -29.13
N ALA B 125 14.01 22.31 -28.72
CA ALA B 125 15.37 22.77 -28.95
C ALA B 125 15.65 22.79 -30.46
N VAL B 126 15.13 21.79 -31.17
CA VAL B 126 15.32 21.71 -32.61
C VAL B 126 14.61 22.88 -33.30
N ILE B 127 13.36 23.12 -32.93
CA ILE B 127 12.59 24.20 -33.53
C ILE B 127 13.29 25.53 -33.30
N SER B 128 13.75 25.74 -32.08
CA SER B 128 14.42 26.97 -31.74
C SER B 128 15.69 27.17 -32.58
N GLU B 129 16.56 26.17 -32.61
CA GLU B 129 17.80 26.28 -33.37
C GLU B 129 17.52 26.44 -34.87
N LEU B 130 16.60 25.65 -35.41
CA LEU B 130 16.24 25.73 -36.84
C LEU B 130 15.72 27.12 -37.17
N TYR B 131 14.93 27.68 -36.26
CA TYR B 131 14.34 28.99 -36.46
C TYR B 131 15.36 30.08 -36.70
N TYR B 132 16.32 30.21 -35.78
CA TYR B 132 17.34 31.24 -35.91
C TYR B 132 18.19 31.02 -37.16
N ARG B 133 18.45 29.77 -37.51
CA ARG B 133 19.21 29.49 -38.72
C ARG B 133 18.38 29.99 -39.90
N PHE B 134 17.10 29.62 -39.88
CA PHE B 134 16.18 29.97 -40.94
C PHE B 134 16.09 31.46 -41.24
N ILE B 135 16.05 32.28 -40.19
CA ILE B 135 15.96 33.71 -40.39
C ILE B 135 17.34 34.36 -40.46
N GLY B 136 18.37 33.51 -40.56
CA GLY B 136 19.72 34.01 -40.67
C GLY B 136 20.32 34.72 -39.46
N ALA B 137 19.75 34.51 -38.28
CA ALA B 137 20.30 35.15 -37.09
C ALA B 137 21.57 34.44 -36.64
N GLU B 138 22.51 35.22 -36.10
CA GLU B 138 23.78 34.68 -35.62
C GLU B 138 24.08 35.29 -34.26
N PRO B 139 24.74 34.52 -33.38
CA PRO B 139 25.06 35.06 -32.06
C PRO B 139 26.29 35.97 -32.07
N ASP B 140 26.29 36.97 -31.19
CA ASP B 140 27.43 37.86 -31.06
C ASP B 140 28.29 37.19 -29.99
N TRP B 141 29.17 36.31 -30.43
CA TRP B 141 30.02 35.57 -29.51
C TRP B 141 30.78 36.43 -28.51
N LYS B 142 31.12 37.65 -28.91
CA LYS B 142 31.85 38.54 -28.01
C LYS B 142 30.95 38.83 -26.82
N GLN B 143 29.68 39.10 -27.08
CA GLN B 143 28.74 39.39 -26.03
C GLN B 143 28.47 38.14 -25.19
N VAL B 144 28.31 37.00 -25.85
CA VAL B 144 28.05 35.77 -25.14
C VAL B 144 29.18 35.55 -24.13
N GLU B 145 30.42 35.63 -24.60
CA GLU B 145 31.58 35.44 -23.74
C GLU B 145 31.53 36.40 -22.56
N GLU B 146 31.37 37.68 -22.85
CA GLU B 146 31.35 38.73 -21.84
C GLU B 146 30.22 38.73 -20.82
N VAL B 147 28.97 38.70 -21.27
CA VAL B 147 27.85 38.72 -20.33
C VAL B 147 27.77 37.45 -19.50
N THR B 148 28.14 36.32 -20.09
CA THR B 148 28.06 35.05 -19.36
C THR B 148 29.08 35.08 -18.23
N ARG B 149 30.27 35.60 -18.52
CA ARG B 149 31.30 35.68 -17.49
C ARG B 149 30.81 36.59 -16.37
N SER B 150 30.25 37.75 -16.74
CA SER B 150 29.74 38.68 -15.73
C SER B 150 28.68 38.03 -14.87
N LYS B 151 27.75 37.30 -15.50
CA LYS B 151 26.68 36.65 -14.76
C LYS B 151 27.28 35.63 -13.79
N GLY B 152 28.23 34.83 -14.26
CA GLY B 152 28.85 33.83 -13.40
C GLY B 152 29.53 34.46 -12.20
N GLU B 153 30.31 35.52 -12.43
CA GLU B 153 31.01 36.19 -11.34
C GLU B 153 30.02 36.78 -10.35
N LEU B 154 28.92 37.33 -10.84
CA LEU B 154 27.89 37.92 -9.98
C LEU B 154 27.27 36.86 -9.07
N MET B 155 26.87 35.73 -9.65
CA MET B 155 26.26 34.66 -8.86
C MET B 155 27.26 34.13 -7.82
N ARG B 156 28.52 34.04 -8.23
CA ARG B 156 29.56 33.55 -7.35
C ARG B 156 29.72 34.49 -6.16
N GLU B 157 29.83 35.79 -6.44
CA GLU B 157 29.99 36.82 -5.44
C GLU B 157 28.85 36.80 -4.41
N HIS B 158 27.61 36.69 -4.88
CA HIS B 158 26.47 36.66 -3.97
C HIS B 158 26.13 35.26 -3.46
N ARG B 159 26.94 34.27 -3.85
CA ARG B 159 26.73 32.90 -3.41
C ARG B 159 25.30 32.45 -3.71
N ALA B 160 24.83 32.78 -4.91
CA ALA B 160 23.49 32.42 -5.33
C ALA B 160 23.51 31.04 -6.02
N THR B 161 23.10 30.00 -5.30
CA THR B 161 23.09 28.64 -5.86
C THR B 161 22.11 28.58 -7.03
N PHE B 162 22.60 28.23 -8.20
CA PHE B 162 21.74 28.16 -9.37
C PHE B 162 22.05 27.01 -10.30
N SER B 163 21.09 26.66 -11.14
CA SER B 163 21.24 25.60 -12.12
C SER B 163 20.83 26.15 -13.48
N ILE B 164 21.38 25.56 -14.54
CA ILE B 164 21.07 25.97 -15.91
C ILE B 164 19.86 25.17 -16.41
N PHE B 165 18.74 25.85 -16.64
CA PHE B 165 17.50 25.22 -17.11
C PHE B 165 17.04 25.84 -18.43
N GLY B 166 17.95 26.17 -19.34
CA GLY B 166 17.47 26.79 -20.57
C GLY B 166 17.55 26.05 -21.89
N MET B 167 17.55 24.71 -21.85
CA MET B 167 17.67 23.93 -23.07
C MET B 167 16.56 24.14 -24.11
N ARG B 168 15.31 23.99 -23.70
CA ARG B 168 14.19 24.12 -24.62
C ARG B 168 14.14 25.36 -25.48
N ARG B 169 14.65 26.49 -24.97
CA ARG B 169 14.63 27.73 -25.74
C ARG B 169 16.01 28.29 -26.07
N ARG B 170 17.04 27.46 -25.96
CA ARG B 170 18.39 27.89 -26.26
C ARG B 170 18.49 28.40 -27.70
N PHE B 171 19.42 29.30 -27.96
CA PHE B 171 19.63 29.81 -29.31
C PHE B 171 20.11 28.64 -30.17
N SER B 172 20.99 27.82 -29.61
CA SER B 172 21.54 26.66 -30.30
C SER B 172 22.30 25.79 -29.30
N LEU B 173 22.62 24.56 -29.69
CA LEU B 173 23.37 23.65 -28.81
C LEU B 173 24.72 24.28 -28.53
N GLU B 174 25.32 24.85 -29.57
CA GLU B 174 26.62 25.48 -29.48
C GLU B 174 26.63 26.61 -28.45
N VAL B 175 25.57 27.43 -28.45
CA VAL B 175 25.50 28.52 -27.49
C VAL B 175 25.34 27.97 -26.07
N GLU B 176 24.43 27.01 -25.86
CA GLU B 176 24.27 26.44 -24.52
C GLU B 176 25.55 25.78 -24.05
N ASP B 177 26.23 25.09 -24.97
CA ASP B 177 27.48 24.41 -24.65
C ASP B 177 28.54 25.39 -24.15
N ARG B 178 28.78 26.44 -24.92
CA ARG B 178 29.77 27.45 -24.55
C ARG B 178 29.40 28.20 -23.27
N VAL B 179 28.12 28.55 -23.13
CA VAL B 179 27.65 29.27 -21.95
C VAL B 179 27.87 28.42 -20.71
N THR B 180 27.59 27.13 -20.81
CA THR B 180 27.78 26.20 -19.69
C THR B 180 29.27 26.16 -19.32
N ASP B 181 30.12 26.12 -20.34
CA ASP B 181 31.56 26.06 -20.13
C ASP B 181 32.06 27.32 -19.41
N ILE B 182 31.56 28.48 -19.84
CA ILE B 182 31.96 29.74 -19.23
C ILE B 182 31.48 29.85 -17.77
N LEU B 183 30.23 29.49 -17.54
CA LEU B 183 29.67 29.54 -16.19
C LEU B 183 30.46 28.63 -15.25
N LYS B 184 30.79 27.43 -15.72
CA LYS B 184 31.53 26.50 -14.90
C LYS B 184 32.86 27.13 -14.50
N GLN B 185 33.43 27.88 -15.41
CA GLN B 185 34.71 28.53 -15.21
C GLN B 185 34.66 29.74 -14.27
N TYR B 186 33.56 30.50 -14.29
CA TYR B 186 33.47 31.69 -13.46
C TYR B 186 32.49 31.70 -12.29
N ALA B 187 31.52 30.80 -12.27
CA ALA B 187 30.53 30.81 -11.20
C ALA B 187 31.01 30.18 -9.89
N GLY B 188 32.12 29.45 -9.95
CA GLY B 188 32.63 28.82 -8.74
C GLY B 188 31.64 27.81 -8.21
N GLU B 189 31.46 27.79 -6.90
CA GLU B 189 30.52 26.86 -6.26
C GLU B 189 29.06 27.26 -6.41
N SER B 190 28.79 28.47 -6.89
CA SER B 190 27.40 28.91 -7.04
C SER B 190 26.66 28.09 -8.12
N LEU B 191 27.40 27.53 -9.07
CA LEU B 191 26.79 26.72 -10.11
C LEU B 191 26.51 25.33 -9.57
N PHE B 192 25.25 25.01 -9.32
CA PHE B 192 24.91 23.70 -8.79
C PHE B 192 25.06 22.64 -9.86
N GLY B 193 24.50 22.91 -11.03
CA GLY B 193 24.58 21.96 -12.13
C GLY B 193 23.70 22.39 -13.30
N THR B 194 23.39 21.44 -14.17
CA THR B 194 22.57 21.74 -15.33
C THR B 194 21.51 20.68 -15.57
N SER B 195 20.41 21.09 -16.18
CA SER B 195 19.32 20.18 -16.48
C SER B 195 19.67 19.33 -17.72
N ASN B 196 20.53 19.88 -18.58
CA ASN B 196 20.94 19.19 -19.81
C ASN B 196 21.91 18.06 -19.45
N VAL B 197 21.43 16.83 -19.50
CA VAL B 197 22.23 15.68 -19.12
C VAL B 197 23.49 15.53 -19.96
N HIS B 198 23.38 15.78 -21.25
CA HIS B 198 24.51 15.69 -22.17
C HIS B 198 25.62 16.66 -21.79
N LEU B 199 25.26 17.90 -21.54
CA LEU B 199 26.27 18.90 -21.19
C LEU B 199 26.83 18.70 -19.80
N ALA B 200 26.06 18.06 -18.92
CA ALA B 200 26.52 17.78 -17.57
C ALA B 200 27.61 16.72 -17.72
N HIS B 201 27.37 15.78 -18.62
CA HIS B 201 28.32 14.71 -18.88
C HIS B 201 29.59 15.31 -19.48
N LYS B 202 29.41 16.10 -20.53
CA LYS B 202 30.52 16.74 -21.21
C LYS B 202 31.38 17.65 -20.35
N HIS B 203 30.75 18.48 -19.53
CA HIS B 203 31.49 19.41 -18.70
C HIS B 203 31.73 18.97 -17.25
N GLY B 204 31.40 17.73 -16.94
CA GLY B 204 31.59 17.20 -15.60
C GLY B 204 30.82 17.95 -14.52
N LEU B 205 29.55 18.23 -14.77
CA LEU B 205 28.72 18.93 -13.81
C LEU B 205 27.63 18.00 -13.30
N ARG B 206 27.00 18.36 -12.18
CA ARG B 206 25.92 17.57 -11.63
C ARG B 206 24.69 17.85 -12.50
N VAL B 207 23.78 16.89 -12.59
CA VAL B 207 22.54 17.11 -13.34
C VAL B 207 21.60 17.72 -12.31
N SER B 208 20.67 18.56 -12.76
CA SER B 208 19.76 19.22 -11.85
C SER B 208 18.36 19.33 -12.46
N GLY B 209 17.34 19.10 -11.64
CA GLY B 209 15.98 19.19 -12.13
C GLY B 209 14.98 18.67 -11.12
N THR B 210 13.69 18.87 -11.40
CA THR B 210 12.63 18.41 -10.52
C THR B 210 11.59 17.70 -11.38
N HIS B 211 10.62 17.05 -10.74
CA HIS B 211 9.58 16.39 -11.52
C HIS B 211 8.87 17.55 -12.23
N PRO B 212 8.24 17.28 -13.38
CA PRO B 212 7.54 18.33 -14.14
C PRO B 212 6.04 18.41 -13.86
N HIS B 213 5.40 19.41 -14.44
CA HIS B 213 3.97 19.61 -14.29
C HIS B 213 3.19 18.45 -14.91
N GLU B 214 3.70 17.89 -16.01
CA GLU B 214 3.02 16.79 -16.69
C GLU B 214 2.75 15.61 -15.77
N TRP B 215 3.65 15.38 -14.82
CA TRP B 215 3.50 14.27 -13.88
C TRP B 215 2.24 14.49 -13.03
N ILE B 216 2.06 15.70 -12.52
CA ILE B 216 0.90 16.03 -11.71
C ILE B 216 -0.35 16.05 -12.59
N GLN B 217 -0.23 16.65 -13.77
CA GLN B 217 -1.34 16.75 -14.70
C GLN B 217 -1.87 15.39 -15.10
N PHE B 218 -0.96 14.45 -15.33
CA PHE B 218 -1.36 13.10 -15.68
C PHE B 218 -2.25 12.54 -14.57
N HIS B 219 -1.80 12.72 -13.33
CA HIS B 219 -2.55 12.23 -12.18
C HIS B 219 -3.90 12.94 -12.04
N GLY B 220 -3.93 14.23 -12.38
CA GLY B 220 -5.18 14.96 -12.29
C GLY B 220 -6.19 14.45 -13.31
N ALA B 221 -5.71 14.10 -14.50
CA ALA B 221 -6.60 13.62 -15.55
C ALA B 221 -7.12 12.21 -15.26
N ILE B 222 -6.26 11.38 -14.68
CA ILE B 222 -6.62 10.01 -14.36
C ILE B 222 -7.34 9.84 -13.03
N TYR B 223 -6.80 10.45 -11.97
CA TYR B 223 -7.37 10.31 -10.63
C TYR B 223 -8.29 11.42 -10.16
N GLY B 224 -8.41 12.50 -10.93
CA GLY B 224 -9.26 13.59 -10.51
C GLY B 224 -8.44 14.67 -9.83
N TYR B 225 -9.00 15.87 -9.77
CA TYR B 225 -8.31 17.03 -9.19
C TYR B 225 -8.13 17.02 -7.68
N LYS B 226 -9.11 16.52 -6.94
CA LYS B 226 -8.96 16.53 -5.49
C LYS B 226 -7.71 15.79 -4.99
N MET B 227 -7.43 14.61 -5.55
CA MET B 227 -6.28 13.83 -5.11
C MET B 227 -5.02 13.91 -5.98
N ALA B 228 -5.08 14.69 -7.05
CA ALA B 228 -3.95 14.81 -7.97
C ALA B 228 -2.59 15.02 -7.29
N ASN B 229 -2.44 16.13 -6.58
CA ASN B 229 -1.19 16.43 -5.91
C ASN B 229 -0.75 15.32 -4.97
N TYR B 230 -1.68 14.86 -4.14
CA TYR B 230 -1.36 13.81 -3.17
C TYR B 230 -0.88 12.50 -3.81
N VAL B 231 -1.64 11.95 -4.75
CA VAL B 231 -1.24 10.71 -5.39
C VAL B 231 0.02 10.87 -6.24
N ALA B 232 0.20 12.05 -6.83
CA ALA B 232 1.40 12.29 -7.63
C ALA B 232 2.64 12.19 -6.73
N MET B 233 2.56 12.80 -5.54
CA MET B 233 3.68 12.75 -4.60
C MET B 233 3.91 11.32 -4.09
N GLU B 234 2.83 10.62 -3.75
CA GLU B 234 2.97 9.24 -3.27
C GLU B 234 3.61 8.35 -4.33
N ASP B 235 3.19 8.52 -5.59
CA ASP B 235 3.76 7.73 -6.67
C ASP B 235 5.23 8.10 -6.91
N TRP B 236 5.56 9.37 -6.76
CA TRP B 236 6.94 9.81 -6.96
C TRP B 236 7.83 9.16 -5.88
N ILE B 237 7.31 9.07 -4.66
CA ILE B 237 8.06 8.46 -3.57
C ILE B 237 8.21 6.97 -3.83
N ASN B 238 7.16 6.35 -4.36
CA ASN B 238 7.23 4.93 -4.68
C ASN B 238 8.36 4.67 -5.67
N VAL B 239 8.51 5.58 -6.63
CA VAL B 239 9.52 5.43 -7.65
C VAL B 239 10.93 5.77 -7.18
N TYR B 240 11.09 6.89 -6.48
CA TYR B 240 12.42 7.30 -6.07
C TYR B 240 12.80 7.21 -4.60
N ASP B 241 11.90 6.67 -3.78
CA ASP B 241 12.15 6.46 -2.35
C ASP B 241 12.76 7.65 -1.61
N GLY B 242 12.30 8.86 -1.91
CA GLY B 242 12.85 10.01 -1.22
C GLY B 242 13.86 10.82 -2.00
N ASP B 243 14.43 10.25 -3.07
CA ASP B 243 15.38 11.00 -3.89
C ASP B 243 14.57 11.99 -4.73
N LEU B 244 15.23 12.97 -5.32
CA LEU B 244 14.54 13.97 -6.15
C LEU B 244 13.34 14.53 -5.38
N GLY B 245 13.57 14.87 -4.12
CA GLY B 245 12.50 15.36 -3.26
C GLY B 245 12.03 16.81 -3.38
N THR B 246 11.81 17.29 -4.59
CA THR B 246 11.34 18.67 -4.79
C THR B 246 9.96 18.56 -5.42
N VAL B 247 9.02 19.39 -4.98
CA VAL B 247 7.69 19.32 -5.55
C VAL B 247 7.16 20.65 -6.08
N LEU B 248 6.48 20.57 -7.23
CA LEU B 248 5.87 21.74 -7.88
C LEU B 248 4.52 21.92 -7.21
N THR B 249 4.17 23.16 -6.89
CA THR B 249 2.91 23.43 -6.21
C THR B 249 1.82 24.15 -6.98
N ASP B 250 2.15 24.76 -8.11
CA ASP B 250 1.15 25.56 -8.83
C ASP B 250 0.29 24.89 -9.91
N THR B 251 0.49 23.59 -10.14
CA THR B 251 -0.29 22.89 -11.17
C THR B 251 -1.77 23.25 -11.11
N TYR B 252 -2.37 23.15 -9.93
CA TYR B 252 -3.77 23.49 -9.79
C TYR B 252 -3.89 24.62 -8.80
N THR B 253 -2.91 25.53 -8.83
CA THR B 253 -2.90 26.67 -7.92
C THR B 253 -2.20 26.29 -6.62
N THR B 254 -1.31 27.15 -6.15
CA THR B 254 -0.57 26.89 -4.93
C THR B 254 -1.47 26.89 -3.69
N ASP B 255 -2.56 27.66 -3.72
CA ASP B 255 -3.45 27.69 -2.55
C ASP B 255 -4.10 26.32 -2.36
N VAL B 256 -4.44 25.67 -3.47
CA VAL B 256 -5.02 24.34 -3.40
C VAL B 256 -3.97 23.36 -2.89
N PHE B 257 -2.74 23.49 -3.38
CA PHE B 257 -1.67 22.60 -2.96
C PHE B 257 -1.43 22.70 -1.45
N MET B 258 -1.19 23.93 -0.99
CA MET B 258 -0.93 24.17 0.43
C MET B 258 -2.06 23.67 1.33
N ARG B 259 -3.30 23.96 0.94
CA ARG B 259 -4.44 23.53 1.72
C ARG B 259 -4.46 22.01 1.91
N ASN B 260 -4.00 21.26 0.92
CA ASN B 260 -4.00 19.81 1.00
C ASN B 260 -2.64 19.16 1.27
N PHE B 261 -1.63 19.98 1.54
CA PHE B 261 -0.27 19.49 1.81
C PHE B 261 -0.26 18.75 3.13
N SER B 262 -0.01 17.44 3.10
CA SER B 262 0.00 16.66 4.33
C SER B 262 1.30 16.81 5.10
N LYS B 263 1.23 16.60 6.41
CA LYS B 263 2.39 16.71 7.27
C LYS B 263 3.49 15.75 6.81
N LYS B 264 3.08 14.53 6.46
CA LYS B 264 4.01 13.50 6.01
C LYS B 264 4.86 13.99 4.81
N HIS B 265 4.19 14.52 3.78
CA HIS B 265 4.88 14.99 2.60
C HIS B 265 5.69 16.26 2.89
N ALA B 266 5.15 17.13 3.73
CA ALA B 266 5.86 18.35 4.08
C ALA B 266 7.17 18.01 4.78
N MET B 267 7.14 16.97 5.62
CA MET B 267 8.33 16.54 6.33
C MET B 267 9.31 15.79 5.43
N LEU B 268 8.78 14.95 4.55
CA LEU B 268 9.63 14.15 3.65
C LEU B 268 10.31 14.94 2.53
N PHE B 269 9.56 15.76 1.81
CA PHE B 269 10.14 16.55 0.73
C PHE B 269 11.02 17.64 1.32
N THR B 270 12.19 17.85 0.72
CA THR B 270 13.12 18.84 1.23
C THR B 270 12.87 20.20 0.64
N SER B 271 12.15 20.26 -0.48
CA SER B 271 11.93 21.55 -1.10
C SER B 271 10.70 21.67 -2.00
N LEU B 272 10.34 22.93 -2.27
CA LEU B 272 9.21 23.25 -3.12
C LEU B 272 9.78 24.03 -4.27
N ARG B 273 9.06 24.03 -5.39
CA ARG B 273 9.53 24.78 -6.53
C ARG B 273 8.51 25.86 -6.88
N HIS B 274 9.00 27.10 -6.98
CA HIS B 274 8.17 28.24 -7.34
C HIS B 274 8.35 28.41 -8.86
N ASP B 275 7.26 28.39 -9.60
CA ASP B 275 7.38 28.54 -11.04
C ASP B 275 6.41 29.52 -11.69
N SER B 276 5.62 30.22 -10.88
CA SER B 276 4.69 31.22 -11.42
C SER B 276 4.15 32.10 -10.30
N GLY B 277 3.73 33.31 -10.66
CA GLY B 277 3.21 34.24 -9.66
C GLY B 277 4.33 34.98 -8.95
N ASP B 278 3.96 35.88 -8.06
CA ASP B 278 4.92 36.67 -7.30
C ASP B 278 5.68 35.79 -6.30
N PRO B 279 7.01 35.80 -6.35
CA PRO B 279 7.84 35.01 -5.44
C PRO B 279 7.67 35.37 -3.96
N GLU B 280 7.52 36.65 -3.67
CA GLU B 280 7.34 37.10 -2.28
C GLU B 280 6.05 36.53 -1.70
N ILE B 281 5.01 36.48 -2.53
CA ILE B 281 3.73 35.92 -2.07
C ILE B 281 3.89 34.42 -1.87
N PHE B 282 4.63 33.77 -2.75
CA PHE B 282 4.86 32.34 -2.64
C PHE B 282 5.62 32.02 -1.35
N ILE B 283 6.64 32.82 -1.06
CA ILE B 283 7.42 32.61 0.16
C ILE B 283 6.54 32.66 1.42
N GLU B 284 5.64 33.65 1.49
CA GLU B 284 4.74 33.77 2.64
C GLU B 284 3.87 32.54 2.80
N LYS B 285 3.23 32.10 1.70
CA LYS B 285 2.36 30.92 1.75
C LYS B 285 3.10 29.69 2.23
N ALA B 286 4.30 29.47 1.67
CA ALA B 286 5.11 28.32 2.04
C ALA B 286 5.47 28.34 3.53
N VAL B 287 6.05 29.45 3.98
CA VAL B 287 6.44 29.60 5.38
C VAL B 287 5.26 29.44 6.32
N ARG B 288 4.13 30.03 5.96
CA ARG B 288 2.94 29.93 6.81
C ARG B 288 2.42 28.49 6.91
N ARG B 289 2.35 27.79 5.78
CA ARG B 289 1.85 26.42 5.81
C ARG B 289 2.78 25.49 6.59
N TYR B 290 4.09 25.67 6.41
CA TYR B 290 5.03 24.83 7.13
C TYR B 290 4.84 24.99 8.64
N GLU B 291 4.62 26.22 9.09
CA GLU B 291 4.42 26.45 10.50
C GLU B 291 3.10 25.91 11.00
N GLU B 292 2.09 25.92 10.15
CA GLU B 292 0.80 25.34 10.52
C GLU B 292 1.00 23.86 10.77
N LEU B 293 1.83 23.24 9.93
CA LEU B 293 2.10 21.81 10.03
C LEU B 293 3.19 21.51 11.07
N ARG B 294 3.69 22.56 11.72
CA ARG B 294 4.75 22.39 12.72
C ARG B 294 6.01 21.76 12.11
N VAL B 295 6.36 22.26 10.92
CA VAL B 295 7.54 21.81 10.21
C VAL B 295 8.40 23.07 10.11
N ASP B 296 9.70 22.93 10.35
CA ASP B 296 10.61 24.07 10.31
C ASP B 296 10.97 24.50 8.90
N PRO B 297 10.42 25.64 8.45
CA PRO B 297 10.71 26.14 7.09
C PRO B 297 12.17 26.47 6.85
N LYS B 298 12.90 26.79 7.91
CA LYS B 298 14.31 27.14 7.78
C LYS B 298 15.18 26.00 7.29
N ILE B 299 14.75 24.75 7.48
CA ILE B 299 15.54 23.61 7.01
C ILE B 299 15.08 23.20 5.60
N LYS B 300 14.06 23.88 5.09
CA LYS B 300 13.55 23.56 3.75
C LYS B 300 14.12 24.54 2.72
N TYR B 301 14.00 24.17 1.45
CA TYR B 301 14.50 24.99 0.35
C TYR B 301 13.39 25.29 -0.66
N ILE B 302 13.55 26.39 -1.37
CA ILE B 302 12.63 26.73 -2.43
C ILE B 302 13.50 26.97 -3.66
N ILE B 303 13.17 26.29 -4.74
CA ILE B 303 13.89 26.46 -5.99
C ILE B 303 13.00 27.36 -6.85
N PHE B 304 13.47 28.56 -7.13
CA PHE B 304 12.74 29.54 -7.93
C PHE B 304 13.20 29.40 -9.38
N SER B 305 12.25 29.30 -10.30
CA SER B 305 12.59 29.13 -11.71
C SER B 305 11.70 29.89 -12.68
N ASP B 306 10.98 30.89 -12.21
CA ASP B 306 10.10 31.64 -13.10
C ASP B 306 10.77 32.81 -13.84
N SER B 307 11.18 32.56 -15.08
CA SER B 307 11.83 33.57 -15.93
C SER B 307 12.80 34.46 -15.17
N LEU B 308 13.81 33.84 -14.57
CA LEU B 308 14.78 34.57 -13.78
C LEU B 308 15.96 35.17 -14.53
N THR B 309 16.59 36.14 -13.88
CA THR B 309 17.80 36.79 -14.36
C THR B 309 18.67 36.72 -13.10
N PRO B 310 19.99 36.78 -13.25
CA PRO B 310 20.85 36.73 -12.07
C PRO B 310 20.45 37.77 -11.04
N GLN B 311 20.17 38.99 -11.51
CA GLN B 311 19.79 40.06 -10.60
C GLN B 311 18.49 39.77 -9.85
N ARG B 312 17.50 39.23 -10.54
CA ARG B 312 16.24 38.91 -9.92
C ARG B 312 16.45 37.80 -8.88
N ALA B 313 17.37 36.89 -9.15
CA ALA B 313 17.65 35.81 -8.24
C ALA B 313 18.21 36.38 -6.94
N ILE B 314 19.09 37.37 -7.06
CA ILE B 314 19.68 38.03 -5.91
C ILE B 314 18.62 38.72 -5.06
N GLU B 315 17.63 39.32 -5.71
CA GLU B 315 16.55 40.00 -5.01
C GLU B 315 15.72 38.99 -4.21
N ILE B 316 15.35 37.88 -4.84
CA ILE B 316 14.57 36.84 -4.17
C ILE B 316 15.37 36.28 -3.01
N GLN B 317 16.68 36.17 -3.21
CA GLN B 317 17.59 35.67 -2.21
C GLN B 317 17.49 36.52 -0.93
N LYS B 318 17.32 37.82 -1.08
CA LYS B 318 17.18 38.72 0.07
C LYS B 318 15.86 38.44 0.79
N LEU B 319 14.78 38.30 0.01
CA LEU B 319 13.46 38.00 0.57
C LEU B 319 13.46 36.73 1.42
N CYS B 320 14.30 35.76 1.05
CA CYS B 320 14.37 34.49 1.77
C CYS B 320 15.26 34.50 2.99
N ALA B 321 16.21 35.44 3.02
CA ALA B 321 17.16 35.54 4.13
C ALA B 321 16.50 35.40 5.50
N GLY B 322 16.96 34.41 6.28
CA GLY B 322 16.45 34.18 7.60
C GLY B 322 15.08 33.53 7.71
N ARG B 323 14.51 33.09 6.59
CA ARG B 323 13.19 32.46 6.63
C ARG B 323 13.17 31.05 6.06
N ILE B 324 13.80 30.88 4.91
CA ILE B 324 13.83 29.59 4.24
C ILE B 324 15.00 29.63 3.24
N LYS B 325 15.58 28.48 2.95
CA LYS B 325 16.69 28.43 2.01
C LYS B 325 16.24 28.61 0.57
N ALA B 326 17.15 29.07 -0.29
CA ALA B 326 16.79 29.29 -1.68
C ALA B 326 17.84 28.86 -2.70
N SER B 327 17.37 28.40 -3.85
CA SER B 327 18.24 28.02 -4.97
C SER B 327 17.50 28.51 -6.20
N PHE B 328 18.18 28.48 -7.35
CA PHE B 328 17.54 28.99 -8.54
C PHE B 328 17.74 28.17 -9.79
N GLY B 329 16.78 28.29 -10.70
CA GLY B 329 16.83 27.62 -11.97
C GLY B 329 16.76 28.75 -12.97
N ILE B 330 17.84 28.99 -13.70
CA ILE B 330 17.88 30.08 -14.67
C ILE B 330 17.89 29.50 -16.07
N GLY B 331 16.98 30.00 -16.92
CA GLY B 331 16.88 29.47 -18.27
C GLY B 331 17.33 30.32 -19.44
N THR B 332 16.35 30.83 -20.17
CA THR B 332 16.59 31.62 -21.37
C THR B 332 17.56 32.79 -21.21
N ASN B 333 17.60 33.41 -20.04
CA ASN B 333 18.54 34.51 -19.82
C ASN B 333 19.98 34.06 -20.07
N LEU B 334 20.24 32.77 -19.86
CA LEU B 334 21.59 32.24 -20.06
C LEU B 334 21.80 31.61 -21.44
N THR B 335 20.83 30.82 -21.89
CA THR B 335 20.97 30.11 -23.16
C THR B 335 20.51 30.83 -24.42
N ASN B 336 19.88 31.99 -24.26
CA ASN B 336 19.42 32.73 -25.42
C ASN B 336 19.48 34.22 -25.13
N ASP B 337 20.70 34.74 -25.09
CA ASP B 337 20.97 36.15 -24.82
C ASP B 337 22.20 36.45 -25.68
N VAL B 338 22.07 36.23 -26.97
CA VAL B 338 23.15 36.39 -27.93
C VAL B 338 23.32 37.78 -28.58
N GLY B 339 22.56 38.76 -28.09
CA GLY B 339 22.66 40.10 -28.65
C GLY B 339 22.09 40.23 -30.05
N GLY B 340 22.12 41.45 -30.58
CA GLY B 340 21.62 41.68 -31.93
C GLY B 340 20.10 41.73 -32.00
N GLY B 341 19.45 42.08 -30.90
CA GLY B 341 18.01 42.15 -30.89
C GLY B 341 17.34 40.79 -30.99
N VAL B 342 18.14 39.73 -31.02
CA VAL B 342 17.59 38.38 -31.11
C VAL B 342 16.81 38.06 -29.84
N GLU B 343 15.56 37.65 -30.01
CA GLU B 343 14.70 37.33 -28.87
C GLU B 343 14.29 35.87 -28.87
N PRO B 344 14.15 35.28 -27.67
CA PRO B 344 13.76 33.87 -27.52
C PRO B 344 12.35 33.62 -28.06
N LEU B 345 12.12 32.41 -28.57
CA LEU B 345 10.81 32.05 -29.08
C LEU B 345 9.93 31.76 -27.88
N ASN B 346 8.63 32.01 -27.99
CA ASN B 346 7.72 31.76 -26.89
C ASN B 346 6.95 30.46 -27.20
N ILE B 347 7.66 29.35 -27.13
CA ILE B 347 7.10 28.05 -27.46
C ILE B 347 7.09 27.03 -26.33
N VAL B 348 6.10 26.15 -26.36
CA VAL B 348 5.99 25.08 -25.38
C VAL B 348 5.40 23.86 -26.08
N MET B 349 5.48 22.71 -25.43
CA MET B 349 4.93 21.47 -25.96
C MET B 349 4.43 20.74 -24.71
N LYS B 350 3.12 20.80 -24.49
CA LYS B 350 2.52 20.23 -23.30
C LYS B 350 1.66 18.99 -23.48
N LEU B 351 1.54 18.22 -22.39
CA LEU B 351 0.72 17.02 -22.40
C LEU B 351 -0.70 17.56 -22.48
N TRP B 352 -1.40 17.25 -23.55
CA TRP B 352 -2.74 17.75 -23.76
C TRP B 352 -3.84 16.80 -23.29
N LYS B 353 -3.58 15.50 -23.43
CA LYS B 353 -4.53 14.50 -23.03
C LYS B 353 -3.82 13.16 -22.82
N CYS B 354 -4.47 12.27 -22.09
CA CYS B 354 -3.88 10.97 -21.79
C CYS B 354 -4.94 9.95 -21.44
N LYS B 355 -4.51 8.70 -21.29
CA LYS B 355 -5.39 7.61 -20.92
C LYS B 355 -4.55 6.59 -20.17
N MET B 356 -5.18 5.81 -19.30
CA MET B 356 -4.47 4.82 -18.50
C MET B 356 -4.01 3.61 -19.30
N THR B 357 -4.81 3.19 -20.28
CA THR B 357 -4.47 2.05 -21.13
C THR B 357 -5.07 2.33 -22.50
N ALA B 358 -4.73 1.49 -23.47
CA ALA B 358 -5.25 1.65 -24.84
C ALA B 358 -6.78 1.68 -24.90
N LYS B 359 -7.43 0.88 -24.06
CA LYS B 359 -8.89 0.81 -24.03
C LYS B 359 -9.61 1.91 -23.23
N ASP B 360 -8.86 2.68 -22.45
CA ASP B 360 -9.44 3.76 -21.65
C ASP B 360 -9.82 4.91 -22.59
N ASP B 361 -10.66 5.83 -22.10
CA ASP B 361 -11.06 6.98 -22.90
C ASP B 361 -9.97 8.02 -22.72
N TRP B 362 -9.98 9.04 -23.58
CA TRP B 362 -9.01 10.11 -23.47
C TRP B 362 -9.48 11.08 -22.40
N HIS B 363 -8.54 11.62 -21.62
CA HIS B 363 -8.85 12.58 -20.56
C HIS B 363 -7.95 13.78 -20.79
N TYR B 364 -8.55 14.95 -20.85
CA TYR B 364 -7.80 16.18 -21.07
C TYR B 364 -7.04 16.61 -19.82
N CYS B 365 -5.85 17.18 -20.03
CA CYS B 365 -5.02 17.65 -18.93
C CYS B 365 -5.08 19.17 -18.90
N VAL B 366 -5.04 19.75 -17.71
CA VAL B 366 -5.06 21.19 -17.59
C VAL B 366 -4.02 21.63 -16.58
N LYS B 367 -3.73 22.92 -16.60
CA LYS B 367 -2.78 23.52 -15.69
C LYS B 367 -3.33 24.90 -15.36
N LEU B 368 -3.34 25.26 -14.09
CA LEU B 368 -3.87 26.55 -13.68
C LEU B 368 -2.85 27.65 -13.36
N SER B 369 -1.74 27.28 -12.72
CA SER B 369 -0.68 28.24 -12.35
C SER B 369 -1.16 29.24 -11.29
N ASP B 370 -0.23 30.04 -10.77
CA ASP B 370 -0.57 31.01 -9.73
C ASP B 370 -0.88 32.40 -10.29
N VAL B 371 -0.96 32.52 -11.61
CA VAL B 371 -1.29 33.80 -12.20
C VAL B 371 -2.75 33.75 -12.63
N ASP B 372 -3.55 34.63 -12.05
CA ASP B 372 -4.98 34.71 -12.38
C ASP B 372 -5.20 34.83 -13.88
N GLY B 373 -6.09 34.00 -14.41
CA GLY B 373 -6.38 34.05 -15.83
C GLY B 373 -5.46 33.22 -16.70
N LYS B 374 -4.21 33.04 -16.27
CA LYS B 374 -3.26 32.26 -17.03
C LYS B 374 -3.50 30.78 -16.81
N HIS B 375 -4.23 30.16 -17.73
CA HIS B 375 -4.56 28.74 -17.66
C HIS B 375 -4.28 28.10 -19.01
N THR B 376 -4.03 26.81 -19.01
CA THR B 376 -3.77 26.10 -20.25
C THR B 376 -4.57 24.80 -20.30
N GLY B 377 -5.03 24.44 -21.48
CA GLY B 377 -5.80 23.22 -21.64
C GLY B 377 -7.21 23.47 -22.17
N GLU B 378 -7.90 22.39 -22.48
CA GLU B 378 -9.27 22.47 -22.97
C GLU B 378 -10.11 23.31 -22.02
N PRO B 379 -10.72 24.40 -22.52
CA PRO B 379 -11.56 25.32 -21.74
C PRO B 379 -12.61 24.62 -20.87
N GLU B 380 -13.30 23.64 -21.45
CA GLU B 380 -14.32 22.90 -20.72
C GLU B 380 -13.71 22.19 -19.51
N GLU B 381 -12.53 21.61 -19.71
CA GLU B 381 -11.84 20.90 -18.65
C GLU B 381 -11.33 21.86 -17.58
N ILE B 382 -10.87 23.04 -17.98
CA ILE B 382 -10.36 24.04 -17.04
C ILE B 382 -11.48 24.43 -16.07
N LEU B 383 -12.67 24.65 -16.62
CA LEU B 383 -13.83 25.04 -15.81
C LEU B 383 -14.15 23.94 -14.80
N LEU B 384 -14.09 22.69 -15.26
CA LEU B 384 -14.36 21.55 -14.40
C LEU B 384 -13.34 21.48 -13.25
N ALA B 385 -12.07 21.75 -13.56
CA ALA B 385 -11.04 21.71 -12.53
C ALA B 385 -11.32 22.79 -11.49
N MET B 386 -11.58 24.01 -11.95
CA MET B 386 -11.86 25.11 -11.03
C MET B 386 -13.08 24.80 -10.16
N ASN B 387 -14.17 24.35 -10.79
CA ASN B 387 -15.37 24.02 -10.02
C ASN B 387 -15.11 22.88 -9.04
N THR B 388 -14.36 21.89 -9.48
CA THR B 388 -14.02 20.75 -8.61
C THR B 388 -13.20 21.19 -7.40
N LEU B 389 -12.26 22.11 -7.61
CA LEU B 389 -11.40 22.58 -6.54
C LEU B 389 -11.98 23.77 -5.78
N GLY B 390 -13.18 24.20 -6.16
CA GLY B 390 -13.79 25.32 -5.49
C GLY B 390 -13.11 26.65 -5.78
N ILE B 391 -12.54 26.77 -6.97
CA ILE B 391 -11.88 28.01 -7.36
C ILE B 391 -12.85 28.91 -8.12
N ILE C 3 22.39 -23.78 -31.28
CA ILE C 3 21.24 -24.60 -30.80
C ILE C 3 20.00 -23.75 -30.48
N ILE C 4 20.18 -22.65 -29.78
CA ILE C 4 19.05 -21.78 -29.47
C ILE C 4 18.94 -20.77 -30.61
N ARG C 5 17.85 -20.83 -31.36
CA ARG C 5 17.64 -19.95 -32.51
C ARG C 5 16.67 -18.81 -32.29
N SER C 6 15.80 -18.94 -31.29
CA SER C 6 14.83 -17.90 -31.00
C SER C 6 14.92 -17.37 -29.57
N ILE C 7 14.77 -16.07 -29.42
CA ILE C 7 14.82 -15.47 -28.11
C ILE C 7 13.57 -15.88 -27.33
N LEU C 8 12.58 -16.44 -28.04
CA LEU C 8 11.35 -16.91 -27.40
C LEU C 8 11.41 -18.41 -27.07
N ASP C 9 12.53 -19.06 -27.40
CA ASP C 9 12.68 -20.48 -27.10
C ASP C 9 13.10 -20.58 -25.64
N THR C 10 12.10 -20.42 -24.77
CA THR C 10 12.30 -20.47 -23.32
C THR C 10 10.92 -20.63 -22.70
N ASP C 11 10.88 -20.76 -21.37
CA ASP C 11 9.62 -20.93 -20.67
C ASP C 11 8.91 -19.62 -20.39
N LEU C 12 7.58 -19.66 -20.44
CA LEU C 12 6.77 -18.47 -20.18
C LEU C 12 7.15 -17.81 -18.85
N TYR C 13 7.30 -18.61 -17.81
CA TYR C 13 7.61 -18.04 -16.50
C TYR C 13 8.88 -17.22 -16.43
N LYS C 14 9.80 -17.42 -17.38
CA LYS C 14 11.03 -16.65 -17.39
C LYS C 14 10.69 -15.20 -17.73
N PHE C 15 9.74 -14.99 -18.63
CA PHE C 15 9.32 -13.64 -18.99
C PHE C 15 8.42 -13.00 -17.95
N THR C 16 7.46 -13.75 -17.43
CA THR C 16 6.54 -13.19 -16.43
C THR C 16 7.27 -12.85 -15.12
N THR C 17 8.23 -13.67 -14.73
CA THR C 17 8.98 -13.41 -13.51
C THR C 17 10.01 -12.34 -13.84
N GLY C 18 10.51 -12.38 -15.07
CA GLY C 18 11.48 -11.39 -15.51
C GLY C 18 10.90 -9.99 -15.43
N TYR C 19 9.66 -9.82 -15.87
CA TYR C 19 9.03 -8.50 -15.81
C TYR C 19 8.75 -8.13 -14.36
N ALA C 20 8.30 -9.12 -13.57
CA ALA C 20 8.03 -8.87 -12.16
C ALA C 20 9.29 -8.30 -11.49
N TYR C 21 10.45 -8.88 -11.79
CA TYR C 21 11.70 -8.39 -11.21
C TYR C 21 12.02 -6.99 -11.75
N ALA C 22 11.85 -6.83 -13.05
CA ALA C 22 12.15 -5.56 -13.71
C ALA C 22 11.30 -4.43 -13.16
N LYS C 23 10.06 -4.71 -12.79
CA LYS C 23 9.19 -3.69 -12.27
C LYS C 23 9.43 -3.37 -10.79
N LEU C 24 9.43 -4.41 -9.96
CA LEU C 24 9.58 -4.22 -8.53
C LEU C 24 10.99 -4.32 -7.93
N PHE C 25 11.88 -5.07 -8.58
CA PHE C 25 13.23 -5.24 -8.06
C PHE C 25 14.31 -5.06 -9.13
N PRO C 26 14.27 -3.94 -9.88
CA PRO C 26 15.24 -3.68 -10.95
C PRO C 26 16.70 -3.54 -10.50
N ARG C 27 16.95 -3.42 -9.20
CA ARG C 27 18.31 -3.29 -8.70
C ARG C 27 18.82 -4.58 -8.08
N ALA C 28 17.96 -5.58 -7.99
CA ALA C 28 18.36 -6.85 -7.37
C ALA C 28 19.37 -7.63 -8.18
N TYR C 29 20.19 -8.39 -7.48
CA TYR C 29 21.20 -9.25 -8.10
C TYR C 29 20.90 -10.68 -7.68
N GLY C 30 21.35 -11.63 -8.49
CA GLY C 30 21.13 -13.01 -8.16
C GLY C 30 22.18 -13.90 -8.79
N GLU C 31 22.38 -15.07 -8.21
CA GLU C 31 23.32 -16.03 -8.78
C GLU C 31 22.61 -17.37 -8.93
N PHE C 32 22.57 -17.86 -10.15
CA PHE C 32 21.95 -19.14 -10.44
C PHE C 32 23.07 -20.17 -10.54
N ARG C 33 22.84 -21.36 -10.00
CA ARG C 33 23.85 -22.40 -10.06
C ARG C 33 23.30 -23.67 -10.68
N PHE C 34 24.06 -24.20 -11.63
CA PHE C 34 23.70 -25.43 -12.30
C PHE C 34 24.00 -26.58 -11.36
N ILE C 35 23.13 -27.58 -11.32
CA ILE C 35 23.35 -28.74 -10.47
C ILE C 35 22.99 -30.02 -11.22
N ASP C 36 23.97 -30.89 -11.40
CA ASP C 36 23.73 -32.18 -12.03
C ASP C 36 23.53 -33.12 -10.85
N ARG C 37 22.28 -33.42 -10.54
CA ARG C 37 21.96 -34.26 -9.42
C ARG C 37 22.39 -35.71 -9.54
N ASN C 38 22.95 -36.08 -10.69
CA ASN C 38 23.43 -37.45 -10.88
C ASN C 38 24.96 -37.46 -10.80
N ARG C 39 25.54 -36.28 -10.58
CA ARG C 39 26.98 -36.11 -10.48
C ARG C 39 27.76 -36.83 -11.59
N GLN C 40 27.30 -36.68 -12.83
CA GLN C 40 27.98 -37.30 -13.96
C GLN C 40 29.32 -36.61 -14.19
N GLY C 41 30.28 -37.35 -14.73
CA GLY C 41 31.57 -36.77 -15.00
C GLY C 41 31.53 -36.04 -16.32
N PHE C 42 32.12 -34.85 -16.38
CA PHE C 42 32.14 -34.07 -17.61
C PHE C 42 33.55 -33.66 -17.92
N THR C 43 33.85 -33.57 -19.22
CA THR C 43 35.18 -33.19 -19.68
C THR C 43 35.25 -31.72 -20.06
N GLU C 44 36.47 -31.19 -20.12
CA GLU C 44 36.68 -29.81 -20.47
C GLU C 44 36.24 -29.50 -21.90
N GLU C 45 36.25 -30.49 -22.78
CA GLU C 45 35.85 -30.23 -24.15
C GLU C 45 34.34 -30.05 -24.21
N PHE C 46 33.60 -30.75 -23.34
CA PHE C 46 32.16 -30.58 -23.31
C PHE C 46 31.88 -29.18 -22.76
N ALA C 47 32.62 -28.82 -21.72
CA ALA C 47 32.47 -27.51 -21.09
C ALA C 47 32.69 -26.43 -22.13
N GLU C 48 33.65 -26.67 -23.02
CA GLU C 48 33.96 -25.71 -24.07
C GLU C 48 32.80 -25.64 -25.08
N LEU C 49 32.14 -26.77 -25.31
CA LEU C 49 31.01 -26.79 -26.23
C LEU C 49 29.89 -25.93 -25.63
N VAL C 50 29.74 -26.02 -24.31
CA VAL C 50 28.71 -25.25 -23.63
C VAL C 50 29.03 -23.77 -23.73
N ARG C 51 30.28 -23.40 -23.48
CA ARG C 51 30.68 -22.01 -23.56
C ARG C 51 30.42 -21.45 -24.95
N GLY C 52 30.63 -22.27 -25.97
CA GLY C 52 30.41 -21.83 -27.33
C GLY C 52 28.94 -21.53 -27.59
N GLU C 53 28.06 -22.39 -27.07
CA GLU C 53 26.63 -22.21 -27.24
C GLU C 53 26.18 -20.96 -26.50
N ILE C 54 26.73 -20.75 -25.31
CA ILE C 54 26.37 -19.60 -24.52
C ILE C 54 26.78 -18.32 -25.27
N ARG C 55 27.97 -18.34 -25.86
CA ARG C 55 28.45 -17.18 -26.60
C ARG C 55 27.59 -16.94 -27.84
N ALA C 56 27.14 -18.02 -28.47
CA ALA C 56 26.31 -17.91 -29.66
C ALA C 56 24.99 -17.20 -29.37
N MET C 57 24.47 -17.37 -28.16
CA MET C 57 23.20 -16.76 -27.78
C MET C 57 23.23 -15.23 -27.81
N ALA C 58 24.41 -14.64 -27.79
CA ALA C 58 24.52 -13.19 -27.81
C ALA C 58 23.97 -12.61 -29.12
N ALA C 59 23.83 -13.46 -30.13
CA ALA C 59 23.32 -13.02 -31.42
C ALA C 59 21.80 -13.03 -31.52
N LEU C 60 21.13 -13.62 -30.56
CA LEU C 60 19.67 -13.69 -30.57
C LEU C 60 19.02 -12.31 -30.41
N SER C 61 17.93 -12.09 -31.13
CA SER C 61 17.18 -10.84 -31.02
C SER C 61 15.75 -11.09 -31.44
N LEU C 62 14.84 -10.38 -30.78
CA LEU C 62 13.41 -10.52 -31.05
C LEU C 62 13.09 -10.12 -32.49
N THR C 63 12.36 -10.97 -33.21
CA THR C 63 12.01 -10.64 -34.58
C THR C 63 10.73 -9.81 -34.54
N ARG C 64 10.37 -9.23 -35.69
CA ARG C 64 9.17 -8.42 -35.78
C ARG C 64 7.93 -9.28 -35.52
N ASP C 65 7.90 -10.49 -36.09
CA ASP C 65 6.75 -11.36 -35.90
C ASP C 65 6.62 -11.80 -34.44
N GLU C 66 7.76 -12.07 -33.80
CA GLU C 66 7.73 -12.49 -32.40
C GLU C 66 7.22 -11.36 -31.53
N LYS C 67 7.63 -10.13 -31.84
CA LYS C 67 7.18 -8.98 -31.07
C LYS C 67 5.66 -8.86 -31.19
N GLU C 68 5.13 -9.00 -32.41
CA GLU C 68 3.69 -8.90 -32.63
C GLU C 68 2.97 -10.02 -31.90
N PHE C 69 3.60 -11.19 -31.86
CA PHE C 69 3.02 -12.33 -31.17
C PHE C 69 2.90 -12.02 -29.67
N LEU C 70 3.98 -11.49 -29.09
CA LEU C 70 3.98 -11.15 -27.68
C LEU C 70 2.90 -10.14 -27.35
N GLN C 71 2.73 -9.15 -28.21
CA GLN C 71 1.72 -8.11 -28.00
C GLN C 71 0.32 -8.68 -28.05
N ARG C 72 0.11 -9.66 -28.93
CA ARG C 72 -1.21 -10.24 -29.09
C ARG C 72 -1.54 -11.38 -28.13
N GLU C 73 -0.56 -12.26 -27.90
CA GLU C 73 -0.79 -13.42 -27.04
C GLU C 73 -0.36 -13.33 -25.58
N LEU C 74 0.54 -12.41 -25.25
CA LEU C 74 0.98 -12.26 -23.86
C LEU C 74 0.77 -10.80 -23.44
N PRO C 75 -0.49 -10.33 -23.51
CA PRO C 75 -0.83 -8.96 -23.15
C PRO C 75 -0.52 -8.57 -21.71
N TYR C 76 -0.39 -9.54 -20.81
CA TYR C 76 -0.08 -9.22 -19.42
C TYR C 76 1.35 -8.68 -19.32
N LEU C 77 2.13 -8.83 -20.38
CA LEU C 77 3.48 -8.26 -20.41
C LEU C 77 3.26 -6.87 -21.01
N PRO C 78 3.49 -5.81 -20.23
CA PRO C 78 3.31 -4.42 -20.68
C PRO C 78 4.24 -4.03 -21.81
N PRO C 79 3.89 -2.94 -22.54
CA PRO C 79 4.69 -2.44 -23.65
C PRO C 79 6.15 -2.14 -23.25
N ILE C 80 6.35 -1.65 -22.03
CA ILE C 80 7.70 -1.35 -21.57
C ILE C 80 8.57 -2.60 -21.55
N TYR C 81 7.99 -3.74 -21.17
CA TYR C 81 8.76 -4.98 -21.14
C TYR C 81 9.01 -5.50 -22.55
N ILE C 82 8.07 -5.26 -23.45
CA ILE C 82 8.25 -5.70 -24.82
C ILE C 82 9.36 -4.89 -25.45
N ASP C 83 9.46 -3.61 -25.08
CA ASP C 83 10.53 -2.78 -25.60
C ASP C 83 11.85 -3.29 -25.06
N PHE C 84 11.85 -3.72 -23.79
CA PHE C 84 13.06 -4.24 -23.16
C PHE C 84 13.52 -5.50 -23.92
N LEU C 85 12.59 -6.42 -24.13
CA LEU C 85 12.91 -7.65 -24.83
C LEU C 85 13.36 -7.38 -26.26
N ASP C 86 12.75 -6.38 -26.89
CA ASP C 86 13.07 -6.03 -28.27
C ASP C 86 14.51 -5.56 -28.41
N GLY C 87 15.02 -4.88 -27.38
CA GLY C 87 16.40 -4.41 -27.43
C GLY C 87 17.35 -5.25 -26.62
N PHE C 88 16.83 -6.31 -26.00
CA PHE C 88 17.64 -7.20 -25.16
C PHE C 88 18.64 -8.07 -25.90
N ARG C 89 19.81 -8.23 -25.28
CA ARG C 89 20.87 -9.08 -25.82
C ARG C 89 21.50 -9.83 -24.67
N PHE C 90 21.60 -11.14 -24.80
CA PHE C 90 22.22 -11.96 -23.77
C PHE C 90 23.68 -11.53 -23.64
N ASP C 91 24.17 -11.45 -22.40
CA ASP C 91 25.55 -11.07 -22.15
C ASP C 91 26.29 -12.28 -21.56
N PRO C 92 27.05 -12.98 -22.40
CA PRO C 92 27.83 -14.17 -22.04
C PRO C 92 28.74 -14.04 -20.83
N GLU C 93 29.25 -12.85 -20.57
CA GLU C 93 30.13 -12.71 -19.42
C GLU C 93 29.46 -12.82 -18.05
N GLU C 94 28.13 -12.90 -18.03
CA GLU C 94 27.41 -13.05 -16.77
C GLU C 94 27.49 -14.53 -16.38
N VAL C 95 27.89 -15.36 -17.34
CA VAL C 95 27.96 -16.80 -17.16
C VAL C 95 29.38 -17.39 -17.10
N THR C 96 29.62 -18.23 -16.11
CA THR C 96 30.93 -18.88 -15.97
C THR C 96 30.76 -20.40 -15.98
N VAL C 97 31.42 -21.05 -16.93
CA VAL C 97 31.35 -22.50 -17.05
C VAL C 97 32.69 -23.12 -16.70
N SER C 98 32.66 -24.23 -15.97
CA SER C 98 33.89 -24.91 -15.60
C SER C 98 33.61 -26.30 -15.06
N ILE C 99 34.67 -27.09 -14.94
CA ILE C 99 34.59 -28.43 -14.40
C ILE C 99 35.15 -28.25 -13.00
N ASP C 100 34.38 -28.58 -11.97
CA ASP C 100 34.86 -28.40 -10.60
C ASP C 100 35.94 -29.40 -10.21
N ALA C 101 36.38 -29.30 -8.96
CA ALA C 101 37.41 -30.18 -8.42
C ALA C 101 37.03 -31.66 -8.48
N GLN C 102 35.74 -31.96 -8.41
CA GLN C 102 35.27 -33.33 -8.47
C GLN C 102 35.02 -33.82 -9.89
N GLY C 103 35.36 -32.98 -10.87
CA GLY C 103 35.17 -33.36 -12.27
C GLY C 103 33.74 -33.21 -12.74
N HIS C 104 32.95 -32.42 -12.01
CA HIS C 104 31.56 -32.20 -12.34
C HIS C 104 31.36 -30.87 -13.08
N LEU C 105 30.33 -30.80 -13.90
CA LEU C 105 30.03 -29.58 -14.66
C LEU C 105 29.47 -28.53 -13.72
N ASP C 106 30.09 -27.36 -13.70
CA ASP C 106 29.67 -26.26 -12.85
C ASP C 106 29.37 -25.04 -13.71
N ILE C 107 28.18 -24.48 -13.54
CA ILE C 107 27.79 -23.30 -14.32
C ILE C 107 27.09 -22.27 -13.42
N ARG C 108 27.54 -21.03 -13.51
CA ARG C 108 26.93 -19.97 -12.71
C ARG C 108 26.64 -18.72 -13.53
N ALA C 109 25.42 -18.22 -13.38
CA ALA C 109 24.99 -17.00 -14.06
C ALA C 109 24.76 -16.00 -12.94
N GLN C 110 25.54 -14.94 -12.91
CA GLN C 110 25.40 -13.94 -11.87
C GLN C 110 25.30 -12.54 -12.48
N GLY C 111 24.42 -11.73 -11.90
CA GLY C 111 24.23 -10.37 -12.38
C GLY C 111 22.89 -9.85 -11.92
N LEU C 112 22.38 -8.83 -12.59
CA LEU C 112 21.08 -8.28 -12.23
C LEU C 112 20.07 -9.41 -12.41
N LEU C 113 19.23 -9.60 -11.40
CA LEU C 113 18.25 -10.68 -11.41
C LEU C 113 17.28 -10.67 -12.60
N TYR C 114 16.75 -9.51 -12.97
CA TYR C 114 15.81 -9.49 -14.10
C TYR C 114 16.50 -9.95 -15.38
N ARG C 115 17.82 -9.80 -15.44
CA ARG C 115 18.58 -10.23 -16.59
C ARG C 115 18.96 -11.71 -16.54
N VAL C 116 19.66 -12.11 -15.48
CA VAL C 116 20.15 -13.49 -15.40
C VAL C 116 19.11 -14.57 -15.24
N THR C 117 17.91 -14.23 -14.80
CA THR C 117 16.88 -15.26 -14.64
C THR C 117 16.58 -15.86 -16.01
N LEU C 118 16.77 -15.08 -17.07
CA LEU C 118 16.49 -15.53 -18.43
C LEU C 118 17.43 -16.62 -18.96
N TRP C 119 18.57 -16.81 -18.29
CA TRP C 119 19.54 -17.82 -18.70
C TRP C 119 19.12 -19.27 -18.40
N GLU C 120 18.43 -19.47 -17.27
CA GLU C 120 18.05 -20.81 -16.83
C GLU C 120 17.59 -21.85 -17.84
N THR C 121 16.41 -21.63 -18.41
CA THR C 121 15.84 -22.58 -19.36
C THR C 121 16.69 -22.82 -20.61
N PRO C 122 17.17 -21.74 -21.26
CA PRO C 122 18.00 -21.93 -22.46
C PRO C 122 19.26 -22.77 -22.16
N ILE C 123 19.95 -22.43 -21.06
CA ILE C 123 21.17 -23.15 -20.70
C ILE C 123 20.91 -24.64 -20.44
N LEU C 124 19.84 -24.96 -19.73
CA LEU C 124 19.53 -26.35 -19.44
C LEU C 124 19.17 -27.08 -20.74
N ALA C 125 18.40 -26.44 -21.60
CA ALA C 125 18.01 -27.05 -22.87
C ALA C 125 19.24 -27.27 -23.74
N VAL C 126 20.18 -26.33 -23.69
CA VAL C 126 21.41 -26.43 -24.47
C VAL C 126 22.26 -27.59 -23.96
N ILE C 127 22.43 -27.68 -22.65
CA ILE C 127 23.21 -28.74 -22.05
C ILE C 127 22.62 -30.10 -22.39
N SER C 128 21.29 -30.20 -22.30
CA SER C 128 20.61 -31.45 -22.61
C SER C 128 20.82 -31.86 -24.07
N GLU C 129 20.56 -30.95 -25.01
CA GLU C 129 20.73 -31.26 -26.42
C GLU C 129 22.19 -31.56 -26.76
N LEU C 130 23.11 -30.76 -26.25
CA LEU C 130 24.54 -30.99 -26.50
C LEU C 130 24.97 -32.36 -25.99
N TYR C 131 24.45 -32.73 -24.82
CA TYR C 131 24.79 -33.99 -24.20
C TYR C 131 24.49 -35.20 -25.09
N TYR C 132 23.25 -35.30 -25.56
CA TYR C 132 22.86 -36.42 -26.40
C TYR C 132 23.66 -36.44 -27.69
N ARG C 133 23.95 -35.26 -28.24
CA ARG C 133 24.74 -35.21 -29.46
C ARG C 133 26.11 -35.75 -29.13
N PHE C 134 26.67 -35.28 -28.01
CA PHE C 134 27.99 -35.68 -27.56
C PHE C 134 28.19 -37.18 -27.41
N ILE C 135 27.20 -37.86 -26.84
CA ILE C 135 27.31 -39.30 -26.66
C ILE C 135 26.74 -40.06 -27.84
N GLY C 136 26.47 -39.33 -28.93
CA GLY C 136 25.96 -39.96 -30.13
C GLY C 136 24.56 -40.55 -30.09
N ALA C 137 23.75 -40.16 -29.11
CA ALA C 137 22.40 -40.70 -29.03
C ALA C 137 21.51 -40.07 -30.11
N GLU C 138 20.57 -40.85 -30.63
CA GLU C 138 19.64 -40.36 -31.65
C GLU C 138 18.24 -40.84 -31.30
N PRO C 139 17.23 -40.03 -31.62
CA PRO C 139 15.86 -40.43 -31.30
C PRO C 139 15.28 -41.43 -32.29
N ASP C 140 14.41 -42.32 -31.80
CA ASP C 140 13.75 -43.29 -32.67
C ASP C 140 12.48 -42.57 -33.10
N TRP C 141 12.57 -41.83 -34.20
CA TRP C 141 11.43 -41.07 -34.68
C TRP C 141 10.15 -41.87 -34.84
N LYS C 142 10.28 -43.14 -35.15
CA LYS C 142 9.10 -43.98 -35.32
C LYS C 142 8.36 -44.06 -33.99
N GLN C 143 9.13 -44.23 -32.92
CA GLN C 143 8.52 -44.31 -31.59
C GLN C 143 7.97 -42.95 -31.17
N VAL C 144 8.73 -41.89 -31.44
CA VAL C 144 8.28 -40.54 -31.09
C VAL C 144 6.92 -40.32 -31.73
N GLU C 145 6.82 -40.55 -33.03
CA GLU C 145 5.56 -40.38 -33.76
C GLU C 145 4.45 -41.19 -33.10
N GLU C 146 4.69 -42.48 -32.91
CA GLU C 146 3.71 -43.39 -32.33
C GLU C 146 3.26 -43.16 -30.89
N VAL C 147 4.21 -43.06 -29.96
CA VAL C 147 3.81 -42.87 -28.56
C VAL C 147 3.18 -41.51 -28.30
N THR C 148 3.65 -40.48 -29.00
CA THR C 148 3.10 -39.16 -28.81
C THR C 148 1.65 -39.14 -29.27
N ARG C 149 1.38 -39.79 -30.40
CA ARG C 149 0.01 -39.85 -30.90
C ARG C 149 -0.87 -40.56 -29.88
N SER C 150 -0.38 -41.68 -29.37
CA SER C 150 -1.14 -42.45 -28.38
C SER C 150 -1.44 -41.62 -27.16
N LYS C 151 -0.43 -40.91 -26.67
CA LYS C 151 -0.61 -40.07 -25.49
C LYS C 151 -1.67 -38.99 -25.76
N GLY C 152 -1.58 -38.36 -26.93
CA GLY C 152 -2.54 -37.32 -27.28
C GLY C 152 -3.96 -37.84 -27.31
N GLU C 153 -4.15 -38.99 -27.96
CA GLU C 153 -5.49 -39.57 -28.07
C GLU C 153 -6.02 -39.95 -26.70
N LEU C 154 -5.14 -40.47 -25.85
CA LEU C 154 -5.53 -40.85 -24.49
C LEU C 154 -6.03 -39.64 -23.69
N MET C 155 -5.25 -38.55 -23.70
CA MET C 155 -5.62 -37.35 -22.96
C MET C 155 -6.94 -36.80 -23.50
N ARG C 156 -7.10 -36.85 -24.83
CA ARG C 156 -8.30 -36.36 -25.48
C ARG C 156 -9.50 -37.17 -25.01
N GLU C 157 -9.38 -38.49 -25.07
CA GLU C 157 -10.44 -39.41 -24.66
C GLU C 157 -10.88 -39.14 -23.22
N HIS C 158 -9.93 -39.00 -22.31
CA HIS C 158 -10.28 -38.76 -20.91
C HIS C 158 -10.50 -37.29 -20.59
N ARG C 159 -10.42 -36.43 -21.59
CA ARG C 159 -10.62 -35.00 -21.40
C ARG C 159 -9.73 -34.46 -20.28
N ALA C 160 -8.46 -34.88 -20.31
CA ALA C 160 -7.49 -34.45 -19.31
C ALA C 160 -6.78 -33.19 -19.79
N THR C 161 -7.19 -32.03 -19.27
CA THR C 161 -6.58 -30.76 -19.66
C THR C 161 -5.11 -30.76 -19.26
N PHE C 162 -4.22 -30.58 -20.23
CA PHE C 162 -2.79 -30.59 -19.92
C PHE C 162 -2.01 -29.57 -20.75
N SER C 163 -0.81 -29.26 -20.27
CA SER C 163 0.08 -28.33 -20.93
C SER C 163 1.45 -28.99 -21.05
N ILE C 164 2.22 -28.58 -22.06
CA ILE C 164 3.55 -29.13 -22.27
C ILE C 164 4.59 -28.29 -21.50
N PHE C 165 5.19 -28.89 -20.47
CA PHE C 165 6.21 -28.23 -19.64
C PHE C 165 7.55 -28.96 -19.70
N GLY C 166 7.97 -29.47 -20.85
CA GLY C 166 9.22 -30.21 -20.84
C GLY C 166 10.45 -29.62 -21.53
N MET C 167 10.49 -28.32 -21.71
CA MET C 167 11.61 -27.69 -22.40
C MET C 167 13.01 -27.93 -21.80
N ARG C 168 13.17 -27.62 -20.52
CA ARG C 168 14.46 -27.76 -19.87
C ARG C 168 15.17 -29.10 -20.02
N ARG C 169 14.41 -30.18 -20.11
CA ARG C 169 15.03 -31.50 -20.25
C ARG C 169 14.69 -32.22 -21.56
N ARG C 170 14.25 -31.47 -22.55
CA ARG C 170 13.92 -32.05 -23.84
C ARG C 170 15.14 -32.73 -24.45
N PHE C 171 14.91 -33.73 -25.30
CA PHE C 171 16.01 -34.42 -25.96
C PHE C 171 16.68 -33.41 -26.90
N SER C 172 15.85 -32.62 -27.57
CA SER C 172 16.33 -31.60 -28.51
C SER C 172 15.16 -30.69 -28.89
N LEU C 173 15.48 -29.55 -29.49
CA LEU C 173 14.46 -28.61 -29.92
C LEU C 173 13.57 -29.31 -30.95
N GLU C 174 14.23 -30.05 -31.85
CA GLU C 174 13.57 -30.79 -32.91
C GLU C 174 12.54 -31.78 -32.35
N VAL C 175 12.93 -32.50 -31.30
CA VAL C 175 12.00 -33.45 -30.68
C VAL C 175 10.82 -32.73 -30.02
N GLU C 176 11.08 -31.67 -29.25
CA GLU C 176 9.99 -30.95 -28.62
C GLU C 176 9.07 -30.33 -29.68
N ASP C 177 9.68 -29.83 -30.76
CA ASP C 177 8.92 -29.22 -31.85
C ASP C 177 7.94 -30.22 -32.48
N ARG C 178 8.45 -31.38 -32.88
CA ARG C 178 7.62 -32.41 -33.49
C ARG C 178 6.57 -32.96 -32.53
N VAL C 179 6.97 -33.20 -31.28
CA VAL C 179 6.05 -33.72 -30.27
C VAL C 179 4.88 -32.75 -30.08
N THR C 180 5.18 -31.45 -30.05
CA THR C 180 4.16 -30.43 -29.88
C THR C 180 3.21 -30.46 -31.07
N ASP C 181 3.77 -30.62 -32.26
CA ASP C 181 2.99 -30.67 -33.48
C ASP C 181 2.03 -31.85 -33.46
N ILE C 182 2.53 -33.01 -33.05
CA ILE C 182 1.73 -34.22 -32.98
C ILE C 182 0.62 -34.11 -31.95
N LEU C 183 0.95 -33.61 -30.76
CA LEU C 183 -0.04 -33.46 -29.70
C LEU C 183 -1.14 -32.52 -30.13
N LYS C 184 -0.78 -31.43 -30.78
CA LYS C 184 -1.76 -30.47 -31.25
C LYS C 184 -2.73 -31.15 -32.20
N GLN C 185 -2.19 -32.06 -32.99
CA GLN C 185 -2.96 -32.79 -33.98
C GLN C 185 -3.88 -33.88 -33.39
N TYR C 186 -3.46 -34.53 -32.33
CA TYR C 186 -4.25 -35.60 -31.74
C TYR C 186 -4.90 -35.40 -30.38
N ALA C 187 -4.45 -34.42 -29.61
CA ALA C 187 -5.02 -34.20 -28.28
C ALA C 187 -6.34 -33.46 -28.27
N GLY C 188 -6.71 -32.86 -29.38
CA GLY C 188 -7.96 -32.13 -29.43
C GLY C 188 -7.95 -30.97 -28.44
N GLU C 189 -9.07 -30.79 -27.75
CA GLU C 189 -9.19 -29.71 -26.78
C GLU C 189 -8.46 -29.98 -25.46
N SER C 190 -8.00 -31.22 -25.25
CA SER C 190 -7.31 -31.54 -24.01
C SER C 190 -5.99 -30.80 -23.88
N LEU C 191 -5.38 -30.43 -25.01
CA LEU C 191 -4.12 -29.71 -24.99
C LEU C 191 -4.40 -28.23 -24.71
N PHE C 192 -4.09 -27.78 -23.50
CA PHE C 192 -4.32 -26.39 -23.14
C PHE C 192 -3.33 -25.48 -23.85
N GLY C 193 -2.05 -25.84 -23.79
CA GLY C 193 -1.02 -25.04 -24.43
C GLY C 193 0.36 -25.51 -24.06
N THR C 194 1.36 -24.66 -24.28
CA THR C 194 2.72 -25.03 -23.96
C THR C 194 3.46 -23.90 -23.25
N SER C 195 4.45 -24.29 -22.45
CA SER C 195 5.24 -23.33 -21.71
C SER C 195 6.28 -22.68 -22.63
N ASN C 196 6.65 -23.40 -23.70
CA ASN C 196 7.64 -22.91 -24.65
C ASN C 196 6.99 -21.82 -25.50
N VAL C 197 7.33 -20.57 -25.25
CA VAL C 197 6.74 -19.46 -25.97
C VAL C 197 6.99 -19.52 -27.49
N HIS C 198 8.20 -19.93 -27.87
CA HIS C 198 8.54 -20.04 -29.28
C HIS C 198 7.66 -21.04 -30.02
N LEU C 199 7.50 -22.23 -29.44
CA LEU C 199 6.69 -23.25 -30.06
C LEU C 199 5.19 -22.93 -30.01
N ALA C 200 4.78 -22.12 -29.04
CA ALA C 200 3.37 -21.74 -28.95
C ALA C 200 3.13 -20.79 -30.13
N HIS C 201 4.13 -19.96 -30.42
CA HIS C 201 4.04 -19.01 -31.51
C HIS C 201 4.01 -19.78 -32.83
N LYS C 202 4.97 -20.67 -33.00
CA LYS C 202 5.08 -21.49 -34.20
C LYS C 202 3.87 -22.37 -34.50
N HIS C 203 3.32 -23.03 -33.49
CA HIS C 203 2.19 -23.91 -33.68
C HIS C 203 0.83 -23.33 -33.36
N GLY C 204 0.77 -22.02 -33.11
CA GLY C 204 -0.49 -21.38 -32.81
C GLY C 204 -1.19 -21.92 -31.58
N LEU C 205 -0.44 -22.11 -30.51
CA LEU C 205 -1.00 -22.62 -29.26
C LEU C 205 -0.97 -21.52 -28.19
N ARG C 206 -1.72 -21.71 -27.12
CA ARG C 206 -1.72 -20.76 -26.01
C ARG C 206 -0.44 -21.02 -25.23
N VAL C 207 0.09 -20.00 -24.56
CA VAL C 207 1.27 -20.21 -23.73
C VAL C 207 0.70 -20.61 -22.39
N SER C 208 1.44 -21.41 -21.64
CA SER C 208 0.94 -21.88 -20.34
C SER C 208 2.05 -21.95 -19.31
N GLY C 209 1.75 -21.53 -18.08
CA GLY C 209 2.75 -21.56 -17.03
C GLY C 209 2.30 -20.82 -15.77
N THR C 210 3.09 -20.95 -14.70
CA THR C 210 2.78 -20.29 -13.45
C THR C 210 4.04 -19.60 -12.95
N HIS C 211 3.93 -18.78 -11.91
CA HIS C 211 5.11 -18.13 -11.37
C HIS C 211 5.97 -19.31 -10.87
N PRO C 212 7.30 -19.13 -10.81
CA PRO C 212 8.19 -20.20 -10.35
C PRO C 212 8.55 -20.10 -8.87
N HIS C 213 9.27 -21.11 -8.39
CA HIS C 213 9.72 -21.16 -7.01
C HIS C 213 10.70 -20.01 -6.71
N GLU C 214 11.53 -19.64 -7.69
CA GLU C 214 12.51 -18.58 -7.49
C GLU C 214 11.87 -17.27 -7.04
N TRP C 215 10.65 -17.01 -7.51
CA TRP C 215 9.95 -15.80 -7.12
C TRP C 215 9.69 -15.81 -5.60
N ILE C 216 9.21 -16.94 -5.09
CA ILE C 216 8.93 -17.05 -3.67
C ILE C 216 10.26 -17.07 -2.88
N GLN C 217 11.22 -17.82 -3.39
CA GLN C 217 12.53 -17.93 -2.75
C GLN C 217 13.23 -16.58 -2.61
N PHE C 218 13.11 -15.75 -3.65
CA PHE C 218 13.70 -14.42 -3.61
C PHE C 218 13.10 -13.68 -2.43
N HIS C 219 11.77 -13.74 -2.31
CA HIS C 219 11.07 -13.08 -1.22
C HIS C 219 11.46 -13.64 0.14
N GLY C 220 11.70 -14.96 0.19
CA GLY C 220 12.10 -15.57 1.45
C GLY C 220 13.47 -15.08 1.90
N ALA C 221 14.39 -14.93 0.94
CA ALA C 221 15.73 -14.47 1.25
C ALA C 221 15.77 -12.99 1.67
N ILE C 222 14.96 -12.17 0.99
CA ILE C 222 14.92 -10.74 1.28
C ILE C 222 14.01 -10.35 2.45
N TYR C 223 12.80 -10.88 2.46
CA TYR C 223 11.83 -10.54 3.51
C TYR C 223 11.70 -11.51 4.68
N GLY C 224 12.38 -12.64 4.60
CA GLY C 224 12.27 -13.60 5.69
C GLY C 224 11.24 -14.67 5.37
N TYR C 225 11.34 -15.80 6.06
CA TYR C 225 10.45 -16.93 5.83
C TYR C 225 9.01 -16.78 6.28
N LYS C 226 8.78 -16.09 7.38
CA LYS C 226 7.40 -15.93 7.85
C LYS C 226 6.49 -15.25 6.84
N MET C 227 6.96 -14.18 6.20
CA MET C 227 6.14 -13.45 5.25
C MET C 227 6.40 -13.75 3.76
N ALA C 228 7.34 -14.65 3.47
CA ALA C 228 7.68 -14.97 2.09
C ALA C 228 6.48 -15.21 1.16
N ASN C 229 5.70 -16.24 1.48
CA ASN C 229 4.53 -16.57 0.65
C ASN C 229 3.58 -15.40 0.51
N TYR C 230 3.25 -14.74 1.61
CA TYR C 230 2.32 -13.62 1.58
C TYR C 230 2.79 -12.45 0.71
N VAL C 231 4.01 -11.97 0.94
CA VAL C 231 4.51 -10.84 0.17
C VAL C 231 4.73 -11.21 -1.30
N ALA C 232 5.11 -12.46 -1.55
CA ALA C 232 5.31 -12.91 -2.92
C ALA C 232 3.99 -12.81 -3.69
N MET C 233 2.90 -13.23 -3.05
CA MET C 233 1.58 -13.17 -3.69
C MET C 233 1.13 -11.73 -3.87
N GLU C 234 1.31 -10.89 -2.85
CA GLU C 234 0.92 -9.48 -2.94
C GLU C 234 1.70 -8.79 -4.08
N ASP C 235 2.99 -9.11 -4.22
CA ASP C 235 3.78 -8.49 -5.28
C ASP C 235 3.36 -9.01 -6.64
N TRP C 236 2.99 -10.29 -6.72
CA TRP C 236 2.56 -10.84 -7.99
C TRP C 236 1.28 -10.16 -8.45
N ILE C 237 0.39 -9.88 -7.49
CA ILE C 237 -0.87 -9.20 -7.79
C ILE C 237 -0.59 -7.76 -8.22
N ASN C 238 0.38 -7.12 -7.59
CA ASN C 238 0.73 -5.75 -7.96
C ASN C 238 1.19 -5.74 -9.40
N VAL C 239 1.95 -6.76 -9.79
CA VAL C 239 2.45 -6.83 -11.15
C VAL C 239 1.39 -7.22 -12.19
N TYR C 240 0.62 -8.26 -11.91
CA TYR C 240 -0.35 -8.74 -12.91
C TYR C 240 -1.83 -8.49 -12.65
N ASP C 241 -2.14 -7.79 -11.58
CA ASP C 241 -3.52 -7.44 -11.24
C ASP C 241 -4.54 -8.57 -11.33
N GLY C 242 -4.16 -9.77 -10.90
CA GLY C 242 -5.10 -10.86 -10.96
C GLY C 242 -4.87 -11.86 -12.08
N ASP C 243 -4.13 -11.46 -13.10
CA ASP C 243 -3.83 -12.39 -14.20
C ASP C 243 -2.79 -13.38 -13.67
N LEU C 244 -2.61 -14.49 -14.37
CA LEU C 244 -1.64 -15.51 -13.98
C LEU C 244 -1.88 -15.88 -12.51
N GLY C 245 -3.15 -16.08 -12.15
CA GLY C 245 -3.52 -16.39 -10.78
C GLY C 245 -3.33 -17.79 -10.22
N THR C 246 -2.16 -18.39 -10.44
CA THR C 246 -1.89 -19.72 -9.91
C THR C 246 -0.74 -19.57 -8.93
N VAL C 247 -0.78 -20.27 -7.81
CA VAL C 247 0.28 -20.15 -6.85
C VAL C 247 0.91 -21.47 -6.41
N LEU C 248 2.22 -21.48 -6.29
CA LEU C 248 2.98 -22.65 -5.85
C LEU C 248 2.93 -22.64 -4.32
N THR C 249 2.69 -23.80 -3.71
CA THR C 249 2.57 -23.86 -2.27
C THR C 249 3.66 -24.59 -1.49
N ASP C 250 4.52 -25.34 -2.19
CA ASP C 250 5.53 -26.13 -1.48
C ASP C 250 6.91 -25.54 -1.23
N THR C 251 7.14 -24.30 -1.65
CA THR C 251 8.45 -23.68 -1.47
C THR C 251 9.00 -23.89 -0.06
N TYR C 252 8.20 -23.58 0.95
CA TYR C 252 8.64 -23.79 2.32
C TYR C 252 7.70 -24.76 2.99
N THR C 253 7.26 -25.75 2.20
CA THR C 253 6.33 -26.77 2.70
C THR C 253 4.89 -26.29 2.55
N THR C 254 4.04 -27.18 2.04
CA THR C 254 2.63 -26.84 1.86
C THR C 254 1.89 -26.61 3.16
N ASP C 255 2.31 -27.27 4.24
CA ASP C 255 1.64 -27.08 5.52
C ASP C 255 1.82 -25.64 6.00
N VAL C 256 3.02 -25.10 5.78
CA VAL C 256 3.30 -23.73 6.17
C VAL C 256 2.47 -22.79 5.30
N PHE C 257 2.42 -23.07 4.00
CA PHE C 257 1.65 -22.24 3.08
C PHE C 257 0.18 -22.18 3.50
N MET C 258 -0.44 -23.35 3.64
CA MET C 258 -1.84 -23.44 4.01
C MET C 258 -2.15 -22.74 5.33
N ARG C 259 -1.31 -22.97 6.32
CA ARG C 259 -1.51 -22.34 7.63
C ARG C 259 -1.57 -20.83 7.53
N ASN C 260 -0.80 -20.25 6.60
CA ASN C 260 -0.77 -18.81 6.44
C ASN C 260 -1.52 -18.26 5.23
N PHE C 261 -2.27 -19.12 4.54
CA PHE C 261 -3.04 -18.73 3.36
C PHE C 261 -4.21 -17.84 3.79
N SER C 262 -4.18 -16.57 3.39
CA SER C 262 -5.24 -15.63 3.77
C SER C 262 -6.49 -15.81 2.93
N LYS C 263 -7.63 -15.43 3.51
CA LYS C 263 -8.90 -15.54 2.82
C LYS C 263 -8.88 -14.74 1.51
N LYS C 264 -8.29 -13.55 1.58
CA LYS C 264 -8.19 -12.67 0.43
C LYS C 264 -7.51 -13.34 -0.76
N HIS C 265 -6.35 -13.94 -0.50
CA HIS C 265 -5.60 -14.61 -1.54
C HIS C 265 -6.29 -15.90 -2.00
N ALA C 266 -6.89 -16.61 -1.05
CA ALA C 266 -7.58 -17.85 -1.39
C ALA C 266 -8.75 -17.53 -2.33
N MET C 267 -9.41 -16.40 -2.10
CA MET C 267 -10.54 -16.00 -2.94
C MET C 267 -10.09 -15.46 -4.30
N LEU C 268 -9.01 -14.69 -4.29
CA LEU C 268 -8.49 -14.08 -5.53
C LEU C 268 -7.81 -15.05 -6.50
N PHE C 269 -6.89 -15.89 -6.00
CA PHE C 269 -6.22 -16.84 -6.87
C PHE C 269 -7.22 -17.92 -7.29
N THR C 270 -7.16 -18.32 -8.55
CA THR C 270 -8.09 -19.33 -9.05
C THR C 270 -7.54 -20.74 -8.89
N SER C 271 -6.25 -20.87 -8.69
CA SER C 271 -5.68 -22.19 -8.56
C SER C 271 -4.38 -22.31 -7.80
N LEU C 272 -4.07 -23.54 -7.42
CA LEU C 272 -2.85 -23.86 -6.70
C LEU C 272 -2.09 -24.83 -7.59
N ARG C 273 -0.79 -24.91 -7.39
CA ARG C 273 0.00 -25.83 -8.17
C ARG C 273 0.66 -26.87 -7.27
N HIS C 274 0.46 -28.13 -7.60
CA HIS C 274 1.05 -29.24 -6.84
C HIS C 274 2.32 -29.62 -7.59
N ASP C 275 3.46 -29.59 -6.91
CA ASP C 275 4.71 -29.91 -7.61
C ASP C 275 5.63 -30.88 -6.87
N SER C 276 5.18 -31.40 -5.74
CA SER C 276 5.98 -32.36 -4.98
C SER C 276 5.12 -33.05 -3.93
N GLY C 277 5.54 -34.25 -3.52
CA GLY C 277 4.79 -35.00 -2.53
C GLY C 277 3.62 -35.73 -3.14
N ASP C 278 2.90 -36.49 -2.32
CA ASP C 278 1.75 -37.25 -2.78
C ASP C 278 0.57 -36.35 -3.17
N PRO C 279 0.07 -36.49 -4.40
CA PRO C 279 -1.05 -35.68 -4.87
C PRO C 279 -2.33 -35.82 -4.06
N GLU C 280 -2.65 -37.04 -3.64
CA GLU C 280 -3.84 -37.29 -2.85
C GLU C 280 -3.79 -36.55 -1.53
N ILE C 281 -2.61 -36.51 -0.92
CA ILE C 281 -2.43 -35.80 0.34
C ILE C 281 -2.56 -34.29 0.10
N PHE C 282 -2.04 -33.83 -1.03
CA PHE C 282 -2.12 -32.41 -1.37
C PHE C 282 -3.59 -32.01 -1.55
N ILE C 283 -4.35 -32.85 -2.26
CA ILE C 283 -5.75 -32.56 -2.50
C ILE C 283 -6.51 -32.39 -1.19
N GLU C 284 -6.26 -33.26 -0.22
CA GLU C 284 -6.94 -33.16 1.07
C GLU C 284 -6.63 -31.85 1.77
N LYS C 285 -5.35 -31.49 1.83
CA LYS C 285 -4.93 -30.25 2.49
C LYS C 285 -5.60 -29.04 1.85
N ALA C 286 -5.57 -29.00 0.52
CA ALA C 286 -6.16 -27.89 -0.23
C ALA C 286 -7.65 -27.76 0.05
N VAL C 287 -8.39 -28.86 -0.14
CA VAL C 287 -9.83 -28.86 0.09
C VAL C 287 -10.18 -28.48 1.52
N ARG C 288 -9.43 -29.02 2.49
CA ARG C 288 -9.69 -28.71 3.89
C ARG C 288 -9.46 -27.24 4.20
N ARG C 289 -8.35 -26.67 3.73
CA ARG C 289 -8.05 -25.27 4.01
C ARG C 289 -9.07 -24.33 3.35
N TYR C 290 -9.50 -24.65 2.13
CA TYR C 290 -10.48 -23.82 1.45
C TYR C 290 -11.77 -23.77 2.27
N GLU C 291 -12.18 -24.92 2.80
CA GLU C 291 -13.39 -24.95 3.59
C GLU C 291 -13.24 -24.22 4.90
N GLU C 292 -12.04 -24.26 5.49
CA GLU C 292 -11.80 -23.54 6.73
C GLU C 292 -11.98 -22.04 6.46
N LEU C 293 -11.54 -21.61 5.28
CA LEU C 293 -11.65 -20.21 4.89
C LEU C 293 -13.01 -19.88 4.28
N ARG C 294 -13.90 -20.87 4.23
CA ARG C 294 -15.22 -20.68 3.67
C ARG C 294 -15.15 -20.26 2.20
N VAL C 295 -14.28 -20.93 1.46
CA VAL C 295 -14.09 -20.69 0.05
C VAL C 295 -14.44 -22.00 -0.60
N ASP C 296 -15.21 -21.96 -1.68
CA ASP C 296 -15.65 -23.18 -2.37
C ASP C 296 -14.55 -23.80 -3.23
N PRO C 297 -13.99 -24.93 -2.78
CA PRO C 297 -12.93 -25.61 -3.52
C PRO C 297 -13.35 -26.10 -4.90
N LYS C 298 -14.65 -26.34 -5.07
CA LYS C 298 -15.15 -26.83 -6.36
C LYS C 298 -14.97 -25.83 -7.50
N ILE C 299 -14.88 -24.55 -7.19
CA ILE C 299 -14.69 -23.55 -8.24
C ILE C 299 -13.19 -23.26 -8.46
N LYS C 300 -12.34 -23.90 -7.66
CA LYS C 300 -10.91 -23.71 -7.78
C LYS C 300 -10.29 -24.85 -8.59
N TYR C 301 -9.06 -24.63 -9.05
CA TYR C 301 -8.33 -25.62 -9.85
C TYR C 301 -6.98 -25.95 -9.22
N ILE C 302 -6.46 -27.13 -9.51
CA ILE C 302 -5.14 -27.53 -9.07
C ILE C 302 -4.41 -28.01 -10.30
N ILE C 303 -3.26 -27.41 -10.56
CA ILE C 303 -2.46 -27.80 -11.69
C ILE C 303 -1.36 -28.72 -11.12
N PHE C 304 -1.41 -29.98 -11.51
CA PHE C 304 -0.44 -30.98 -11.04
C PHE C 304 0.69 -31.06 -12.06
N SER C 305 1.94 -31.00 -11.60
CA SER C 305 3.07 -31.03 -12.51
C SER C 305 4.28 -31.82 -12.01
N ASP C 306 4.09 -32.68 -11.02
CA ASP C 306 5.20 -33.45 -10.49
C ASP C 306 5.51 -34.75 -11.24
N SER C 307 6.48 -34.68 -12.16
CA SER C 307 6.91 -35.84 -12.94
C SER C 307 5.75 -36.71 -13.40
N LEU C 308 4.82 -36.12 -14.15
CA LEU C 308 3.64 -36.84 -14.61
C LEU C 308 3.77 -37.61 -15.91
N THR C 309 2.86 -38.55 -16.07
CA THR C 309 2.74 -39.37 -17.28
C THR C 309 1.26 -39.23 -17.57
N PRO C 310 0.85 -39.43 -18.83
CA PRO C 310 -0.58 -39.31 -19.13
C PRO C 310 -1.44 -40.17 -18.21
N GLN C 311 -1.00 -41.40 -17.99
CA GLN C 311 -1.74 -42.32 -17.14
C GLN C 311 -1.85 -41.82 -15.69
N ARG C 312 -0.76 -41.29 -15.16
CA ARG C 312 -0.77 -40.79 -13.78
C ARG C 312 -1.72 -39.60 -13.69
N ALA C 313 -1.79 -38.81 -14.76
CA ALA C 313 -2.66 -37.65 -14.79
C ALA C 313 -4.11 -38.12 -14.68
N ILE C 314 -4.43 -39.18 -15.39
CA ILE C 314 -5.79 -39.75 -15.39
C ILE C 314 -6.16 -40.22 -13.98
N GLU C 315 -5.19 -40.82 -13.28
CA GLU C 315 -5.43 -41.30 -11.92
C GLU C 315 -5.74 -40.13 -10.97
N ILE C 316 -4.93 -39.08 -11.05
CA ILE C 316 -5.13 -37.90 -10.19
C ILE C 316 -6.49 -37.28 -10.52
N GLN C 317 -6.83 -37.31 -11.80
CA GLN C 317 -8.08 -36.78 -12.28
C GLN C 317 -9.25 -37.44 -11.55
N LYS C 318 -9.14 -38.75 -11.28
CA LYS C 318 -10.19 -39.48 -10.58
C LYS C 318 -10.27 -39.00 -9.13
N LEU C 319 -9.10 -38.85 -8.50
CA LEU C 319 -9.04 -38.38 -7.12
C LEU C 319 -9.72 -37.02 -6.93
N CYS C 320 -9.66 -36.18 -7.96
CA CYS C 320 -10.26 -34.85 -7.88
C CYS C 320 -11.74 -34.80 -8.20
N ALA C 321 -12.23 -35.80 -8.93
CA ALA C 321 -13.64 -35.86 -9.31
C ALA C 321 -14.59 -35.48 -8.19
N GLY C 322 -15.41 -34.47 -8.44
CA GLY C 322 -16.38 -34.02 -7.45
C GLY C 322 -15.86 -33.22 -6.27
N ARG C 323 -14.57 -32.89 -6.26
CA ARG C 323 -14.02 -32.14 -5.13
C ARG C 323 -13.39 -30.81 -5.53
N ILE C 324 -12.59 -30.84 -6.59
CA ILE C 324 -11.90 -29.65 -7.07
C ILE C 324 -11.50 -29.91 -8.51
N LYS C 325 -11.38 -28.86 -9.31
CA LYS C 325 -11.01 -29.04 -10.72
C LYS C 325 -9.52 -29.34 -10.86
N ALA C 326 -9.15 -29.96 -11.97
CA ALA C 326 -7.75 -30.32 -12.19
C ALA C 326 -7.25 -30.12 -13.60
N SER C 327 -5.97 -29.78 -13.71
CA SER C 327 -5.31 -29.60 -15.00
C SER C 327 -3.92 -30.18 -14.76
N PHE C 328 -3.14 -30.34 -15.83
CA PHE C 328 -1.84 -30.93 -15.67
C PHE C 328 -0.74 -30.29 -16.48
N GLY C 329 0.47 -30.43 -15.98
CA GLY C 329 1.65 -29.92 -16.65
C GLY C 329 2.50 -31.17 -16.82
N ILE C 330 2.69 -31.59 -18.07
CA ILE C 330 3.49 -32.78 -18.35
C ILE C 330 4.79 -32.37 -19.00
N GLY C 331 5.90 -32.88 -18.48
CA GLY C 331 7.20 -32.51 -19.02
C GLY C 331 8.02 -33.53 -19.78
N THR C 332 9.05 -34.04 -19.12
CA THR C 332 9.98 -34.98 -19.72
C THR C 332 9.35 -36.22 -20.39
N ASN C 333 8.20 -36.68 -19.87
CA ASN C 333 7.54 -37.83 -20.48
C ASN C 333 7.19 -37.55 -21.93
N LEU C 334 7.00 -36.28 -22.26
CA LEU C 334 6.65 -35.89 -23.63
C LEU C 334 7.84 -35.44 -24.47
N THR C 335 8.72 -34.64 -23.88
CA THR C 335 9.86 -34.10 -24.62
C THR C 335 11.14 -34.93 -24.61
N ASN C 336 11.19 -35.97 -23.81
CA ASN C 336 12.38 -36.82 -23.77
C ASN C 336 11.98 -38.28 -23.52
N ASP C 337 11.39 -38.88 -24.54
CA ASP C 337 10.95 -40.27 -24.51
C ASP C 337 11.17 -40.78 -25.93
N VAL C 338 12.42 -40.70 -26.37
CA VAL C 338 12.82 -41.08 -27.72
C VAL C 338 13.24 -42.54 -27.94
N GLY C 339 13.04 -43.38 -26.93
CA GLY C 339 13.40 -44.79 -27.08
C GLY C 339 14.90 -45.03 -27.13
N GLY C 340 15.28 -46.30 -27.20
CA GLY C 340 16.70 -46.66 -27.26
C GLY C 340 17.40 -46.58 -25.92
N GLY C 341 16.65 -46.74 -24.84
CA GLY C 341 17.24 -46.67 -23.52
C GLY C 341 17.70 -45.29 -23.13
N VAL C 342 17.49 -44.31 -24.01
CA VAL C 342 17.89 -42.93 -23.73
C VAL C 342 17.09 -42.40 -22.56
N GLU C 343 17.80 -41.91 -21.54
CA GLU C 343 17.15 -41.39 -20.34
C GLU C 343 17.43 -39.89 -20.17
N PRO C 344 16.45 -39.15 -19.64
CA PRO C 344 16.58 -37.70 -19.40
C PRO C 344 17.66 -37.40 -18.38
N LEU C 345 18.32 -36.25 -18.53
CA LEU C 345 19.35 -35.84 -17.60
C LEU C 345 18.66 -35.33 -16.36
N ASN C 346 19.30 -35.49 -15.19
CA ASN C 346 18.71 -35.01 -13.95
C ASN C 346 19.41 -33.72 -13.56
N ILE C 347 19.13 -32.67 -14.32
CA ILE C 347 19.75 -31.37 -14.12
C ILE C 347 18.81 -30.22 -13.79
N VAL C 348 19.31 -29.26 -13.02
CA VAL C 348 18.55 -28.07 -12.65
C VAL C 348 19.53 -26.90 -12.57
N MET C 349 18.98 -25.69 -12.53
CA MET C 349 19.80 -24.49 -12.40
C MET C 349 18.93 -23.58 -11.53
N LYS C 350 19.27 -23.50 -10.24
CA LYS C 350 18.48 -22.72 -9.30
C LYS C 350 19.09 -21.43 -8.76
N LEU C 351 18.22 -20.53 -8.32
CA LEU C 351 18.64 -19.27 -7.73
C LEU C 351 19.25 -19.71 -6.41
N TRP C 352 20.55 -19.46 -6.26
CA TRP C 352 21.26 -19.87 -5.05
C TRP C 352 21.38 -18.77 -3.99
N LYS C 353 21.45 -17.52 -4.44
CA LYS C 353 21.55 -16.40 -3.54
C LYS C 353 21.15 -15.12 -4.28
N CYS C 354 20.85 -14.08 -3.52
CA CYS C 354 20.42 -12.82 -4.09
C CYS C 354 20.63 -11.68 -3.12
N LYS C 355 20.41 -10.47 -3.60
CA LYS C 355 20.53 -9.26 -2.80
C LYS C 355 19.56 -8.24 -3.40
N MET C 356 19.08 -7.31 -2.58
CA MET C 356 18.14 -6.30 -3.02
C MET C 356 18.75 -5.23 -3.92
N THR C 357 19.99 -4.85 -3.65
CA THR C 357 20.73 -3.86 -4.44
C THR C 357 22.20 -4.23 -4.42
N ALA C 358 23.00 -3.55 -5.22
CA ALA C 358 24.43 -3.83 -5.29
C ALA C 358 25.12 -3.73 -3.93
N LYS C 359 24.66 -2.80 -3.10
CA LYS C 359 25.27 -2.59 -1.79
C LYS C 359 24.77 -3.51 -0.67
N ASP C 360 23.70 -4.25 -0.92
CA ASP C 360 23.14 -5.17 0.07
C ASP C 360 24.05 -6.39 0.19
N ASP C 361 23.89 -7.17 1.26
CA ASP C 361 24.70 -8.38 1.44
C ASP C 361 24.00 -9.50 0.68
N TRP C 362 24.72 -10.58 0.45
CA TRP C 362 24.14 -11.72 -0.25
C TRP C 362 23.29 -12.49 0.75
N HIS C 363 22.17 -13.03 0.27
CA HIS C 363 21.27 -13.82 1.09
C HIS C 363 21.01 -15.13 0.36
N TYR C 364 21.26 -16.25 1.03
CA TYR C 364 21.04 -17.55 0.42
C TYR C 364 19.57 -17.88 0.29
N CYS C 365 19.23 -18.57 -0.80
CA CYS C 365 17.85 -18.98 -1.06
C CYS C 365 17.74 -20.48 -0.79
N VAL C 366 16.60 -20.90 -0.26
CA VAL C 366 16.40 -22.33 -0.02
C VAL C 366 15.02 -22.74 -0.49
N LYS C 367 14.82 -24.03 -0.60
CA LYS C 367 13.53 -24.60 -1.00
C LYS C 367 13.37 -25.88 -0.20
N LEU C 368 12.19 -26.08 0.40
CA LEU C 368 11.97 -27.26 1.21
C LEU C 368 11.17 -28.39 0.54
N SER C 369 10.15 -28.05 -0.23
CA SER C 369 9.31 -29.05 -0.90
C SER C 369 8.47 -29.87 0.10
N ASP C 370 7.54 -30.67 -0.41
CA ASP C 370 6.69 -31.48 0.44
C ASP C 370 7.21 -32.90 0.67
N VAL C 371 8.43 -33.16 0.23
CA VAL C 371 9.02 -34.47 0.44
C VAL C 371 10.02 -34.36 1.58
N ASP C 372 9.77 -35.08 2.67
CA ASP C 372 10.66 -35.07 3.82
C ASP C 372 12.09 -35.35 3.42
N GLY C 373 13.01 -34.52 3.91
CA GLY C 373 14.41 -34.71 3.59
C GLY C 373 14.88 -34.07 2.30
N LYS C 374 13.97 -33.95 1.32
CA LYS C 374 14.33 -33.35 0.04
C LYS C 374 14.34 -31.83 0.15
N HIS C 375 15.52 -31.28 0.37
CA HIS C 375 15.69 -29.85 0.51
C HIS C 375 16.84 -29.40 -0.38
N THR C 376 16.84 -28.12 -0.78
CA THR C 376 17.91 -27.60 -1.61
C THR C 376 18.37 -26.25 -1.09
N GLY C 377 19.67 -26.00 -1.20
CA GLY C 377 20.23 -24.74 -0.74
C GLY C 377 21.27 -24.94 0.35
N GLU C 378 21.94 -23.85 0.71
CA GLU C 378 22.95 -23.86 1.75
C GLU C 378 22.37 -24.50 3.03
N PRO C 379 23.00 -25.58 3.51
CA PRO C 379 22.58 -26.32 4.71
C PRO C 379 22.27 -25.43 5.91
N GLU C 380 23.17 -24.50 6.20
CA GLU C 380 22.98 -23.57 7.32
C GLU C 380 21.68 -22.79 7.15
N GLU C 381 21.42 -22.35 5.92
CA GLU C 381 20.21 -21.58 5.64
C GLU C 381 18.95 -22.44 5.73
N ILE C 382 19.05 -23.69 5.31
CA ILE C 382 17.92 -24.61 5.37
C ILE C 382 17.49 -24.80 6.83
N LEU C 383 18.46 -24.97 7.71
CA LEU C 383 18.17 -25.15 9.13
C LEU C 383 17.45 -23.92 9.69
N LEU C 384 17.96 -22.74 9.31
CA LEU C 384 17.37 -21.48 9.75
C LEU C 384 15.92 -21.38 9.30
N ALA C 385 15.65 -21.77 8.05
CA ALA C 385 14.29 -21.72 7.53
C ALA C 385 13.38 -22.65 8.34
N MET C 386 13.82 -23.88 8.55
CA MET C 386 13.03 -24.84 9.33
C MET C 386 12.78 -24.35 10.75
N ASN C 387 13.83 -23.87 11.42
CA ASN C 387 13.67 -23.34 12.77
C ASN C 387 12.75 -22.13 12.78
N THR C 388 12.88 -21.25 11.79
CA THR C 388 12.05 -20.06 11.72
C THR C 388 10.58 -20.41 11.52
N LEU C 389 10.32 -21.41 10.71
CA LEU C 389 8.95 -21.83 10.43
C LEU C 389 8.43 -22.86 11.42
N GLY C 390 9.25 -23.21 12.39
CA GLY C 390 8.81 -24.19 13.38
C GLY C 390 8.69 -25.59 12.81
N ILE C 391 9.52 -25.91 11.83
CA ILE C 391 9.50 -27.23 11.23
C ILE C 391 10.53 -28.14 11.91
N ILE D 3 -39.41 2.57 22.21
CA ILE D 3 -39.60 1.71 21.00
C ILE D 3 -38.37 0.86 20.69
N ILE D 4 -37.18 1.47 20.71
CA ILE D 4 -35.97 0.71 20.44
C ILE D 4 -35.49 0.18 21.78
N ARG D 5 -35.47 -1.15 21.94
CA ARG D 5 -35.06 -1.77 23.19
C ARG D 5 -33.67 -2.40 23.17
N SER D 6 -33.16 -2.68 21.98
CA SER D 6 -31.85 -3.30 21.88
C SER D 6 -30.89 -2.49 21.02
N ILE D 7 -29.63 -2.43 21.46
CA ILE D 7 -28.64 -1.70 20.71
C ILE D 7 -28.33 -2.46 19.41
N LEU D 8 -28.78 -3.71 19.33
CA LEU D 8 -28.57 -4.53 18.13
C LEU D 8 -29.78 -4.44 17.18
N ASP D 9 -30.83 -3.72 17.59
CA ASP D 9 -32.01 -3.58 16.74
C ASP D 9 -31.69 -2.53 15.67
N THR D 10 -30.92 -2.97 14.68
CA THR D 10 -30.48 -2.11 13.59
C THR D 10 -29.98 -3.04 12.48
N ASP D 11 -29.59 -2.46 11.34
CA ASP D 11 -29.09 -3.24 10.22
C ASP D 11 -27.62 -3.58 10.35
N LEU D 12 -27.26 -4.77 9.88
CA LEU D 12 -25.88 -5.23 9.92
C LEU D 12 -24.92 -4.20 9.31
N TYR D 13 -25.28 -3.65 8.16
CA TYR D 13 -24.38 -2.70 7.49
C TYR D 13 -24.02 -1.47 8.32
N LYS D 14 -24.83 -1.15 9.32
CA LYS D 14 -24.53 0.01 10.18
C LYS D 14 -23.28 -0.30 11.00
N PHE D 15 -23.15 -1.56 11.44
CA PHE D 15 -21.97 -1.95 12.22
C PHE D 15 -20.74 -2.18 11.34
N THR D 16 -20.92 -2.85 10.20
CA THR D 16 -19.78 -3.11 9.32
C THR D 16 -19.22 -1.81 8.73
N THR D 17 -20.10 -0.88 8.38
CA THR D 17 -19.65 0.39 7.83
C THR D 17 -19.13 1.24 8.97
N GLY D 18 -19.77 1.11 10.13
CA GLY D 18 -19.35 1.86 11.31
C GLY D 18 -17.91 1.51 11.70
N TYR D 19 -17.55 0.23 11.64
CA TYR D 19 -16.20 -0.17 11.99
C TYR D 19 -15.25 0.31 10.90
N ALA D 20 -15.67 0.20 9.64
CA ALA D 20 -14.84 0.65 8.53
C ALA D 20 -14.51 2.13 8.73
N TYR D 21 -15.48 2.94 9.15
CA TYR D 21 -15.21 4.35 9.40
C TYR D 21 -14.28 4.51 10.62
N ALA D 22 -14.58 3.76 11.68
CA ALA D 22 -13.79 3.85 12.90
C ALA D 22 -12.33 3.48 12.68
N LYS D 23 -12.07 2.55 11.77
CA LYS D 23 -10.71 2.14 11.51
C LYS D 23 -9.95 3.09 10.57
N LEU D 24 -10.55 3.39 9.43
CA LEU D 24 -9.90 4.21 8.42
C LEU D 24 -10.20 5.70 8.44
N PHE D 25 -11.36 6.10 8.95
CA PHE D 25 -11.74 7.52 8.97
C PHE D 25 -12.31 7.96 10.32
N PRO D 26 -11.57 7.68 11.41
CA PRO D 26 -12.04 8.06 12.76
C PRO D 26 -12.21 9.55 13.03
N ARG D 27 -11.69 10.40 12.14
CA ARG D 27 -11.81 11.85 12.32
C ARG D 27 -12.87 12.47 11.42
N ALA D 28 -13.44 11.66 10.54
CA ALA D 28 -14.44 12.16 9.61
C ALA D 28 -15.73 12.57 10.28
N TYR D 29 -16.40 13.55 9.68
CA TYR D 29 -17.68 14.05 10.15
C TYR D 29 -18.70 13.84 9.04
N GLY D 30 -19.97 13.75 9.41
CA GLY D 30 -20.99 13.57 8.41
C GLY D 30 -22.32 14.11 8.89
N GLU D 31 -23.20 14.43 7.96
CA GLU D 31 -24.53 14.90 8.32
C GLU D 31 -25.53 14.09 7.54
N PHE D 32 -26.42 13.41 8.26
CA PHE D 32 -27.46 12.61 7.65
C PHE D 32 -28.73 13.44 7.68
N ARG D 33 -29.50 13.37 6.60
CA ARG D 33 -30.76 14.11 6.53
C ARG D 33 -31.93 13.21 6.21
N PHE D 34 -32.98 13.35 7.01
CA PHE D 34 -34.20 12.60 6.84
C PHE D 34 -34.95 13.20 5.65
N ILE D 35 -35.54 12.35 4.83
CA ILE D 35 -36.31 12.84 3.69
C ILE D 35 -37.60 12.04 3.55
N ASP D 36 -38.73 12.74 3.65
CA ASP D 36 -40.02 12.09 3.46
C ASP D 36 -40.34 12.39 2.01
N ARG D 37 -40.12 11.41 1.15
CA ARG D 37 -40.34 11.57 -0.28
C ARG D 37 -41.80 11.74 -0.70
N ASN D 38 -42.71 11.67 0.26
CA ASN D 38 -44.12 11.86 -0.04
C ASN D 38 -44.57 13.22 0.48
N ARG D 39 -43.63 13.95 1.08
CA ARG D 39 -43.89 15.28 1.62
C ARG D 39 -45.17 15.36 2.46
N GLN D 40 -45.36 14.39 3.34
CA GLN D 40 -46.54 14.37 4.21
C GLN D 40 -46.41 15.49 5.24
N GLY D 41 -47.56 16.00 5.67
CA GLY D 41 -47.54 17.06 6.66
C GLY D 41 -47.39 16.46 8.05
N PHE D 42 -46.54 17.07 8.86
CA PHE D 42 -46.32 16.58 10.22
C PHE D 42 -46.51 17.71 11.21
N THR D 43 -46.99 17.35 12.39
CA THR D 43 -47.24 18.34 13.44
C THR D 43 -46.12 18.36 14.46
N GLU D 44 -46.05 19.45 15.22
CA GLU D 44 -45.03 19.60 16.24
C GLU D 44 -45.16 18.57 17.35
N GLU D 45 -46.36 18.08 17.59
CA GLU D 45 -46.52 17.09 18.65
C GLU D 45 -45.91 15.75 18.21
N PHE D 46 -45.98 15.46 16.91
CA PHE D 46 -45.38 14.23 16.40
C PHE D 46 -43.86 14.39 16.52
N ALA D 47 -43.38 15.56 16.13
CA ALA D 47 -41.95 15.85 16.20
C ALA D 47 -41.47 15.64 17.63
N GLU D 48 -42.30 16.03 18.59
CA GLU D 48 -41.95 15.90 19.99
C GLU D 48 -41.90 14.42 20.38
N LEU D 49 -42.79 13.63 19.79
CA LEU D 49 -42.80 12.19 20.06
C LEU D 49 -41.49 11.59 19.57
N VAL D 50 -41.04 12.06 18.41
CA VAL D 50 -39.79 11.58 17.85
C VAL D 50 -38.61 11.95 18.74
N ARG D 51 -38.57 13.21 19.19
CA ARG D 51 -37.50 13.65 20.06
C ARG D 51 -37.45 12.82 21.33
N GLY D 52 -38.62 12.44 21.84
CA GLY D 52 -38.68 11.63 23.05
C GLY D 52 -38.07 10.26 22.84
N GLU D 53 -38.36 9.67 21.69
CA GLU D 53 -37.83 8.34 21.36
C GLU D 53 -36.32 8.43 21.17
N ILE D 54 -35.87 9.50 20.54
CA ILE D 54 -34.44 9.68 20.31
C ILE D 54 -33.72 9.81 21.65
N ARG D 55 -34.31 10.56 22.58
CA ARG D 55 -33.71 10.73 23.90
C ARG D 55 -33.71 9.41 24.66
N ALA D 56 -34.76 8.62 24.50
CA ALA D 56 -34.87 7.35 25.17
C ALA D 56 -33.74 6.40 24.77
N MET D 57 -33.27 6.52 23.52
CA MET D 57 -32.20 5.66 23.02
C MET D 57 -30.87 5.80 23.76
N ALA D 58 -30.71 6.89 24.50
CA ALA D 58 -29.48 7.13 25.26
C ALA D 58 -29.29 6.08 26.35
N ALA D 59 -30.38 5.39 26.70
CA ALA D 59 -30.31 4.38 27.75
C ALA D 59 -29.89 3.00 27.24
N LEU D 60 -29.86 2.82 25.93
CA LEU D 60 -29.47 1.54 25.35
C LEU D 60 -28.01 1.18 25.63
N SER D 61 -27.75 -0.09 25.88
CA SER D 61 -26.39 -0.57 26.11
C SER D 61 -26.33 -2.05 25.77
N LEU D 62 -25.20 -2.46 25.21
CA LEU D 62 -24.98 -3.84 24.82
C LEU D 62 -25.07 -4.77 26.04
N THR D 63 -25.86 -5.83 25.95
CA THR D 63 -25.97 -6.77 27.06
C THR D 63 -24.84 -7.78 26.93
N ARG D 64 -24.66 -8.59 27.96
CA ARG D 64 -23.60 -9.59 27.95
C ARG D 64 -23.89 -10.66 26.89
N ASP D 65 -25.13 -11.07 26.76
CA ASP D 65 -25.48 -12.07 25.76
C ASP D 65 -25.29 -11.52 24.36
N GLU D 66 -25.62 -10.25 24.15
CA GLU D 66 -25.46 -9.65 22.84
C GLU D 66 -23.99 -9.56 22.47
N LYS D 67 -23.16 -9.23 23.45
CA LYS D 67 -21.73 -9.15 23.21
C LYS D 67 -21.19 -10.51 22.78
N GLU D 68 -21.61 -11.56 23.48
CA GLU D 68 -21.18 -12.93 23.15
C GLU D 68 -21.67 -13.32 21.76
N PHE D 69 -22.87 -12.88 21.42
CA PHE D 69 -23.44 -13.16 20.10
C PHE D 69 -22.57 -12.52 19.02
N LEU D 70 -22.22 -11.24 19.22
CA LEU D 70 -21.40 -10.53 18.25
C LEU D 70 -20.05 -11.22 18.07
N GLN D 71 -19.45 -11.67 19.16
CA GLN D 71 -18.16 -12.34 19.09
C GLN D 71 -18.26 -13.65 18.33
N ARG D 72 -19.38 -14.37 18.49
CA ARG D 72 -19.55 -15.65 17.83
C ARG D 72 -20.10 -15.59 16.42
N GLU D 73 -21.07 -14.71 16.18
CA GLU D 73 -21.70 -14.61 14.88
C GLU D 73 -21.22 -13.53 13.92
N LEU D 74 -20.55 -12.50 14.43
CA LEU D 74 -20.05 -11.43 13.56
C LEU D 74 -18.55 -11.27 13.81
N PRO D 75 -17.78 -12.35 13.62
CA PRO D 75 -16.33 -12.35 13.84
C PRO D 75 -15.55 -11.34 13.00
N TYR D 76 -16.12 -10.90 11.88
CA TYR D 76 -15.41 -9.92 11.04
C TYR D 76 -15.34 -8.56 11.74
N LEU D 77 -16.09 -8.41 12.83
CA LEU D 77 -16.01 -7.18 13.62
C LEU D 77 -14.96 -7.54 14.68
N PRO D 78 -13.79 -6.87 14.65
CA PRO D 78 -12.69 -7.12 15.59
C PRO D 78 -13.05 -6.79 17.03
N PRO D 79 -12.28 -7.35 17.98
CA PRO D 79 -12.51 -7.12 19.41
C PRO D 79 -12.54 -5.62 19.78
N ILE D 80 -11.71 -4.82 19.11
CA ILE D 80 -11.68 -3.39 19.41
C ILE D 80 -13.04 -2.75 19.15
N TYR D 81 -13.72 -3.20 18.10
CA TYR D 81 -15.02 -2.63 17.78
C TYR D 81 -16.09 -3.13 18.76
N ILE D 82 -15.94 -4.36 19.21
CA ILE D 82 -16.88 -4.90 20.16
C ILE D 82 -16.74 -4.13 21.48
N ASP D 83 -15.51 -3.75 21.83
CA ASP D 83 -15.29 -2.97 23.05
C ASP D 83 -15.95 -1.61 22.88
N PHE D 84 -15.83 -1.06 21.67
CA PHE D 84 -16.43 0.25 21.38
C PHE D 84 -17.95 0.17 21.56
N LEU D 85 -18.56 -0.83 20.95
CA LEU D 85 -20.00 -1.01 21.05
C LEU D 85 -20.43 -1.27 22.48
N ASP D 86 -19.62 -2.02 23.22
CA ASP D 86 -19.91 -2.37 24.61
C ASP D 86 -19.98 -1.12 25.49
N GLY D 87 -19.16 -0.11 25.17
CA GLY D 87 -19.19 1.11 25.97
C GLY D 87 -19.91 2.25 25.28
N PHE D 88 -20.46 1.98 24.11
CA PHE D 88 -21.15 3.01 23.33
C PHE D 88 -22.50 3.44 23.89
N ARG D 89 -22.76 4.74 23.78
CA ARG D 89 -24.03 5.31 24.21
C ARG D 89 -24.45 6.34 23.18
N PHE D 90 -25.69 6.24 22.71
CA PHE D 90 -26.20 7.20 21.74
C PHE D 90 -26.21 8.57 22.39
N ASP D 91 -25.83 9.59 21.61
CA ASP D 91 -25.83 10.96 22.12
C ASP D 91 -26.88 11.75 21.37
N PRO D 92 -28.05 11.95 22.01
CA PRO D 92 -29.19 12.68 21.45
C PRO D 92 -28.90 14.07 20.90
N GLU D 93 -27.91 14.76 21.44
CA GLU D 93 -27.64 16.10 20.94
C GLU D 93 -27.03 16.15 19.55
N GLU D 94 -26.68 15.00 18.99
CA GLU D 94 -26.13 14.96 17.62
C GLU D 94 -27.32 15.05 16.66
N VAL D 95 -28.52 14.89 17.19
CA VAL D 95 -29.73 14.89 16.38
C VAL D 95 -30.66 16.07 16.60
N THR D 96 -31.10 16.68 15.51
CA THR D 96 -32.01 17.82 15.58
C THR D 96 -33.30 17.52 14.83
N VAL D 97 -34.42 17.57 15.53
CA VAL D 97 -35.72 17.30 14.91
C VAL D 97 -36.53 18.58 14.85
N SER D 98 -37.24 18.79 13.74
CA SER D 98 -38.07 19.96 13.60
C SER D 98 -39.01 19.84 12.41
N ILE D 99 -39.97 20.75 12.35
CA ILE D 99 -40.93 20.80 11.26
C ILE D 99 -40.43 21.99 10.44
N ASP D 100 -40.11 21.77 9.17
CA ASP D 100 -39.59 22.86 8.36
C ASP D 100 -40.63 23.89 7.97
N ALA D 101 -40.21 24.88 7.20
CA ALA D 101 -41.10 25.96 6.75
C ALA D 101 -42.30 25.44 5.97
N GLN D 102 -42.13 24.32 5.28
CA GLN D 102 -43.22 23.75 4.49
C GLN D 102 -44.11 22.80 5.31
N GLY D 103 -43.84 22.71 6.61
CA GLY D 103 -44.63 21.83 7.46
C GLY D 103 -44.24 20.37 7.34
N HIS D 104 -43.04 20.12 6.85
CA HIS D 104 -42.54 18.75 6.68
C HIS D 104 -41.60 18.38 7.81
N LEU D 105 -41.52 17.08 8.12
CA LEU D 105 -40.65 16.60 9.18
C LEU D 105 -39.20 16.66 8.71
N ASP D 106 -38.36 17.34 9.49
CA ASP D 106 -36.94 17.47 9.17
C ASP D 106 -36.09 16.92 10.31
N ILE D 107 -35.18 16.01 9.99
CA ILE D 107 -34.32 15.43 11.00
C ILE D 107 -32.87 15.34 10.50
N ARG D 108 -31.95 15.80 11.34
CA ARG D 108 -30.54 15.77 10.96
C ARG D 108 -29.66 15.28 12.08
N ALA D 109 -28.79 14.33 11.74
CA ALA D 109 -27.85 13.76 12.69
C ALA D 109 -26.50 14.19 12.18
N GLN D 110 -25.78 14.98 12.97
CA GLN D 110 -24.47 15.45 12.55
C GLN D 110 -23.44 15.23 13.65
N GLY D 111 -22.24 14.82 13.25
CA GLY D 111 -21.17 14.55 14.18
C GLY D 111 -20.14 13.63 13.55
N LEU D 112 -19.33 12.97 14.38
CA LEU D 112 -18.33 12.05 13.84
C LEU D 112 -19.07 10.97 13.08
N LEU D 113 -18.62 10.73 11.84
CA LEU D 113 -19.25 9.75 10.98
C LEU D 113 -19.40 8.34 11.56
N TYR D 114 -18.36 7.80 12.19
CA TYR D 114 -18.48 6.45 12.75
C TYR D 114 -19.57 6.40 13.82
N ARG D 115 -19.87 7.55 14.42
CA ARG D 115 -20.90 7.60 15.44
C ARG D 115 -22.29 7.82 14.85
N VAL D 116 -22.46 8.91 14.08
CA VAL D 116 -23.79 9.23 13.54
C VAL D 116 -24.37 8.29 12.51
N THR D 117 -23.53 7.49 11.86
CA THR D 117 -24.07 6.57 10.88
C THR D 117 -25.02 5.58 11.57
N LEU D 118 -24.78 5.32 12.85
CA LEU D 118 -25.60 4.38 13.62
C LEU D 118 -27.03 4.86 13.89
N TRP D 119 -27.30 6.16 13.70
CA TRP D 119 -28.64 6.70 13.92
C TRP D 119 -29.68 6.33 12.84
N GLU D 120 -29.23 6.25 11.59
CA GLU D 120 -30.13 5.99 10.46
C GLU D 120 -31.26 4.98 10.58
N THR D 121 -30.92 3.70 10.71
CA THR D 121 -31.93 2.66 10.79
C THR D 121 -32.86 2.79 11.98
N PRO D 122 -32.31 2.99 13.20
CA PRO D 122 -33.18 3.12 14.37
C PRO D 122 -34.17 4.28 14.22
N ILE D 123 -33.68 5.44 13.79
CA ILE D 123 -34.55 6.61 13.63
C ILE D 123 -35.68 6.36 12.63
N LEU D 124 -35.35 5.73 11.50
CA LEU D 124 -36.38 5.45 10.49
C LEU D 124 -37.40 4.45 11.03
N ALA D 125 -36.94 3.43 11.75
CA ALA D 125 -37.83 2.42 12.32
C ALA D 125 -38.71 3.07 13.39
N VAL D 126 -38.15 4.01 14.14
CA VAL D 126 -38.90 4.71 15.17
C VAL D 126 -39.99 5.56 14.55
N ILE D 127 -39.63 6.34 13.53
CA ILE D 127 -40.60 7.20 12.86
C ILE D 127 -41.73 6.36 12.28
N SER D 128 -41.38 5.24 11.64
CA SER D 128 -42.37 4.37 11.04
C SER D 128 -43.34 3.83 12.08
N GLU D 129 -42.80 3.25 13.15
CA GLU D 129 -43.66 2.70 14.20
C GLU D 129 -44.50 3.78 14.88
N LEU D 130 -43.88 4.91 15.20
CA LEU D 130 -44.61 6.01 15.84
C LEU D 130 -45.75 6.49 14.96
N TYR D 131 -45.49 6.55 13.66
CA TYR D 131 -46.47 7.01 12.70
C TYR D 131 -47.76 6.20 12.73
N TYR D 132 -47.65 4.89 12.58
CA TYR D 132 -48.82 4.05 12.58
C TYR D 132 -49.56 4.12 13.90
N ARG D 133 -48.82 4.23 15.00
CA ARG D 133 -49.46 4.35 16.30
C ARG D 133 -50.26 5.65 16.30
N PHE D 134 -49.59 6.71 15.85
CA PHE D 134 -50.17 8.05 15.81
C PHE D 134 -51.48 8.13 15.05
N ILE D 135 -51.57 7.46 13.90
CA ILE D 135 -52.79 7.50 13.12
C ILE D 135 -53.74 6.37 13.50
N GLY D 136 -53.42 5.68 14.60
CA GLY D 136 -54.25 4.60 15.08
C GLY D 136 -54.33 3.35 14.23
N ALA D 137 -53.38 3.14 13.33
CA ALA D 137 -53.41 1.95 12.49
C ALA D 137 -52.98 0.73 13.30
N GLU D 138 -53.57 -0.43 12.99
CA GLU D 138 -53.24 -1.67 13.67
C GLU D 138 -53.10 -2.77 12.64
N PRO D 139 -52.20 -3.74 12.89
CA PRO D 139 -52.03 -4.82 11.92
C PRO D 139 -53.12 -5.90 12.01
N ASP D 140 -53.44 -6.50 10.88
CA ASP D 140 -54.40 -7.59 10.86
C ASP D 140 -53.53 -8.83 11.03
N TRP D 141 -53.32 -9.20 12.29
CA TRP D 141 -52.48 -10.34 12.59
C TRP D 141 -52.87 -11.63 11.88
N LYS D 142 -54.15 -11.80 11.58
CA LYS D 142 -54.59 -12.99 10.87
C LYS D 142 -53.93 -13.00 9.49
N GLN D 143 -53.93 -11.84 8.84
CA GLN D 143 -53.31 -11.73 7.52
C GLN D 143 -51.79 -11.88 7.62
N VAL D 144 -51.20 -11.27 8.65
CA VAL D 144 -49.75 -11.35 8.83
C VAL D 144 -49.36 -12.83 8.91
N GLU D 145 -50.04 -13.56 9.79
CA GLU D 145 -49.79 -14.98 9.96
C GLU D 145 -49.90 -15.73 8.64
N GLU D 146 -51.03 -15.55 7.97
CA GLU D 146 -51.32 -16.22 6.71
C GLU D 146 -50.45 -15.89 5.50
N VAL D 147 -50.30 -14.62 5.15
CA VAL D 147 -49.49 -14.27 3.98
C VAL D 147 -48.01 -14.57 4.18
N THR D 148 -47.52 -14.40 5.40
CA THR D 148 -46.10 -14.63 5.66
C THR D 148 -45.82 -16.12 5.49
N ARG D 149 -46.73 -16.97 5.97
CA ARG D 149 -46.54 -18.40 5.82
C ARG D 149 -46.54 -18.75 4.33
N SER D 150 -47.49 -18.20 3.59
CA SER D 150 -47.56 -18.46 2.15
C SER D 150 -46.27 -18.05 1.45
N LYS D 151 -45.78 -16.86 1.77
CA LYS D 151 -44.53 -16.38 1.17
C LYS D 151 -43.37 -17.30 1.50
N GLY D 152 -43.27 -17.73 2.76
CA GLY D 152 -42.22 -18.63 3.16
C GLY D 152 -42.26 -19.94 2.39
N GLU D 153 -43.44 -20.54 2.31
CA GLU D 153 -43.60 -21.80 1.59
C GLU D 153 -43.24 -21.65 0.12
N LEU D 154 -43.64 -20.53 -0.48
CA LEU D 154 -43.36 -20.26 -1.89
C LEU D 154 -41.85 -20.18 -2.14
N MET D 155 -41.14 -19.40 -1.32
CA MET D 155 -39.70 -19.27 -1.48
C MET D 155 -39.01 -20.62 -1.29
N ARG D 156 -39.51 -21.40 -0.33
CA ARG D 156 -38.95 -22.71 -0.03
C ARG D 156 -39.12 -23.63 -1.24
N GLU D 157 -40.34 -23.66 -1.77
CA GLU D 157 -40.67 -24.48 -2.93
C GLU D 157 -39.77 -24.17 -4.13
N HIS D 158 -39.59 -22.89 -4.44
CA HIS D 158 -38.76 -22.49 -5.57
C HIS D 158 -37.27 -22.39 -5.22
N ARG D 159 -36.92 -22.72 -3.98
CA ARG D 159 -35.54 -22.65 -3.54
C ARG D 159 -34.93 -21.28 -3.83
N ALA D 160 -35.67 -20.24 -3.52
CA ALA D 160 -35.21 -18.87 -3.73
C ALA D 160 -34.51 -18.36 -2.47
N THR D 161 -33.17 -18.35 -2.51
CA THR D 161 -32.39 -17.86 -1.38
C THR D 161 -32.69 -16.38 -1.15
N PHE D 162 -33.15 -16.05 0.05
CA PHE D 162 -33.49 -14.66 0.35
C PHE D 162 -33.17 -14.28 1.78
N SER D 163 -33.06 -12.97 2.01
CA SER D 163 -32.77 -12.41 3.33
C SER D 163 -33.81 -11.34 3.63
N ILE D 164 -34.06 -11.11 4.91
CA ILE D 164 -35.02 -10.10 5.34
C ILE D 164 -34.30 -8.75 5.51
N PHE D 165 -34.66 -7.79 4.67
CA PHE D 165 -34.06 -6.43 4.70
C PHE D 165 -35.13 -5.37 4.91
N GLY D 166 -36.14 -5.60 5.73
CA GLY D 166 -37.17 -4.57 5.86
C GLY D 166 -37.29 -3.78 7.16
N MET D 167 -36.22 -3.70 7.93
CA MET D 167 -36.27 -2.98 9.19
C MET D 167 -36.67 -1.51 9.14
N ARG D 168 -35.98 -0.72 8.33
CA ARG D 168 -36.25 0.70 8.25
C ARG D 168 -37.69 1.11 8.00
N ARG D 169 -38.45 0.29 7.28
CA ARG D 169 -39.84 0.64 7.01
C ARG D 169 -40.86 -0.34 7.57
N ARG D 170 -40.44 -1.13 8.56
CA ARG D 170 -41.33 -2.10 9.18
C ARG D 170 -42.52 -1.39 9.82
N PHE D 171 -43.65 -2.10 9.93
CA PHE D 171 -44.84 -1.53 10.56
C PHE D 171 -44.50 -1.29 12.03
N SER D 172 -43.79 -2.26 12.63
CA SER D 172 -43.39 -2.19 14.03
C SER D 172 -42.38 -3.29 14.31
N LEU D 173 -41.70 -3.20 15.45
CA LEU D 173 -40.72 -4.21 15.83
C LEU D 173 -41.46 -5.53 15.99
N GLU D 174 -42.62 -5.46 16.61
CA GLU D 174 -43.47 -6.62 16.86
C GLU D 174 -43.82 -7.35 15.56
N VAL D 175 -44.17 -6.59 14.53
CA VAL D 175 -44.50 -7.19 13.24
C VAL D 175 -43.26 -7.84 12.61
N GLU D 176 -42.14 -7.13 12.58
CA GLU D 176 -40.93 -7.71 12.00
C GLU D 176 -40.49 -8.95 12.78
N ASP D 177 -40.64 -8.91 14.10
CA ASP D 177 -40.28 -10.03 14.97
C ASP D 177 -41.09 -11.28 14.62
N ARG D 178 -42.41 -11.14 14.60
CA ARG D 178 -43.29 -12.25 14.29
C ARG D 178 -43.09 -12.76 12.86
N VAL D 179 -42.96 -11.84 11.91
CA VAL D 179 -42.76 -12.21 10.50
C VAL D 179 -41.48 -13.04 10.35
N THR D 180 -40.43 -12.64 11.06
CA THR D 180 -39.17 -13.35 11.02
C THR D 180 -39.35 -14.74 11.59
N ASP D 181 -40.10 -14.84 12.67
CA ASP D 181 -40.35 -16.12 13.32
C ASP D 181 -41.11 -17.06 12.37
N ILE D 182 -42.13 -16.52 11.69
CA ILE D 182 -42.91 -17.33 10.76
C ILE D 182 -42.07 -17.80 9.57
N LEU D 183 -41.30 -16.89 8.99
CA LEU D 183 -40.48 -17.22 7.84
C LEU D 183 -39.48 -18.31 8.21
N LYS D 184 -38.89 -18.18 9.39
CA LYS D 184 -37.91 -19.17 9.83
C LYS D 184 -38.57 -20.54 9.88
N GLN D 185 -39.83 -20.54 10.30
CA GLN D 185 -40.61 -21.76 10.44
C GLN D 185 -41.04 -22.40 9.10
N TYR D 186 -41.37 -21.57 8.11
CA TYR D 186 -41.85 -22.10 6.85
C TYR D 186 -40.96 -22.00 5.61
N ALA D 187 -39.95 -21.15 5.64
CA ALA D 187 -39.10 -20.98 4.47
C ALA D 187 -38.03 -22.05 4.29
N GLY D 188 -37.81 -22.85 5.32
CA GLY D 188 -36.81 -23.88 5.22
C GLY D 188 -35.42 -23.29 4.99
N GLU D 189 -34.66 -23.91 4.09
CA GLU D 189 -33.32 -23.43 3.78
C GLU D 189 -33.30 -22.20 2.89
N SER D 190 -34.44 -21.84 2.30
CA SER D 190 -34.47 -20.67 1.43
C SER D 190 -34.18 -19.38 2.19
N LEU D 191 -34.46 -19.36 3.50
CA LEU D 191 -34.20 -18.17 4.30
C LEU D 191 -32.72 -18.12 4.66
N PHE D 192 -31.97 -17.22 4.04
CA PHE D 192 -30.55 -17.11 4.32
C PHE D 192 -30.31 -16.50 5.68
N GLY D 193 -30.98 -15.39 5.95
CA GLY D 193 -30.82 -14.72 7.23
C GLY D 193 -31.53 -13.38 7.25
N THR D 194 -31.16 -12.52 8.19
CA THR D 194 -31.78 -11.22 8.29
C THR D 194 -30.77 -10.13 8.51
N SER D 195 -31.11 -8.93 8.09
CA SER D 195 -30.24 -7.78 8.26
C SER D 195 -30.33 -7.25 9.70
N ASN D 196 -31.47 -7.50 10.35
CA ASN D 196 -31.70 -7.06 11.72
C ASN D 196 -30.87 -7.93 12.66
N VAL D 197 -29.78 -7.38 13.19
CA VAL D 197 -28.88 -8.14 14.07
C VAL D 197 -29.57 -8.64 15.32
N HIS D 198 -30.45 -7.82 15.88
CA HIS D 198 -31.17 -8.20 17.10
C HIS D 198 -32.06 -9.42 16.87
N LEU D 199 -32.82 -9.40 15.78
CA LEU D 199 -33.71 -10.50 15.49
C LEU D 199 -32.96 -11.76 15.04
N ALA D 200 -31.76 -11.57 14.49
CA ALA D 200 -30.96 -12.72 14.07
C ALA D 200 -30.49 -13.39 15.35
N HIS D 201 -30.16 -12.58 16.35
CA HIS D 201 -29.71 -13.09 17.64
C HIS D 201 -30.89 -13.83 18.30
N LYS D 202 -32.02 -13.15 18.38
CA LYS D 202 -33.22 -13.71 19.00
C LYS D 202 -33.74 -15.00 18.38
N HIS D 203 -33.75 -15.06 17.05
CA HIS D 203 -34.28 -16.23 16.36
C HIS D 203 -33.22 -17.21 15.86
N GLY D 204 -31.98 -16.99 16.25
CA GLY D 204 -30.90 -17.89 15.84
C GLY D 204 -30.70 -17.98 14.34
N LEU D 205 -30.70 -16.83 13.67
CA LEU D 205 -30.50 -16.79 12.22
C LEU D 205 -29.17 -16.13 11.90
N ARG D 206 -28.71 -16.28 10.67
CA ARG D 206 -27.46 -15.65 10.25
C ARG D 206 -27.79 -14.19 10.00
N VAL D 207 -26.81 -13.31 10.12
CA VAL D 207 -27.04 -11.90 9.83
C VAL D 207 -26.71 -11.79 8.34
N SER D 208 -27.36 -10.87 7.65
CA SER D 208 -27.15 -10.72 6.21
C SER D 208 -27.17 -9.26 5.79
N GLY D 209 -26.23 -8.88 4.92
CA GLY D 209 -26.18 -7.52 4.43
C GLY D 209 -24.94 -7.24 3.61
N THR D 210 -24.90 -6.06 3.00
CA THR D 210 -23.74 -5.67 2.18
C THR D 210 -23.35 -4.28 2.60
N HIS D 211 -22.21 -3.79 2.10
CA HIS D 211 -21.81 -2.43 2.44
C HIS D 211 -22.90 -1.56 1.81
N PRO D 212 -23.12 -0.35 2.34
CA PRO D 212 -24.16 0.54 1.81
C PRO D 212 -23.63 1.58 0.82
N HIS D 213 -24.55 2.34 0.26
CA HIS D 213 -24.23 3.39 -0.69
C HIS D 213 -23.40 4.50 -0.02
N GLU D 214 -23.72 4.79 1.24
CA GLU D 214 -23.01 5.84 1.96
C GLU D 214 -21.49 5.63 1.96
N TRP D 215 -21.06 4.37 2.00
CA TRP D 215 -19.63 4.06 1.99
C TRP D 215 -19.00 4.56 0.69
N ILE D 216 -19.65 4.26 -0.44
CA ILE D 216 -19.13 4.70 -1.73
C ILE D 216 -19.25 6.21 -1.86
N GLN D 217 -20.39 6.75 -1.43
CA GLN D 217 -20.65 8.19 -1.50
C GLN D 217 -19.63 8.99 -0.71
N PHE D 218 -19.26 8.48 0.46
CA PHE D 218 -18.27 9.16 1.28
C PHE D 218 -16.98 9.26 0.46
N HIS D 219 -16.57 8.15 -0.16
CA HIS D 219 -15.37 8.13 -0.98
C HIS D 219 -15.49 9.07 -2.18
N GLY D 220 -16.68 9.18 -2.74
CA GLY D 220 -16.89 10.05 -3.88
C GLY D 220 -16.70 11.52 -3.48
N ALA D 221 -17.19 11.87 -2.30
CA ALA D 221 -17.09 13.24 -1.82
C ALA D 221 -15.66 13.62 -1.44
N ILE D 222 -14.95 12.67 -0.84
CA ILE D 222 -13.58 12.92 -0.40
C ILE D 222 -12.51 12.74 -1.49
N TYR D 223 -12.59 11.63 -2.22
CA TYR D 223 -11.61 11.31 -3.26
C TYR D 223 -11.99 11.67 -4.69
N GLY D 224 -13.22 12.10 -4.92
CA GLY D 224 -13.63 12.44 -6.27
C GLY D 224 -14.36 11.27 -6.91
N TYR D 225 -15.14 11.58 -7.95
CA TYR D 225 -15.95 10.57 -8.64
C TYR D 225 -15.20 9.55 -9.47
N LYS D 226 -14.12 9.94 -10.13
CA LYS D 226 -13.38 8.98 -10.95
C LYS D 226 -12.88 7.77 -10.17
N MET D 227 -12.33 7.98 -8.97
CA MET D 227 -11.80 6.87 -8.18
C MET D 227 -12.68 6.36 -7.05
N ALA D 228 -13.87 6.95 -6.87
CA ALA D 228 -14.78 6.57 -5.80
C ALA D 228 -14.98 5.06 -5.64
N ASN D 229 -15.52 4.40 -6.67
CA ASN D 229 -15.75 2.97 -6.61
C ASN D 229 -14.49 2.17 -6.30
N TYR D 230 -13.41 2.48 -7.02
CA TYR D 230 -12.15 1.76 -6.82
C TYR D 230 -11.60 1.87 -5.40
N VAL D 231 -11.45 3.09 -4.88
CA VAL D 231 -10.91 3.28 -3.54
C VAL D 231 -11.85 2.73 -2.47
N ALA D 232 -13.16 2.82 -2.71
CA ALA D 232 -14.13 2.29 -1.75
C ALA D 232 -13.92 0.78 -1.60
N MET D 233 -13.74 0.08 -2.72
CA MET D 233 -13.52 -1.36 -2.69
C MET D 233 -12.19 -1.71 -2.04
N GLU D 234 -11.12 -0.99 -2.40
CA GLU D 234 -9.81 -1.22 -1.80
C GLU D 234 -9.86 -1.03 -0.28
N ASP D 235 -10.55 0.02 0.17
CA ASP D 235 -10.64 0.28 1.61
C ASP D 235 -11.48 -0.79 2.31
N TRP D 236 -12.52 -1.29 1.63
CA TRP D 236 -13.37 -2.31 2.20
C TRP D 236 -12.55 -3.58 2.40
N ILE D 237 -11.69 -3.88 1.44
CA ILE D 237 -10.81 -5.06 1.50
C ILE D 237 -9.81 -4.89 2.62
N ASN D 238 -9.29 -3.68 2.79
CA ASN D 238 -8.34 -3.41 3.86
C ASN D 238 -9.01 -3.70 5.20
N VAL D 239 -10.27 -3.32 5.32
CA VAL D 239 -11.00 -3.53 6.56
C VAL D 239 -11.42 -4.99 6.80
N TYR D 240 -11.99 -5.63 5.79
CA TYR D 240 -12.47 -7.00 5.98
C TYR D 240 -11.72 -8.14 5.32
N ASP D 241 -10.59 -7.84 4.69
CA ASP D 241 -9.73 -8.85 4.06
C ASP D 241 -10.46 -9.89 3.22
N GLY D 242 -11.46 -9.48 2.44
CA GLY D 242 -12.16 -10.44 1.62
C GLY D 242 -13.52 -10.87 2.14
N ASP D 243 -13.78 -10.67 3.42
CA ASP D 243 -15.09 -11.01 3.97
C ASP D 243 -16.09 -9.96 3.48
N LEU D 244 -17.39 -10.26 3.60
CA LEU D 244 -18.42 -9.32 3.17
C LEU D 244 -18.14 -8.87 1.73
N GLY D 245 -17.79 -9.83 0.87
CA GLY D 245 -17.43 -9.51 -0.51
C GLY D 245 -18.51 -9.22 -1.55
N THR D 246 -19.47 -8.37 -1.20
CA THR D 246 -20.53 -8.01 -2.15
C THR D 246 -20.37 -6.53 -2.42
N VAL D 247 -20.55 -6.11 -3.66
CA VAL D 247 -20.41 -4.69 -3.96
C VAL D 247 -21.60 -4.08 -4.71
N LEU D 248 -21.96 -2.86 -4.30
CA LEU D 248 -23.04 -2.10 -4.91
C LEU D 248 -22.44 -1.42 -6.13
N THR D 249 -23.15 -1.45 -7.25
CA THR D 249 -22.65 -0.87 -8.48
C THR D 249 -23.33 0.39 -9.01
N ASP D 250 -24.52 0.73 -8.51
CA ASP D 250 -25.25 1.87 -9.05
C ASP D 250 -25.04 3.26 -8.44
N THR D 251 -24.19 3.37 -7.42
CA THR D 251 -23.96 4.66 -6.77
C THR D 251 -23.80 5.78 -7.79
N TYR D 252 -22.90 5.59 -8.75
CA TYR D 252 -22.70 6.61 -9.78
C TYR D 252 -23.03 6.00 -11.12
N THR D 253 -24.05 5.15 -11.15
CA THR D 253 -24.49 4.49 -12.37
C THR D 253 -23.69 3.21 -12.59
N THR D 254 -24.39 2.13 -12.91
CA THR D 254 -23.74 0.85 -13.13
C THR D 254 -22.82 0.85 -14.34
N ASP D 255 -23.14 1.66 -15.35
CA ASP D 255 -22.29 1.72 -16.55
C ASP D 255 -20.90 2.25 -16.18
N VAL D 256 -20.86 3.25 -15.30
CA VAL D 256 -19.60 3.81 -14.84
C VAL D 256 -18.85 2.76 -14.01
N PHE D 257 -19.57 2.06 -13.14
CA PHE D 257 -18.95 1.02 -12.31
C PHE D 257 -18.30 -0.05 -13.19
N MET D 258 -19.09 -0.64 -14.09
CA MET D 258 -18.60 -1.69 -14.96
C MET D 258 -17.40 -1.27 -15.80
N ARG D 259 -17.48 -0.07 -16.38
CA ARG D 259 -16.39 0.44 -17.20
C ARG D 259 -15.07 0.49 -16.42
N ASN D 260 -15.15 0.77 -15.12
CA ASN D 260 -13.95 0.87 -14.30
C ASN D 260 -13.68 -0.32 -13.37
N PHE D 261 -14.48 -1.37 -13.50
CA PHE D 261 -14.34 -2.58 -12.68
C PHE D 261 -13.04 -3.30 -13.05
N SER D 262 -12.09 -3.34 -12.12
CA SER D 262 -10.82 -4.00 -12.39
C SER D 262 -10.90 -5.51 -12.29
N LYS D 263 -10.01 -6.19 -12.99
CA LYS D 263 -9.98 -7.64 -12.99
C LYS D 263 -9.76 -8.16 -11.57
N LYS D 264 -8.88 -7.50 -10.83
CA LYS D 264 -8.56 -7.89 -9.46
C LYS D 264 -9.82 -7.92 -8.58
N HIS D 265 -10.59 -6.85 -8.62
CA HIS D 265 -11.81 -6.75 -7.82
C HIS D 265 -12.88 -7.69 -8.32
N ALA D 266 -12.98 -7.84 -9.64
CA ALA D 266 -13.98 -8.74 -10.21
C ALA D 266 -13.70 -10.17 -9.75
N MET D 267 -12.42 -10.52 -9.67
CA MET D 267 -12.03 -11.86 -9.24
C MET D 267 -12.19 -12.06 -7.74
N LEU D 268 -11.85 -11.03 -6.96
CA LEU D 268 -11.94 -11.11 -5.50
C LEU D 268 -13.37 -11.08 -4.93
N PHE D 269 -14.18 -10.13 -5.38
CA PHE D 269 -15.55 -10.05 -4.87
C PHE D 269 -16.35 -11.21 -5.43
N THR D 270 -17.18 -11.82 -4.58
CA THR D 270 -17.96 -12.97 -5.01
C THR D 270 -19.29 -12.56 -5.60
N SER D 271 -19.73 -11.34 -5.31
CA SER D 271 -21.02 -10.91 -5.82
C SER D 271 -21.25 -9.43 -5.96
N LEU D 272 -22.26 -9.10 -6.75
CA LEU D 272 -22.66 -7.74 -7.01
C LEU D 272 -24.07 -7.59 -6.47
N ARG D 273 -24.46 -6.36 -6.17
CA ARG D 273 -25.80 -6.14 -5.68
C ARG D 273 -26.56 -5.23 -6.63
N HIS D 274 -27.74 -5.69 -7.04
CA HIS D 274 -28.61 -4.93 -7.93
C HIS D 274 -29.61 -4.22 -7.04
N ASP D 275 -29.68 -2.89 -7.12
CA ASP D 275 -30.59 -2.17 -6.27
C ASP D 275 -31.43 -1.10 -6.95
N SER D 276 -31.36 -1.02 -8.28
CA SER D 276 -32.16 -0.04 -9.02
C SER D 276 -32.11 -0.35 -10.51
N GLY D 277 -33.13 0.08 -11.24
CA GLY D 277 -33.18 -0.17 -12.66
C GLY D 277 -33.70 -1.57 -12.96
N ASP D 278 -33.85 -1.87 -14.25
CA ASP D 278 -34.34 -3.17 -14.68
C ASP D 278 -33.34 -4.28 -14.40
N PRO D 279 -33.76 -5.33 -13.68
CA PRO D 279 -32.89 -6.45 -13.34
C PRO D 279 -32.32 -7.20 -14.55
N GLU D 280 -33.14 -7.40 -15.57
CA GLU D 280 -32.70 -8.10 -16.76
C GLU D 280 -31.56 -7.34 -17.45
N ILE D 281 -31.65 -6.01 -17.46
CA ILE D 281 -30.62 -5.18 -18.06
C ILE D 281 -29.35 -5.27 -17.21
N PHE D 282 -29.52 -5.30 -15.89
CA PHE D 282 -28.40 -5.40 -14.98
C PHE D 282 -27.67 -6.72 -15.21
N ILE D 283 -28.43 -7.80 -15.33
CA ILE D 283 -27.84 -9.12 -15.55
C ILE D 283 -26.97 -9.14 -16.80
N GLU D 284 -27.44 -8.54 -17.89
CA GLU D 284 -26.68 -8.50 -19.14
C GLU D 284 -25.36 -7.77 -18.96
N LYS D 285 -25.42 -6.60 -18.34
CA LYS D 285 -24.21 -5.80 -18.12
C LYS D 285 -23.19 -6.57 -17.30
N ALA D 286 -23.65 -7.19 -16.22
CA ALA D 286 -22.78 -7.95 -15.33
C ALA D 286 -22.11 -9.09 -16.05
N VAL D 287 -22.91 -9.93 -16.70
CA VAL D 287 -22.39 -11.08 -17.43
C VAL D 287 -21.43 -10.64 -18.52
N ARG D 288 -21.76 -9.58 -19.24
CA ARG D 288 -20.89 -9.11 -20.31
C ARG D 288 -19.54 -8.62 -19.79
N ARG D 289 -19.56 -7.83 -18.72
CA ARG D 289 -18.32 -7.30 -18.17
C ARG D 289 -17.43 -8.40 -17.59
N TYR D 290 -18.05 -9.38 -16.93
CA TYR D 290 -17.27 -10.49 -16.38
C TYR D 290 -16.53 -11.21 -17.50
N GLU D 291 -17.20 -11.42 -18.62
CA GLU D 291 -16.59 -12.11 -19.74
C GLU D 291 -15.48 -11.29 -20.37
N GLU D 292 -15.67 -9.97 -20.40
CA GLU D 292 -14.64 -9.09 -20.95
C GLU D 292 -13.38 -9.24 -20.11
N LEU D 293 -13.58 -9.37 -18.80
CA LEU D 293 -12.48 -9.52 -17.87
C LEU D 293 -12.00 -10.96 -17.76
N ARG D 294 -12.63 -11.85 -18.53
CA ARG D 294 -12.26 -13.26 -18.51
C ARG D 294 -12.45 -13.85 -17.11
N VAL D 295 -13.57 -13.49 -16.50
CA VAL D 295 -13.94 -13.99 -15.19
C VAL D 295 -15.23 -14.76 -15.43
N ASP D 296 -15.37 -15.93 -14.83
CA ASP D 296 -16.55 -16.76 -15.02
C ASP D 296 -17.76 -16.28 -14.22
N PRO D 297 -18.75 -15.67 -14.91
CA PRO D 297 -19.94 -15.18 -14.22
C PRO D 297 -20.76 -16.26 -13.50
N LYS D 298 -20.64 -17.50 -13.97
CA LYS D 298 -21.39 -18.58 -13.37
C LYS D 298 -21.00 -18.89 -11.94
N ILE D 299 -19.79 -18.52 -11.54
CA ILE D 299 -19.37 -18.77 -10.16
C ILE D 299 -19.67 -17.55 -9.28
N LYS D 300 -20.17 -16.49 -9.89
CA LYS D 300 -20.49 -15.26 -9.16
C LYS D 300 -21.98 -15.23 -8.82
N TYR D 301 -22.34 -14.34 -7.88
CA TYR D 301 -23.72 -14.18 -7.44
C TYR D 301 -24.17 -12.74 -7.57
N ILE D 302 -25.48 -12.56 -7.71
CA ILE D 302 -26.05 -11.23 -7.74
C ILE D 302 -27.14 -11.23 -6.68
N ILE D 303 -27.09 -10.27 -5.79
CA ILE D 303 -28.11 -10.14 -4.76
C ILE D 303 -29.02 -9.02 -5.22
N PHE D 304 -30.27 -9.36 -5.51
CA PHE D 304 -31.27 -8.41 -5.98
C PHE D 304 -32.07 -7.91 -4.79
N SER D 305 -32.20 -6.60 -4.65
CA SER D 305 -32.91 -6.05 -3.50
C SER D 305 -33.78 -4.84 -3.81
N ASP D 306 -34.12 -4.63 -5.07
CA ASP D 306 -34.93 -3.47 -5.43
C ASP D 306 -36.44 -3.69 -5.33
N SER D 307 -37.02 -3.27 -4.20
CA SER D 307 -38.46 -3.39 -3.95
C SER D 307 -39.04 -4.71 -4.44
N LEU D 308 -38.51 -5.82 -3.91
CA LEU D 308 -38.96 -7.13 -4.34
C LEU D 308 -40.15 -7.73 -3.62
N THR D 309 -40.77 -8.69 -4.29
CA THR D 309 -41.89 -9.45 -3.75
C THR D 309 -41.43 -10.88 -4.02
N PRO D 310 -41.93 -11.86 -3.27
CA PRO D 310 -41.50 -13.23 -3.52
C PRO D 310 -41.67 -13.63 -4.98
N GLN D 311 -42.81 -13.26 -5.57
CA GLN D 311 -43.08 -13.59 -6.97
C GLN D 311 -42.08 -12.94 -7.93
N ARG D 312 -41.74 -11.68 -7.68
CA ARG D 312 -40.78 -11.00 -8.55
C ARG D 312 -39.40 -11.66 -8.42
N ALA D 313 -39.10 -12.16 -7.23
CA ALA D 313 -37.82 -12.81 -7.00
C ALA D 313 -37.74 -14.08 -7.85
N ILE D 314 -38.85 -14.80 -7.91
CA ILE D 314 -38.92 -16.04 -8.70
C ILE D 314 -38.71 -15.73 -10.18
N GLU D 315 -39.28 -14.62 -10.66
CA GLU D 315 -39.12 -14.22 -12.06
C GLU D 315 -37.65 -13.91 -12.38
N ILE D 316 -36.99 -13.13 -11.52
CA ILE D 316 -35.58 -12.79 -11.72
C ILE D 316 -34.76 -14.07 -11.69
N GLN D 317 -35.15 -14.98 -10.80
CA GLN D 317 -34.47 -16.25 -10.64
C GLN D 317 -34.43 -16.99 -11.99
N LYS D 318 -35.50 -16.91 -12.76
CA LYS D 318 -35.57 -17.55 -14.08
C LYS D 318 -34.58 -16.87 -15.02
N LEU D 319 -34.57 -15.54 -15.02
CA LEU D 319 -33.66 -14.78 -15.88
C LEU D 319 -32.20 -15.16 -15.65
N CYS D 320 -31.86 -15.50 -14.41
CA CYS D 320 -30.49 -15.85 -14.07
C CYS D 320 -30.11 -17.30 -14.35
N ALA D 321 -31.11 -18.17 -14.45
CA ALA D 321 -30.88 -19.59 -14.69
C ALA D 321 -29.82 -19.85 -15.78
N GLY D 322 -28.77 -20.57 -15.41
CA GLY D 322 -27.72 -20.90 -16.35
C GLY D 322 -26.75 -19.80 -16.72
N ARG D 323 -26.84 -18.64 -16.09
CA ARG D 323 -25.94 -17.56 -16.42
C ARG D 323 -25.11 -17.08 -15.24
N ILE D 324 -25.78 -16.87 -14.11
CA ILE D 324 -25.12 -16.38 -12.91
C ILE D 324 -26.01 -16.73 -11.71
N LYS D 325 -25.42 -16.92 -10.54
CA LYS D 325 -26.21 -17.27 -9.37
C LYS D 325 -26.97 -16.08 -8.82
N ALA D 326 -28.06 -16.35 -8.11
CA ALA D 326 -28.89 -15.26 -7.58
C ALA D 326 -29.40 -15.49 -6.16
N SER D 327 -29.51 -14.39 -5.42
CA SER D 327 -30.05 -14.42 -4.05
C SER D 327 -30.89 -13.16 -3.98
N PHE D 328 -31.66 -13.01 -2.91
CA PHE D 328 -32.52 -11.84 -2.81
C PHE D 328 -32.59 -11.20 -1.44
N GLY D 329 -32.91 -9.92 -1.46
CA GLY D 329 -33.07 -9.16 -0.24
C GLY D 329 -34.48 -8.62 -0.35
N ILE D 330 -35.36 -9.09 0.51
CA ILE D 330 -36.75 -8.66 0.48
C ILE D 330 -37.03 -7.79 1.69
N GLY D 331 -37.62 -6.62 1.46
CA GLY D 331 -37.90 -5.71 2.55
C GLY D 331 -39.33 -5.46 2.99
N THR D 332 -39.83 -4.28 2.64
CA THR D 332 -41.16 -3.86 3.02
C THR D 332 -42.30 -4.85 2.72
N ASN D 333 -42.15 -5.65 1.67
CA ASN D 333 -43.20 -6.63 1.36
C ASN D 333 -43.39 -7.62 2.50
N LEU D 334 -42.35 -7.81 3.31
CA LEU D 334 -42.42 -8.73 4.43
C LEU D 334 -42.70 -8.04 5.77
N THR D 335 -42.04 -6.92 6.02
CA THR D 335 -42.18 -6.23 7.29
C THR D 335 -43.30 -5.21 7.40
N ASN D 336 -43.93 -4.88 6.29
CA ASN D 336 -45.02 -3.91 6.32
C ASN D 336 -46.08 -4.28 5.28
N ASP D 337 -46.81 -5.35 5.57
CA ASP D 337 -47.87 -5.86 4.71
C ASP D 337 -48.92 -6.39 5.68
N VAL D 338 -49.40 -5.49 6.55
CA VAL D 338 -50.35 -5.83 7.59
C VAL D 338 -51.84 -5.71 7.25
N GLY D 339 -52.16 -5.49 5.98
CA GLY D 339 -53.54 -5.37 5.58
C GLY D 339 -54.23 -4.11 6.08
N GLY D 340 -55.49 -3.94 5.70
CA GLY D 340 -56.25 -2.78 6.11
C GLY D 340 -55.90 -1.51 5.34
N GLY D 341 -55.40 -1.67 4.12
CA GLY D 341 -55.04 -0.52 3.33
C GLY D 341 -53.81 0.21 3.85
N VAL D 342 -53.21 -0.30 4.92
CA VAL D 342 -52.03 0.32 5.49
C VAL D 342 -50.87 0.25 4.50
N GLU D 343 -50.28 1.39 4.19
CA GLU D 343 -49.18 1.45 3.24
C GLU D 343 -47.90 1.93 3.90
N PRO D 344 -46.75 1.39 3.46
CA PRO D 344 -45.44 1.77 4.01
C PRO D 344 -45.15 3.24 3.76
N LEU D 345 -44.38 3.86 4.66
CA LEU D 345 -44.00 5.26 4.49
C LEU D 345 -42.86 5.28 3.49
N ASN D 346 -42.77 6.36 2.73
CA ASN D 346 -41.71 6.49 1.75
C ASN D 346 -40.65 7.43 2.32
N ILE D 347 -39.90 6.92 3.30
CA ILE D 347 -38.88 7.70 3.98
C ILE D 347 -37.46 7.15 3.90
N VAL D 348 -36.50 8.05 3.93
CA VAL D 348 -35.07 7.70 3.91
C VAL D 348 -34.31 8.70 4.75
N MET D 349 -33.06 8.36 5.09
CA MET D 349 -32.19 9.24 5.86
C MET D 349 -30.81 8.99 5.27
N LYS D 350 -30.37 9.91 4.42
CA LYS D 350 -29.11 9.77 3.72
C LYS D 350 -27.97 10.68 4.12
N LEU D 351 -26.75 10.20 3.87
CA LEU D 351 -25.55 10.99 4.15
C LEU D 351 -25.63 12.12 3.15
N TRP D 352 -25.75 13.35 3.63
CA TRP D 352 -25.88 14.51 2.76
C TRP D 352 -24.55 15.21 2.47
N LYS D 353 -23.67 15.20 3.45
CA LYS D 353 -22.36 15.84 3.31
C LYS D 353 -21.39 15.29 4.35
N CYS D 354 -20.10 15.46 4.09
CA CYS D 354 -19.09 14.95 5.00
C CYS D 354 -17.79 15.70 4.84
N LYS D 355 -16.85 15.41 5.73
CA LYS D 355 -15.52 16.00 5.69
C LYS D 355 -14.56 14.99 6.27
N MET D 356 -13.30 15.07 5.87
CA MET D 356 -12.28 14.13 6.34
C MET D 356 -11.88 14.33 7.80
N THR D 357 -11.83 15.60 8.23
CA THR D 357 -11.47 15.93 9.61
C THR D 357 -12.23 17.19 9.98
N ALA D 358 -12.19 17.56 11.25
CA ALA D 358 -12.89 18.76 11.72
C ALA D 358 -12.51 20.02 10.93
N LYS D 359 -11.25 20.13 10.56
CA LYS D 359 -10.76 21.30 9.84
C LYS D 359 -10.99 21.30 8.32
N ASP D 360 -11.41 20.17 7.77
CA ASP D 360 -11.68 20.06 6.34
C ASP D 360 -12.98 20.81 6.02
N ASP D 361 -13.22 21.10 4.74
CA ASP D 361 -14.45 21.77 4.33
C ASP D 361 -15.50 20.69 4.17
N TRP D 362 -16.76 21.09 4.11
CA TRP D 362 -17.83 20.13 3.89
C TRP D 362 -17.88 19.80 2.41
N HIS D 363 -18.18 18.53 2.11
CA HIS D 363 -18.30 18.08 0.73
C HIS D 363 -19.64 17.36 0.60
N TYR D 364 -20.44 17.79 -0.36
CA TYR D 364 -21.75 17.18 -0.59
C TYR D 364 -21.63 15.79 -1.22
N CYS D 365 -22.53 14.90 -0.81
CA CYS D 365 -22.57 13.54 -1.32
C CYS D 365 -23.74 13.41 -2.26
N VAL D 366 -23.58 12.63 -3.34
CA VAL D 366 -24.67 12.44 -4.28
C VAL D 366 -24.78 10.96 -4.62
N LYS D 367 -25.89 10.60 -5.24
CA LYS D 367 -26.14 9.23 -5.67
C LYS D 367 -26.93 9.36 -6.97
N LEU D 368 -26.53 8.59 -7.98
CA LEU D 368 -27.18 8.66 -9.28
C LEU D 368 -28.17 7.52 -9.59
N SER D 369 -27.86 6.29 -9.18
CA SER D 369 -28.73 5.13 -9.44
C SER D 369 -28.81 4.81 -10.93
N ASP D 370 -29.44 3.67 -11.25
CA ASP D 370 -29.58 3.26 -12.63
C ASP D 370 -30.88 3.68 -13.28
N VAL D 371 -31.66 4.51 -12.59
CA VAL D 371 -32.91 4.99 -13.15
C VAL D 371 -32.69 6.41 -13.62
N ASP D 372 -32.82 6.64 -14.92
CA ASP D 372 -32.65 7.96 -15.50
C ASP D 372 -33.49 9.00 -14.77
N GLY D 373 -32.86 10.12 -14.41
CA GLY D 373 -33.57 11.19 -13.72
C GLY D 373 -33.65 11.03 -12.21
N LYS D 374 -33.63 9.79 -11.73
CA LYS D 374 -33.69 9.54 -10.29
C LYS D 374 -32.32 9.75 -9.66
N HIS D 375 -32.11 10.95 -9.12
CA HIS D 375 -30.85 11.30 -8.49
C HIS D 375 -31.13 11.93 -7.14
N THR D 376 -30.18 11.85 -6.22
CA THR D 376 -30.34 12.45 -4.90
C THR D 376 -29.10 13.24 -4.52
N GLY D 377 -29.33 14.35 -3.82
CA GLY D 377 -28.22 15.19 -3.39
C GLY D 377 -28.29 16.59 -3.96
N GLU D 378 -27.40 17.44 -3.47
CA GLU D 378 -27.34 18.84 -3.91
C GLU D 378 -27.24 18.88 -5.44
N PRO D 379 -28.21 19.54 -6.09
CA PRO D 379 -28.28 19.68 -7.55
C PRO D 379 -26.97 20.08 -8.21
N GLU D 380 -26.30 21.08 -7.63
CA GLU D 380 -25.03 21.55 -8.17
C GLU D 380 -24.01 20.42 -8.18
N GLU D 381 -23.98 19.65 -7.10
CA GLU D 381 -23.05 18.54 -6.97
C GLU D 381 -23.38 17.41 -7.94
N ILE D 382 -24.68 17.16 -8.15
CA ILE D 382 -25.11 16.10 -9.05
C ILE D 382 -24.59 16.40 -10.46
N LEU D 383 -24.72 17.65 -10.88
CA LEU D 383 -24.27 18.06 -12.20
C LEU D 383 -22.77 17.83 -12.33
N LEU D 384 -22.03 18.20 -11.28
CA LEU D 384 -20.59 18.04 -11.26
C LEU D 384 -20.22 16.56 -11.41
N ALA D 385 -20.94 15.68 -10.72
CA ALA D 385 -20.65 14.26 -10.80
C ALA D 385 -20.88 13.77 -12.23
N MET D 386 -22.02 14.13 -12.81
CA MET D 386 -22.33 13.70 -14.16
C MET D 386 -21.28 14.21 -15.14
N ASN D 387 -20.94 15.50 -15.05
CA ASN D 387 -19.94 16.05 -15.95
C ASN D 387 -18.58 15.37 -15.74
N THR D 388 -18.24 15.11 -14.49
CA THR D 388 -16.98 14.47 -14.18
C THR D 388 -16.91 13.06 -14.76
N LEU D 389 -18.02 12.34 -14.69
CA LEU D 389 -18.06 10.97 -15.17
C LEU D 389 -18.44 10.88 -16.65
N GLY D 390 -18.65 12.02 -17.28
CA GLY D 390 -19.01 12.01 -18.68
C GLY D 390 -20.41 11.50 -18.95
N ILE D 391 -21.31 11.73 -18.00
CA ILE D 391 -22.69 11.29 -18.15
C ILE D 391 -23.54 12.42 -18.71
#